data_8A5P
#
_entry.id   8A5P
#
_cell.length_a   1.00
_cell.length_b   1.00
_cell.length_c   1.00
_cell.angle_alpha   90.00
_cell.angle_beta   90.00
_cell.angle_gamma   90.00
#
_symmetry.space_group_name_H-M   'P 1'
#
loop_
_entity.id
_entity.type
_entity.pdbx_description
1 polymer 'Ino80 ATPase'
2 polymer 'DNA (36-MER)'
3 polymer 'DNA (36-MER)'
4 polymer 'Actin-related protein 8'
5 polymer Actin
6 polymer 'Actin related protein 4 (Arp4)'
7 polymer Ies4
8 non-polymer "ADENOSINE-5'-TRIPHOSPHATE"
9 non-polymer 'MAGNESIUM ION'
#
loop_
_entity_poly.entity_id
_entity_poly.type
_entity_poly.pdbx_seq_one_letter_code
_entity_poly.pdbx_strand_id
1 'polypeptide(L)'
;MDHFPTVLQRPPHFDEDGSAGTGRMRSNVVGNGSSNGARDDRGLRGGLRDILNPVGSASQTMPSASHGGTHSTPGTPGAP
APPRPHSSFSLRSPTQTGNHHASPYSAPTSSAAATSSQQPAGACSMLNNPFVTASTPFPPPPLQAPPSLASSRTSPSGLQ
HPPRSPLHAPPVYYPSDVRDRDLVRDQQTSLSFYDPTTDSKRDRDRERDRERERTGSDPESGAWSTSTQNSPPKIRDSYN
YSRSPSFNNSGNYPSATGSYPPRSPVVRPHPAPPAGSMSPSAGSRTVTSPSLRHLAMPSTHSSQSASTVLPPLARTETPA
PSARATPASNTPSRASGVMSFSNILSSSEPISKPRPTSPISLDNNPAMVARTEPAERPDKGEKDKKQSRKIIKTRVSDIK
SAESTPKMTRKSAVKPETPTMLRIPTKRTANGSMKHKAFSADKEKTIRDIMDQFDYESIDETEFEDELLAWKERARRRRQ
EMNRRDFIHRQSRRSDFAETEALKLQIHANLGKARYSDLHYDEALQEVREQELWAEKERKKDMQRKRRREKSMAATLEQQ
AAALQKASQAEDEAERLKYIREAERANKKVQQTKYILQKGIKGPARNLPPIEPNLEGGTMATFSAENMEPGKVKGKGRGG
RLKKSKEQKQAEKEQAELAQAAIDAGEEPPSKEETKIRIKLSKAKASAKEEAEKDKENKEPKQPKEPEKPVEEPKDPLEL
KFQSKGYNQIYDQIWRDLARKDVSKVFRLATDSYATKASNLKKTAILASKEAKRWQLRTNKGTKDLQARAKRVMRDMMGF
WKRNEREERDLRKAAERLELENARKEEADREAARQRRKLNFLISQTELYSHFISKKIKTHEVERSTDHPDVATDEKDKIP
EPTLNINVPEPTGPIAPKVTDFNSLDFDNEDESALQAAAMANAQNAIAEAQKKAREFNKDETKLDEDGEMNFQHPELTEF
EVAQPKLLNCQLKEYQLKGLNWLVNLYEQGINGILADEMGLGKTVQSISVMAYLAERYDIWGPFLVVAPASTLHNWQQEV
SKFVPDFKVLPYWGTAADRKVLRKFWDRKHTTYKKDSPFHVMITSYQLVVSDVAYFQKMKWQYMILDEAQAIKSSQSSRW
KCLLGFHCRNRLLLTGTPIQNNMQELWALLHFIMPSLFDSHDEFSEWFSKDIESHAQSNTKLNEDQLKRLHMILKPFMLR
RVKKHVQKELGDKIEIDVFCELSYRQRAMYQSLRNQISIMDLIEKATVGDNEDSATLMNLVMQFRKVCNHPDLFERADTS
SPFFCGHFAETGSFLREGTNVALGYSTRSLVEYRLPRLIWCDGGRLDKPGPGNLVAGFRSKYLNHMMNIWTPENIRSSLE
GIENFTWLRFVDTSLQEAYRASHTDVFARAVDLASKQNRLGHMQIVYDEPEDKKWTPVHALFQICERENPKAVAEITTEG
VLRDLMNIARVKYRELGLCRLEKAARPRASAPPIEVVCDSRSAVIERENIMFHPAMRKALFGPTPSEIKEASFGPRPVTL
YPPRALLPAPDHDKQRFTNITVPSMARFVTDSGKLAKLDELLRELKEGGHRVLLYFQMTRMIDLMEEYLTYRNYKYCRLD
GSTKLEDRRDTVADFQTRPEIFIFLLSTRAGGLGINLTTADTVIFYDSDWNPTIDSQAMDRAHRLGQTKQVTVYRLITRG
TIEERIRKRALQKEEVQRVVITGTGSVDFSGRRPPENRNRDIAMWLADDEQAEMIERREKELIESGEYDKIMQQRRKGGK
RKRGAANGDTVPSLEDMYHEGEGHFDDNKGSGAATPVDADSLGRGGKRKKAGGSKKAKTTKQRLAIADGEIDDGEIDIDY
KDDDDKGTDYKDDDDK
;
G
2 'polydeoxyribonucleotide'
;(DC)(DA)(DT)(DG)(DT)(DA)(DT)(DT)(DG)(DA)(DA)(DC)(DA)(DG)(DC)(DG)(DA)(DC)(DC)(DT)
(DT)(DG)(DC)(DC)(DG)(DG)(DT)(DG)(DC)(DC)(DA)(DG)(DT)(DC)(DG)(DG)
;
K
3 'polydeoxyribonucleotide'
;(DC)(DC)(DG)(DA)(DC)(DT)(DG)(DG)(DC)(DA)(DC)(DC)(DG)(DG)(DC)(DA)(DA)(DG)(DG)(DT)
(DC)(DG)(DC)(DT)(DG)(DT)(DT)(DC)(DA)(DA)(DT)(DA)(DC)(DA)(DT)(DG)
;
L
4 'polypeptide(L)'
;MVGKVSERVLAREGLERTDNGMRQTSWPEVQPINQKNYYTDYMKRDDQILSLRLQNEANRERLVKTAQDRDRALNTNTNG
EVPLPLDELQEDAPPAPSAAMDPSKIIVIHPGSQNLRIGFASDALPKTIPMVLGTQYSQTESEMHEALPRRQFEGRTMEQ
QYGEEWVKKYQKMCSDLKVTMRANKLKVLPNSKDLVVNFNRRTEPEIISQHNDPLQVEWTNVNKAPEDGTTQKVFIGQQA
LRIAEDSSPKYKLWWPIQHGWLNEDDYPTRAHLFDDLEMLLDRALRRELGLTKKADWKQYSCVIVIPDLYDKRYVELLLH
LCIEFFDLSRVAFIQESMAATFGAGYTQACVVDVGAQKTSISCVEDGLVIEDSRVNLKYGGYDVTETFIKMMLYDNFPYQ
DINLRRRHDFLLAEELKMKYCTLSQANISVQAFDFHLRAPNQPTRKYQFKFYDEVILAPMGFYDPSIFDNSTKLRGRRKL
IDRSYNAYDVDMPDDPTSSAQLAILAMVQPSLAAPTATASFNGDPTATPSKERTQPFNFLSRPDATGTPGTSKAPSPAPD
GASTPVPGPYIFGASSREANGGSPAPSGRNGGTPAPANGTTVLPATSFDNPTSQQPQQRSAKEIAAERDAVLPIAPLDVA
ILTSIQHAAKGDEKKVRELVGSIMVVGGGAKIPHFAPFLEEKLKIRRPDLADRILVSRSAREMDEQVVVWKGASVFAKLS
TNDSWVTNYEYKMLGSRCIYMKLLWHY
;
U
5 'polypeptide(L)'
;MEEEVAALVIDNGSGMCKAGFAGDDAPRAVFPSIVGRPRHHGIMIGMGQKDSYVGDEAQSKRGILTLRYPIEHGVVTNWD
DMEKIWHHTFYNELRVAPEEHPVLLTEAPINPKSNREKMTQIVFETFNAPAFYVSIQAVLSLYASGRTTGIVLDSGDGVT
HVVPIYEGFSLPHAIARLDMAGRDLTDYLMKILAERGYTFSTTAEREIVRDIKEKLCYVALDFEQEIQTAAQSSHLEKSY
ELPDGQVITIGNERFRAPEALFQPSVLGLESGGIHVTTFNSIMKCDVDVRKDLYGNIVMSGGTTMYPGLSDRMQKEITAL
APSSMKVKIIAPPERKYSVWIGGSILASLSTFQQMWISKQEYDESGPSIVHRKCF
;
V
6 'polypeptide(L)'
;MSQQPLSSSVQPADIYGGDEVSALVLDPGYCNTRAGFAGEEMPKQVIPSFYGHVDGRDLFGDEVIVPRAGFEVRNYMNRD
SMVEDWDAATRVWEYLLVQRLQPPRPTPASKNGLNVSDDGDVQMEDSAPNEDALDALEKPLTENPLLMTEAPWNTPKARE
KAIEVVMENWGTPAFWLSRTPVLAAFAAGKATALVIDVGGANTSVTAIHDGMVLKRSIQRSPAAGVWLSGQIRSMWKSQD
PPVNVVPTFMVENKKPVEAGAPPDCRLRNFGFPIHDSFRAFEEERVLTEFKESVVEVWRGPGKYLNPGNEDFAKTQPGRV
FEFPDGSNQMWREQRYRVAEGMWDETAAYPSLNPDEAAITKAQTIPALIKAALDGVDVDLRPNLLGNVVVTGSTSLLNGF
NDRLNHELTNMYPGLKIKLHAAGLTSERRFGAWIGGSILASLGTFHQMWISRKEYEENGAGIVEKRCK
;
W
7 'polypeptide(L)'
;MAPSSKNATPSNKDRRKSGIAAAGNGNAAASSKIVTLKVTPERLRAIFDPDILMEDAPASKASPAAANSNTENATESNPN
SPSASTPAGQSVMGPPAEGPKKKGVKRGAAALGPNGEPKPRGKPGPKKKQRLEDGTIVEEPSRKLGPKANQGAINAGLRA
LDRSGKPCRKWTRGTFQMKSFTGVVWEIPRWTAPPRPKPETAAPDDAAATVAVNGNGATPASTAADNNSNKENNNPSIAA
AKVEDASSQTAVKSEMSTGSGDIEMQSVAPSIAPSPAPVPIAVA
;
X
#
# COMPACT_ATOMS: atom_id res chain seq x y z
N LEU A 720 -28.34 -14.73 -55.92
CA LEU A 720 -27.59 -15.82 -56.61
C LEU A 720 -27.21 -16.93 -55.60
N LYS A 721 -26.41 -16.58 -54.57
CA LYS A 721 -25.75 -17.53 -53.67
C LYS A 721 -26.70 -18.22 -52.69
N PHE A 722 -27.53 -17.46 -51.96
CA PHE A 722 -28.06 -17.92 -50.68
C PHE A 722 -29.60 -17.92 -50.57
N GLN A 723 -30.34 -17.73 -51.67
CA GLN A 723 -31.80 -17.73 -51.63
C GLN A 723 -32.37 -19.15 -51.58
N SER A 724 -31.51 -20.18 -51.69
CA SER A 724 -31.93 -21.57 -51.87
C SER A 724 -32.64 -22.10 -50.63
N LYS A 725 -33.69 -22.92 -50.84
CA LYS A 725 -34.35 -23.64 -49.75
C LYS A 725 -33.35 -24.53 -49.01
N GLY A 726 -32.43 -25.17 -49.76
CA GLY A 726 -31.38 -26.00 -49.19
C GLY A 726 -30.45 -25.22 -48.25
N TYR A 727 -30.02 -24.04 -48.69
CA TYR A 727 -29.21 -23.18 -47.86
C TYR A 727 -29.97 -22.88 -46.58
N ASN A 728 -31.23 -22.44 -46.70
CA ASN A 728 -32.04 -22.10 -45.55
C ASN A 728 -32.14 -23.26 -44.56
N GLN A 729 -32.37 -24.48 -45.06
CA GLN A 729 -32.45 -25.67 -44.22
C GLN A 729 -31.14 -25.87 -43.44
N ILE A 730 -29.99 -25.93 -44.12
CA ILE A 730 -28.73 -26.21 -43.44
C ILE A 730 -28.45 -25.09 -42.43
N TYR A 731 -28.61 -23.85 -42.83
CA TYR A 731 -28.36 -22.73 -41.95
C TYR A 731 -29.20 -22.91 -40.69
N ASP A 732 -30.51 -23.15 -40.84
CA ASP A 732 -31.39 -23.33 -39.70
C ASP A 732 -31.01 -24.54 -38.84
N GLN A 733 -30.67 -25.67 -39.49
CA GLN A 733 -30.37 -26.92 -38.81
C GLN A 733 -29.10 -26.80 -37.97
N ILE A 734 -28.05 -26.17 -38.53
CA ILE A 734 -26.84 -25.83 -37.80
C ILE A 734 -27.27 -25.07 -36.56
N TRP A 735 -28.01 -23.98 -36.72
CA TRP A 735 -28.28 -23.09 -35.61
C TRP A 735 -29.16 -23.75 -34.55
N ARG A 736 -30.14 -24.58 -34.97
CA ARG A 736 -31.00 -25.25 -34.00
C ARG A 736 -30.22 -26.26 -33.15
N ASP A 737 -29.41 -27.12 -33.77
CA ASP A 737 -28.56 -28.05 -33.03
C ASP A 737 -27.56 -27.32 -32.14
N LEU A 738 -26.90 -26.30 -32.69
CA LEU A 738 -25.98 -25.44 -31.99
C LEU A 738 -26.66 -24.79 -30.82
N ALA A 739 -27.93 -24.36 -30.94
CA ALA A 739 -28.63 -23.71 -29.83
C ALA A 739 -29.13 -24.71 -28.76
N ARG A 740 -29.79 -25.80 -29.19
CA ARG A 740 -30.39 -26.75 -28.26
C ARG A 740 -29.32 -27.62 -27.59
N LYS A 741 -28.49 -28.35 -28.37
CA LYS A 741 -27.47 -29.25 -27.82
C LYS A 741 -26.23 -28.48 -27.33
N ASP A 742 -25.49 -27.85 -28.22
CA ASP A 742 -24.13 -27.41 -27.96
C ASP A 742 -24.09 -26.18 -27.05
N VAL A 743 -24.93 -25.18 -27.28
CA VAL A 743 -24.99 -24.04 -26.37
C VAL A 743 -25.38 -24.51 -24.97
N SER A 744 -26.35 -25.43 -24.84
CA SER A 744 -26.76 -25.87 -23.51
C SER A 744 -25.67 -26.69 -22.80
N LYS A 745 -25.02 -27.64 -23.49
CA LYS A 745 -23.86 -28.38 -22.95
C LYS A 745 -22.77 -27.42 -22.50
N VAL A 746 -22.40 -26.50 -23.39
CA VAL A 746 -21.31 -25.59 -23.10
C VAL A 746 -21.69 -24.60 -22.01
N PHE A 747 -22.98 -24.21 -21.93
CA PHE A 747 -23.42 -23.38 -20.84
C PHE A 747 -23.17 -24.11 -19.53
N ARG A 748 -23.65 -25.35 -19.41
CA ARG A 748 -23.53 -26.11 -18.17
C ARG A 748 -22.05 -26.26 -17.82
N LEU A 749 -21.25 -26.67 -18.81
CA LEU A 749 -19.83 -26.90 -18.61
C LEU A 749 -19.12 -25.62 -18.21
N ALA A 750 -19.43 -24.50 -18.86
CA ALA A 750 -18.80 -23.24 -18.54
C ALA A 750 -19.21 -22.80 -17.15
N THR A 751 -20.50 -22.93 -16.76
CA THR A 751 -20.91 -22.51 -15.43
C THR A 751 -20.22 -23.34 -14.34
N ASP A 752 -20.15 -24.66 -14.56
CA ASP A 752 -19.51 -25.58 -13.63
C ASP A 752 -18.01 -25.34 -13.56
N SER A 753 -17.40 -25.12 -14.74
CA SER A 753 -15.98 -24.83 -14.85
C SER A 753 -15.63 -23.52 -14.14
N TYR A 754 -16.40 -22.45 -14.40
CA TYR A 754 -16.23 -21.22 -13.66
C TYR A 754 -16.30 -21.48 -12.16
N ALA A 755 -17.35 -22.19 -11.69
CA ALA A 755 -17.52 -22.40 -10.27
C ALA A 755 -16.30 -23.12 -9.67
N THR A 756 -15.80 -24.12 -10.38
CA THR A 756 -14.62 -24.88 -9.98
C THR A 756 -13.33 -24.05 -9.98
N LYS A 757 -13.14 -23.23 -11.03
CA LYS A 757 -12.00 -22.33 -11.15
C LYS A 757 -12.05 -21.36 -9.98
N ALA A 758 -13.22 -20.78 -9.70
CA ALA A 758 -13.33 -19.83 -8.63
C ALA A 758 -13.02 -20.49 -7.30
N SER A 759 -13.54 -21.71 -7.11
CA SER A 759 -13.30 -22.48 -5.90
C SER A 759 -11.80 -22.73 -5.73
N ASN A 760 -11.15 -23.27 -6.78
CA ASN A 760 -9.71 -23.54 -6.77
C ASN A 760 -8.90 -22.31 -6.32
N LEU A 761 -9.20 -21.17 -6.92
CA LEU A 761 -8.48 -19.96 -6.62
C LEU A 761 -8.79 -19.46 -5.21
N LYS A 762 -10.03 -19.60 -4.76
CA LYS A 762 -10.39 -19.23 -3.40
C LYS A 762 -9.59 -20.08 -2.42
N LYS A 763 -9.64 -21.43 -2.57
CA LYS A 763 -8.97 -22.41 -1.73
C LYS A 763 -7.49 -22.07 -1.64
N THR A 764 -6.90 -21.83 -2.82
CA THR A 764 -5.46 -21.58 -2.97
C THR A 764 -5.09 -20.29 -2.29
N ALA A 765 -5.85 -19.24 -2.51
CA ALA A 765 -5.57 -17.95 -1.91
C ALA A 765 -5.68 -18.00 -0.39
N ILE A 766 -6.61 -18.80 0.13
CA ILE A 766 -6.75 -18.97 1.56
C ILE A 766 -5.50 -19.60 2.11
N LEU A 767 -5.01 -20.70 1.50
CA LEU A 767 -3.77 -21.32 1.99
C LEU A 767 -2.57 -20.36 1.86
N ALA A 768 -2.42 -19.74 0.68
CA ALA A 768 -1.29 -18.87 0.41
C ALA A 768 -1.24 -17.72 1.42
N SER A 769 -2.38 -17.11 1.65
CA SER A 769 -2.45 -15.97 2.54
C SER A 769 -2.17 -16.38 3.97
N LYS A 770 -2.61 -17.60 4.39
CA LYS A 770 -2.24 -18.10 5.71
C LYS A 770 -0.72 -18.23 5.84
N GLU A 771 -0.09 -18.86 4.84
CA GLU A 771 1.35 -19.08 4.88
C GLU A 771 2.10 -17.77 4.95
N ALA A 772 1.67 -16.77 4.22
CA ALA A 772 2.37 -15.51 4.19
C ALA A 772 2.46 -14.88 5.59
N LYS A 773 1.47 -15.19 6.44
CA LYS A 773 1.36 -14.58 7.75
C LYS A 773 1.95 -15.49 8.82
N ARG A 774 2.05 -16.79 8.51
CA ARG A 774 2.33 -17.82 9.50
C ARG A 774 3.63 -17.54 10.25
N TRP A 775 4.65 -16.98 9.60
CA TRP A 775 5.93 -16.73 10.30
C TRP A 775 5.80 -15.82 11.50
N GLN A 776 4.73 -15.05 11.58
CA GLN A 776 4.60 -14.04 12.61
C GLN A 776 3.89 -14.55 13.88
N LEU A 777 3.13 -15.66 13.73
CA LEU A 777 2.37 -16.30 14.81
C LEU A 777 3.31 -16.84 15.85
N ARG A 778 3.03 -16.56 17.14
CA ARG A 778 3.85 -17.12 18.19
C ARG A 778 3.60 -18.63 18.31
N THR A 779 4.70 -19.34 18.66
CA THR A 779 4.70 -20.76 18.94
C THR A 779 5.51 -21.03 20.21
N ASN A 780 5.26 -22.20 20.83
CA ASN A 780 5.92 -22.57 22.06
C ASN A 780 7.40 -22.83 21.77
N LYS A 781 7.69 -23.57 20.70
CA LYS A 781 9.05 -23.88 20.30
C LYS A 781 9.84 -22.60 19.94
N GLY A 782 9.22 -21.70 19.15
CA GLY A 782 9.81 -20.42 18.80
C GLY A 782 10.11 -19.58 20.02
N THR A 783 9.16 -19.51 20.96
CA THR A 783 9.34 -18.80 22.21
C THR A 783 10.52 -19.36 23.00
N LYS A 784 10.59 -20.71 23.10
CA LYS A 784 11.59 -21.38 23.90
C LYS A 784 12.99 -21.14 23.33
N ASP A 785 13.16 -21.30 22.01
CA ASP A 785 14.44 -21.03 21.37
C ASP A 785 14.83 -19.55 21.47
N LEU A 786 13.86 -18.65 21.38
CA LEU A 786 14.18 -17.25 21.54
C LEU A 786 14.65 -16.99 22.97
N GLN A 787 14.00 -17.58 23.97
CA GLN A 787 14.44 -17.45 25.36
C GLN A 787 15.87 -17.97 25.53
N ALA A 788 16.18 -19.08 24.85
CA ALA A 788 17.54 -19.62 24.83
C ALA A 788 18.51 -18.64 24.16
N ARG A 789 18.19 -18.04 23.01
CA ARG A 789 19.08 -17.07 22.38
C ARG A 789 19.36 -15.89 23.29
N ALA A 790 18.33 -15.36 23.92
CA ALA A 790 18.56 -14.33 24.92
C ALA A 790 19.49 -14.82 26.03
N LYS A 791 19.26 -16.02 26.59
CA LYS A 791 20.05 -16.53 27.72
C LYS A 791 21.51 -16.82 27.33
N ARG A 792 21.75 -17.32 26.11
CA ARG A 792 23.10 -17.50 25.56
C ARG A 792 23.86 -16.17 25.55
N VAL A 793 23.24 -15.15 24.96
CA VAL A 793 23.85 -13.85 24.89
C VAL A 793 24.08 -13.35 26.30
N MET A 794 23.14 -13.58 27.22
CA MET A 794 23.28 -13.06 28.58
C MET A 794 24.47 -13.67 29.31
N ARG A 795 24.63 -15.00 29.21
CA ARG A 795 25.79 -15.68 29.79
C ARG A 795 27.08 -15.19 29.17
N ASP A 796 27.14 -14.98 27.85
CA ASP A 796 28.31 -14.46 27.17
C ASP A 796 28.64 -13.07 27.70
N MET A 797 27.63 -12.24 27.95
CA MET A 797 27.84 -10.92 28.49
C MET A 797 28.48 -11.04 29.86
N MET A 798 28.03 -11.99 30.70
CA MET A 798 28.70 -12.23 31.98
C MET A 798 30.15 -12.70 31.79
N GLY A 799 30.38 -13.57 30.82
CA GLY A 799 31.72 -14.01 30.46
C GLY A 799 32.61 -12.85 30.07
N PHE A 800 32.09 -11.91 29.27
CA PHE A 800 32.85 -10.74 28.83
C PHE A 800 33.32 -9.95 30.05
N TRP A 801 32.43 -9.71 31.02
CA TRP A 801 32.84 -8.99 32.20
C TRP A 801 33.79 -9.82 33.07
N LYS A 802 33.63 -11.15 33.15
CA LYS A 802 34.59 -12.00 33.83
C LYS A 802 36.00 -11.86 33.22
N ARG A 803 36.10 -11.85 31.88
CA ARG A 803 37.35 -11.59 31.18
C ARG A 803 37.88 -10.14 31.29
N ASN A 804 37.19 -9.23 31.99
CA ASN A 804 37.62 -7.84 32.14
C ASN A 804 37.63 -7.37 33.60
N GLU A 805 37.29 -8.28 34.55
CA GLU A 805 37.31 -7.97 35.97
C GLU A 805 37.98 -9.08 36.80
N ARG A 806 38.01 -10.33 36.30
CA ARG A 806 38.51 -11.49 37.03
C ARG A 806 39.77 -12.07 36.36
N GLU A 807 39.77 -12.25 35.02
CA GLU A 807 40.93 -12.74 34.28
C GLU A 807 42.08 -11.74 34.38
N GLU A 808 41.79 -10.46 34.08
CA GLU A 808 42.57 -9.34 34.60
C GLU A 808 41.62 -8.15 34.80
N ARG A 809 41.90 -7.32 35.83
CA ARG A 809 41.21 -6.07 36.05
C ARG A 809 41.61 -5.08 34.96
N ASP A 810 40.78 -4.96 33.91
CA ASP A 810 41.21 -4.35 32.65
C ASP A 810 40.25 -3.21 32.26
N LEU A 811 39.84 -2.42 33.25
CA LEU A 811 38.94 -1.28 33.07
C LEU A 811 39.68 -0.12 32.41
N ARG A 812 39.04 0.48 31.39
CA ARG A 812 39.53 1.68 30.72
C ARG A 812 39.22 2.93 31.54
N LYS A 813 40.04 3.12 32.60
CA LYS A 813 40.04 4.33 33.40
C LYS A 813 40.50 5.49 32.52
N ALA A 814 39.70 6.56 32.51
CA ALA A 814 39.92 7.71 31.64
C ALA A 814 39.32 8.97 32.27
N ALA A 815 39.84 10.13 31.85
CA ALA A 815 39.39 11.42 32.34
C ALA A 815 39.43 12.46 31.22
N GLU A 816 38.70 13.56 31.41
CA GLU A 816 38.46 14.55 30.37
C GLU A 816 39.65 15.51 30.24
N ARG A 817 40.44 15.67 31.32
CA ARG A 817 41.68 16.47 31.37
C ARG A 817 41.46 17.92 30.90
N LEU A 818 40.34 18.54 31.33
CA LEU A 818 39.98 19.90 30.95
C LEU A 818 40.93 20.93 31.61
N VAL D 5 -35.32 -32.44 -45.39
CA VAL D 5 -35.54 -32.62 -46.87
C VAL D 5 -34.22 -32.44 -47.64
N SER D 6 -34.26 -32.73 -48.96
CA SER D 6 -33.22 -32.44 -49.95
C SER D 6 -32.02 -33.42 -49.90
N GLU D 7 -31.47 -33.70 -48.70
CA GLU D 7 -30.36 -34.63 -48.48
C GLU D 7 -29.17 -34.37 -49.43
N ARG D 8 -28.84 -35.28 -50.36
CA ARG D 8 -27.64 -35.17 -51.19
C ARG D 8 -27.70 -33.97 -52.15
N VAL D 9 -28.88 -33.38 -52.37
CA VAL D 9 -29.01 -32.13 -53.12
C VAL D 9 -28.16 -31.02 -52.47
N LEU D 10 -28.03 -31.03 -51.13
CA LEU D 10 -27.24 -30.06 -50.38
C LEU D 10 -25.76 -30.22 -50.75
N ALA D 11 -25.27 -31.46 -50.72
CA ALA D 11 -23.90 -31.78 -51.10
C ALA D 11 -23.60 -31.38 -52.56
N ARG D 12 -24.53 -31.65 -53.49
CA ARG D 12 -24.39 -31.30 -54.90
C ARG D 12 -24.33 -29.78 -55.09
N GLU D 13 -25.02 -29.01 -54.23
CA GLU D 13 -24.97 -27.56 -54.21
C GLU D 13 -23.70 -27.03 -53.49
N GLY D 14 -22.90 -27.91 -52.91
CA GLY D 14 -21.64 -27.54 -52.25
C GLY D 14 -21.81 -27.12 -50.79
N LEU D 15 -22.96 -27.44 -50.18
CA LEU D 15 -23.28 -27.03 -48.82
C LEU D 15 -23.30 -28.28 -47.94
N GLU D 16 -22.47 -28.25 -46.89
CA GLU D 16 -22.26 -29.43 -46.06
C GLU D 16 -21.81 -29.01 -44.67
N ARG D 17 -22.59 -29.44 -43.66
CA ARG D 17 -22.33 -29.11 -42.26
C ARG D 17 -21.06 -29.83 -41.81
N THR D 18 -20.28 -29.20 -40.90
CA THR D 18 -18.94 -29.70 -40.64
C THR D 18 -18.34 -29.26 -39.31
N ASP D 19 -17.85 -30.26 -38.56
CA ASP D 19 -17.21 -30.08 -37.27
C ASP D 19 -15.79 -29.50 -37.40
N ASN D 20 -15.25 -29.47 -38.62
CA ASN D 20 -13.86 -29.07 -38.89
C ASN D 20 -12.83 -29.87 -38.10
N GLY D 21 -13.13 -31.12 -37.73
CA GLY D 21 -12.19 -31.94 -36.96
C GLY D 21 -11.90 -31.40 -35.55
N MET D 22 -12.65 -30.38 -35.13
CA MET D 22 -12.53 -29.80 -33.80
C MET D 22 -13.22 -30.67 -32.76
N ARG D 23 -12.88 -30.35 -31.50
CA ARG D 23 -13.58 -30.87 -30.35
C ARG D 23 -15.03 -30.41 -30.36
N GLN D 24 -15.88 -31.04 -29.54
CA GLN D 24 -17.25 -30.58 -29.34
C GLN D 24 -17.28 -29.16 -28.73
N THR D 25 -16.28 -28.84 -27.89
CA THR D 25 -16.12 -27.50 -27.33
C THR D 25 -14.66 -27.18 -27.01
N SER D 26 -14.34 -25.87 -26.92
CA SER D 26 -13.00 -25.42 -26.54
C SER D 26 -13.01 -24.71 -25.18
N TRP D 27 -14.15 -24.71 -24.48
CA TRP D 27 -14.18 -24.04 -23.19
C TRP D 27 -13.28 -24.78 -22.21
N PRO D 28 -12.42 -24.12 -21.40
CA PRO D 28 -11.61 -24.80 -20.41
C PRO D 28 -12.42 -25.75 -19.54
N GLU D 29 -11.91 -26.97 -19.43
CA GLU D 29 -12.36 -27.88 -18.39
C GLU D 29 -11.31 -27.88 -17.28
N VAL D 30 -11.73 -27.54 -16.06
CA VAL D 30 -10.83 -27.34 -14.94
C VAL D 30 -11.01 -28.46 -13.91
N GLN D 31 -9.91 -29.12 -13.53
CA GLN D 31 -9.94 -30.11 -12.46
C GLN D 31 -9.86 -29.44 -11.09
N PRO D 32 -10.72 -29.80 -10.12
CA PRO D 32 -10.70 -29.22 -8.78
C PRO D 32 -9.46 -29.62 -8.02
N ILE D 33 -8.87 -28.68 -7.31
CA ILE D 33 -7.81 -29.00 -6.38
C ILE D 33 -8.36 -29.86 -5.23
N ASN D 34 -7.50 -30.75 -4.69
CA ASN D 34 -7.70 -31.48 -3.46
C ASN D 34 -6.68 -30.98 -2.42
N GLN D 35 -7.13 -30.47 -1.27
CA GLN D 35 -6.21 -29.97 -0.25
C GLN D 35 -6.27 -30.76 1.06
N LYS D 36 -6.76 -32.02 1.04
CA LYS D 36 -6.86 -32.78 2.27
C LYS D 36 -5.43 -33.06 2.75
N ASN D 37 -5.19 -32.75 4.05
CA ASN D 37 -3.91 -32.93 4.74
C ASN D 37 -2.79 -32.15 4.04
N TYR D 38 -3.09 -30.93 3.55
CA TYR D 38 -2.12 -30.14 2.81
C TYR D 38 -0.89 -29.85 3.68
N TYR D 39 0.25 -29.61 3.02
CA TYR D 39 1.45 -29.17 3.71
C TYR D 39 2.13 -28.06 2.89
N THR D 40 2.97 -27.34 3.63
CA THR D 40 3.65 -26.18 3.12
C THR D 40 5.12 -26.31 3.47
N ASP D 41 5.95 -25.95 2.48
CA ASP D 41 7.38 -25.92 2.62
C ASP D 41 7.87 -24.49 2.87
N TYR D 42 6.98 -23.51 3.01
CA TYR D 42 7.37 -22.10 3.05
C TYR D 42 7.97 -21.72 4.41
N MET D 43 9.18 -21.17 4.40
CA MET D 43 9.91 -20.74 5.57
C MET D 43 10.02 -21.80 6.67
N LYS D 44 10.13 -23.07 6.26
CA LYS D 44 10.16 -24.17 7.19
C LYS D 44 11.56 -24.44 7.78
N ARG D 45 12.61 -23.99 7.09
CA ARG D 45 13.99 -24.29 7.50
C ARG D 45 14.84 -23.02 7.51
N ASP D 46 15.89 -22.99 8.34
CA ASP D 46 16.78 -21.84 8.39
C ASP D 46 17.41 -21.55 7.02
N ASP D 47 17.56 -22.59 6.21
CA ASP D 47 18.05 -22.52 4.84
C ASP D 47 17.22 -21.56 3.97
N GLN D 48 15.95 -21.35 4.35
CA GLN D 48 15.00 -20.66 3.50
C GLN D 48 14.72 -19.21 3.95
N ILE D 49 14.90 -18.96 5.24
CA ILE D 49 14.72 -17.65 5.81
C ILE D 49 15.99 -16.81 5.61
N LEU D 50 15.93 -15.78 4.76
CA LEU D 50 17.09 -15.01 4.35
C LEU D 50 17.83 -14.51 5.58
N SER D 51 17.11 -13.99 6.57
CA SER D 51 17.79 -13.47 7.75
C SER D 51 18.62 -14.50 8.51
N LEU D 52 18.24 -15.78 8.45
CA LEU D 52 18.98 -16.85 9.11
C LEU D 52 20.02 -17.44 8.16
N ARG D 53 19.69 -17.61 6.87
CA ARG D 53 20.62 -18.12 5.90
C ARG D 53 21.87 -17.25 5.90
N LEU D 54 21.70 -15.93 5.87
CA LEU D 54 22.86 -15.08 5.85
C LEU D 54 23.69 -15.20 7.12
N GLN D 55 23.02 -15.47 8.23
CA GLN D 55 23.74 -15.66 9.49
C GLN D 55 24.50 -16.98 9.51
N ASN D 56 23.94 -18.06 8.96
CA ASN D 56 24.63 -19.32 8.86
C ASN D 56 25.83 -19.14 7.94
N GLU D 57 25.68 -18.45 6.81
CA GLU D 57 26.82 -18.21 5.94
C GLU D 57 27.90 -17.42 6.68
N ALA D 58 27.53 -16.45 7.51
CA ALA D 58 28.50 -15.70 8.31
C ALA D 58 29.16 -16.56 9.39
N ASN D 59 28.41 -17.46 10.03
CA ASN D 59 28.96 -18.40 11.00
C ASN D 59 29.97 -19.36 10.36
N ARG D 60 29.59 -20.01 9.25
CA ARG D 60 30.50 -20.88 8.51
C ARG D 60 31.79 -20.13 8.16
N GLU D 61 31.66 -18.91 7.61
CA GLU D 61 32.83 -18.14 7.22
C GLU D 61 33.70 -17.75 8.42
N ARG D 62 33.10 -17.42 9.56
CA ARG D 62 33.84 -17.15 10.78
C ARG D 62 34.61 -18.39 11.29
N LEU D 63 34.00 -19.57 11.26
CA LEU D 63 34.68 -20.81 11.63
C LEU D 63 35.87 -21.07 10.71
N VAL D 64 35.69 -20.90 9.39
CA VAL D 64 36.76 -21.05 8.41
C VAL D 64 37.90 -20.06 8.70
N LYS D 65 37.59 -18.77 8.96
CA LYS D 65 38.59 -17.78 9.31
C LYS D 65 39.29 -18.07 10.66
N THR D 66 38.61 -18.80 11.57
CA THR D 66 39.18 -19.20 12.86
C THR D 66 40.18 -20.35 12.69
N ALA D 67 39.83 -21.34 11.84
CA ALA D 67 40.70 -22.46 11.54
C ALA D 67 41.92 -22.04 10.70
N GLN D 68 41.69 -21.13 9.73
CA GLN D 68 42.72 -20.59 8.86
C GLN D 68 43.64 -21.70 8.36
N MET D 101 33.95 -9.01 16.12
CA MET D 101 34.49 -8.17 15.02
C MET D 101 34.93 -6.80 15.58
N ASP D 102 35.75 -6.08 14.77
CA ASP D 102 36.48 -4.88 15.16
C ASP D 102 35.64 -3.84 15.89
N PRO D 103 35.82 -3.62 17.21
CA PRO D 103 35.09 -2.59 17.92
C PRO D 103 35.35 -1.17 17.46
N SER D 104 36.48 -0.91 16.80
CA SER D 104 36.76 0.42 16.26
C SER D 104 35.92 0.72 15.00
N LYS D 105 35.27 -0.29 14.39
CA LYS D 105 34.42 -0.08 13.24
C LYS D 105 32.94 -0.37 13.55
N ILE D 106 32.58 -0.34 14.86
CA ILE D 106 31.20 -0.33 15.31
C ILE D 106 30.86 1.00 15.99
N ILE D 107 29.80 1.68 15.54
CA ILE D 107 29.30 2.92 16.12
C ILE D 107 28.17 2.55 17.07
N VAL D 108 28.06 3.21 18.23
CA VAL D 108 26.96 2.95 19.15
C VAL D 108 26.19 4.25 19.39
N ILE D 109 24.90 4.25 19.07
CA ILE D 109 24.05 5.44 19.13
C ILE D 109 22.97 5.23 20.19
N HIS D 110 22.78 6.22 21.07
CA HIS D 110 21.71 6.18 22.03
C HIS D 110 21.02 7.54 22.07
N PRO D 111 19.89 7.70 21.32
CA PRO D 111 19.16 8.96 21.24
C PRO D 111 18.42 9.37 22.51
N GLY D 112 18.06 10.65 22.57
CA GLY D 112 17.41 11.22 23.73
C GLY D 112 16.95 12.66 23.50
N SER D 113 15.93 13.02 24.27
CA SER D 113 15.22 14.25 24.08
C SER D 113 16.08 15.47 24.41
N GLN D 114 17.02 15.37 25.34
CA GLN D 114 17.96 16.47 25.50
C GLN D 114 19.28 16.04 24.91
N ASN D 115 19.70 14.79 25.14
CA ASN D 115 21.07 14.40 24.79
C ASN D 115 21.14 13.16 23.91
N LEU D 116 22.02 13.21 22.91
CA LEU D 116 22.42 12.06 22.12
C LEU D 116 23.80 11.59 22.59
N ARG D 117 23.94 10.30 22.90
CA ARG D 117 25.24 9.69 23.12
C ARG D 117 25.65 8.99 21.84
N ILE D 118 26.91 9.19 21.43
CA ILE D 118 27.45 8.52 20.26
C ILE D 118 28.94 8.28 20.42
N GLY D 119 29.45 7.21 19.80
CA GLY D 119 30.85 6.85 19.94
C GLY D 119 31.13 5.55 19.20
N PHE D 120 32.41 5.12 19.16
CA PHE D 120 32.69 3.78 18.66
C PHE D 120 32.69 2.77 19.80
N ALA D 121 32.35 1.52 19.51
CA ALA D 121 32.34 0.45 20.50
C ALA D 121 33.72 0.25 21.16
N SER D 122 34.81 0.68 20.50
CA SER D 122 36.13 0.72 21.10
C SER D 122 36.25 1.62 22.32
N ASP D 123 35.40 2.65 22.39
CA ASP D 123 35.68 3.83 23.20
C ASP D 123 35.29 3.63 24.66
N ALA D 124 36.06 4.27 25.55
CA ALA D 124 35.89 4.13 26.99
C ALA D 124 34.60 4.80 27.43
N LEU D 125 34.34 6.00 26.85
CA LEU D 125 33.14 6.78 27.12
C LEU D 125 32.61 7.35 25.80
N PRO D 126 31.28 7.46 25.64
CA PRO D 126 30.71 8.09 24.46
C PRO D 126 30.81 9.62 24.54
N LYS D 127 30.88 10.24 23.34
CA LYS D 127 30.73 11.67 23.19
C LYS D 127 29.26 12.02 23.32
N THR D 128 28.94 13.02 24.15
CA THR D 128 27.57 13.42 24.40
C THR D 128 27.33 14.80 23.79
N ILE D 129 26.27 14.93 22.98
CA ILE D 129 25.85 16.21 22.42
C ILE D 129 24.36 16.45 22.66
N PRO D 130 23.92 17.69 22.95
CA PRO D 130 22.49 18.00 22.92
C PRO D 130 21.80 17.70 21.60
N MET D 131 20.73 16.90 21.60
CA MET D 131 20.21 16.34 20.37
C MET D 131 19.29 17.36 19.74
N VAL D 132 19.88 18.51 19.39
CA VAL D 132 19.15 19.66 18.85
C VAL D 132 19.78 20.06 17.53
N LEU D 133 18.95 20.43 16.56
CA LEU D 133 19.41 20.81 15.24
C LEU D 133 18.93 22.25 14.96
N GLY D 134 19.85 23.14 14.63
CA GLY D 134 19.54 24.51 14.29
C GLY D 134 19.65 24.79 12.79
N THR D 135 18.65 25.48 12.23
CA THR D 135 18.58 25.85 10.81
C THR D 135 18.13 27.31 10.66
N GLN D 136 18.38 27.91 9.51
CA GLN D 136 17.83 29.23 9.23
C GLN D 136 16.32 29.10 9.02
N TYR D 137 15.58 30.07 9.58
CA TYR D 137 14.13 30.08 9.50
C TYR D 137 13.62 31.49 9.79
N SER D 138 12.33 31.75 9.50
CA SER D 138 11.76 33.08 9.64
C SER D 138 11.66 33.54 11.11
N GLN D 139 11.29 32.63 12.03
CA GLN D 139 11.01 32.97 13.41
C GLN D 139 11.75 32.03 14.35
N THR D 140 12.32 32.58 15.44
CA THR D 140 12.98 31.75 16.44
C THR D 140 11.95 31.06 17.35
N GLU D 141 12.38 29.98 18.00
CA GLU D 141 11.45 29.11 18.70
C GLU D 141 10.78 29.85 19.89
N SER D 142 11.37 30.96 20.33
CA SER D 142 10.81 31.78 21.40
C SER D 142 9.67 32.68 20.92
N GLU D 143 9.65 33.00 19.63
CA GLU D 143 8.67 33.91 19.05
C GLU D 143 7.36 33.19 18.71
N MET D 144 7.37 31.86 18.58
CA MET D 144 6.26 31.10 18.01
C MET D 144 5.25 30.67 19.07
N HIS D 145 5.64 30.67 20.36
CA HIS D 145 4.84 30.05 21.41
C HIS D 145 4.88 30.87 22.70
N GLU D 146 3.89 30.62 23.56
CA GLU D 146 3.84 31.20 24.90
C GLU D 146 5.07 30.76 25.68
N ALA D 147 5.50 31.64 26.59
CA ALA D 147 6.67 31.44 27.44
C ALA D 147 6.46 30.32 28.44
N LEU D 148 7.58 29.70 28.86
CA LEU D 148 7.58 28.60 29.82
C LEU D 148 8.42 29.02 31.02
N PRO D 149 8.07 28.63 32.26
CA PRO D 149 6.84 27.91 32.57
C PRO D 149 5.64 28.80 32.31
N ARG D 150 4.47 28.21 32.01
CA ARG D 150 3.30 28.95 31.55
C ARG D 150 2.70 29.79 32.67
N ARG D 151 2.31 31.04 32.32
CA ARG D 151 1.72 31.99 33.25
C ARG D 151 0.66 32.85 32.54
N GLN D 152 -0.39 33.22 33.28
CA GLN D 152 -1.40 34.16 32.79
C GLN D 152 -0.98 35.58 33.16
N PHE D 153 -0.13 36.19 32.31
CA PHE D 153 0.41 37.53 32.55
C PHE D 153 -0.72 38.56 32.62
N GLU D 154 -0.52 39.55 33.52
CA GLU D 154 -1.48 40.61 33.82
C GLU D 154 -2.80 40.05 34.36
N GLY D 155 -2.77 38.81 34.91
CA GLY D 155 -3.92 38.22 35.58
C GLY D 155 -4.35 38.99 36.82
N ARG D 156 -5.63 38.79 37.21
CA ARG D 156 -6.33 39.65 38.16
C ARG D 156 -5.78 39.49 39.59
N THR D 157 -5.11 38.37 39.87
CA THR D 157 -4.44 38.09 41.14
C THR D 157 -3.29 37.12 40.89
N MET D 158 -2.26 37.10 41.76
CA MET D 158 -1.10 36.24 41.57
C MET D 158 -1.48 34.75 41.63
N GLU D 159 -2.51 34.40 42.42
CA GLU D 159 -3.07 33.05 42.45
C GLU D 159 -3.64 32.64 41.09
N GLN D 160 -4.19 33.57 40.31
CA GLN D 160 -4.62 33.29 38.94
C GLN D 160 -3.40 33.29 38.01
N GLN D 161 -2.43 34.17 38.24
CA GLN D 161 -1.27 34.32 37.35
C GLN D 161 -0.52 32.99 37.16
N TYR D 162 -0.43 32.19 38.23
CA TYR D 162 0.22 30.89 38.21
C TYR D 162 -0.79 29.73 38.21
N GLY D 163 -2.10 30.01 38.22
CA GLY D 163 -3.17 29.01 38.25
C GLY D 163 -3.52 28.54 39.68
N GLU D 164 -4.81 28.60 40.03
CA GLU D 164 -5.23 28.43 41.42
C GLU D 164 -4.91 27.02 41.95
N GLU D 165 -5.24 25.98 41.17
CA GLU D 165 -4.99 24.59 41.54
C GLU D 165 -3.53 24.36 41.90
N TRP D 166 -2.65 24.88 41.01
CA TRP D 166 -1.22 24.72 41.13
C TRP D 166 -0.72 25.40 42.40
N VAL D 167 -1.24 26.60 42.69
CA VAL D 167 -0.85 27.34 43.89
C VAL D 167 -1.29 26.63 45.17
N LYS D 168 -2.50 26.07 45.20
CA LYS D 168 -2.93 25.25 46.32
C LYS D 168 -2.03 24.03 46.50
N LYS D 169 -1.61 23.37 45.40
CA LYS D 169 -0.76 22.19 45.48
C LYS D 169 0.62 22.55 46.00
N TYR D 170 1.21 23.66 45.53
CA TYR D 170 2.49 24.13 46.06
C TYR D 170 2.40 24.41 47.57
N GLN D 171 1.32 25.08 48.02
CA GLN D 171 1.08 25.35 49.44
C GLN D 171 0.95 24.06 50.26
N LYS D 172 0.17 23.07 49.77
CA LYS D 172 0.11 21.74 50.37
C LYS D 172 1.53 21.22 50.56
N MET D 173 2.28 21.10 49.47
CA MET D 173 3.58 20.47 49.48
C MET D 173 4.55 21.20 50.42
N CYS D 174 4.50 22.53 50.52
CA CYS D 174 5.30 23.27 51.51
C CYS D 174 4.97 22.83 52.95
N SER D 175 3.69 22.76 53.29
CA SER D 175 3.24 22.35 54.61
C SER D 175 3.62 20.89 54.89
N ASP D 176 3.47 20.03 53.88
CA ASP D 176 3.82 18.61 53.97
C ASP D 176 5.31 18.43 54.29
N LEU D 177 6.17 19.20 53.62
CA LEU D 177 7.59 19.16 53.92
C LEU D 177 7.84 19.65 55.34
N LYS D 178 7.24 20.78 55.78
CA LYS D 178 7.46 21.28 57.13
C LYS D 178 7.10 20.23 58.20
N VAL D 179 5.94 19.58 58.07
CA VAL D 179 5.55 18.49 58.96
C VAL D 179 6.57 17.34 58.91
N THR D 180 7.00 16.95 57.71
CA THR D 180 7.95 15.85 57.52
C THR D 180 9.32 16.17 58.15
N MET D 181 9.86 17.36 57.91
CA MET D 181 11.17 17.71 58.45
C MET D 181 11.11 17.99 59.96
N ARG D 182 9.96 18.43 60.50
CA ARG D 182 9.75 18.45 61.96
C ARG D 182 9.70 17.05 62.55
N ALA D 183 9.06 16.08 61.86
CA ALA D 183 9.07 14.69 62.28
C ALA D 183 10.50 14.11 62.27
N ASN D 184 11.35 14.56 61.34
CA ASN D 184 12.77 14.23 61.31
C ASN D 184 13.64 15.12 62.23
N LYS D 185 13.03 16.12 62.89
CA LYS D 185 13.65 17.02 63.87
C LYS D 185 14.81 17.84 63.27
N LEU D 186 14.58 18.40 62.07
CA LEU D 186 15.44 19.44 61.52
C LEU D 186 15.09 20.82 62.09
N LYS D 187 16.01 21.79 61.92
CA LYS D 187 15.77 23.20 62.22
C LYS D 187 14.81 23.81 61.20
N VAL D 188 13.83 24.61 61.68
CA VAL D 188 12.95 25.40 60.82
C VAL D 188 12.70 26.78 61.45
N LEU D 189 13.29 27.83 60.87
CA LEU D 189 12.99 29.21 61.27
C LEU D 189 11.62 29.61 60.71
N PRO D 190 10.63 30.06 61.54
CA PRO D 190 9.28 30.33 61.04
C PRO D 190 9.14 31.33 59.89
N ASN D 191 10.10 32.25 59.74
CA ASN D 191 10.08 33.31 58.75
C ASN D 191 10.75 32.91 57.42
N SER D 192 11.14 31.63 57.24
CA SER D 192 12.05 31.21 56.17
C SER D 192 11.67 31.74 54.79
N LYS D 193 10.42 31.47 54.35
CA LYS D 193 9.93 31.85 53.04
C LYS D 193 9.92 33.39 52.88
N ASP D 194 9.55 34.13 53.93
CA ASP D 194 9.48 35.58 53.89
C ASP D 194 10.86 36.20 53.65
N LEU D 195 11.90 35.67 54.31
CA LEU D 195 13.28 36.15 54.13
C LEU D 195 13.71 36.02 52.67
N VAL D 196 13.29 34.93 52.00
CA VAL D 196 13.56 34.71 50.58
C VAL D 196 12.74 35.71 49.75
N VAL D 197 11.41 35.73 49.93
CA VAL D 197 10.50 36.46 49.06
C VAL D 197 10.82 37.96 49.06
N ASN D 198 10.99 38.56 50.24
CA ASN D 198 11.24 40.00 50.35
C ASN D 198 12.59 40.35 49.70
N PHE D 199 13.62 39.52 49.91
CA PHE D 199 14.94 39.75 49.34
C PHE D 199 14.90 39.67 47.81
N ASN D 200 14.25 38.63 47.25
CA ASN D 200 14.14 38.43 45.80
C ASN D 200 13.30 39.53 45.13
N ARG D 201 12.30 40.07 45.85
CA ARG D 201 11.47 41.18 45.38
C ARG D 201 12.26 42.50 45.31
N ARG D 202 13.07 42.80 46.33
CA ARG D 202 13.72 44.10 46.49
C ARG D 202 15.06 44.20 45.75
N THR D 203 15.76 43.07 45.58
CA THR D 203 17.04 43.02 44.88
C THR D 203 16.87 43.35 43.40
N GLU D 204 17.93 43.92 42.79
CA GLU D 204 17.93 44.31 41.38
C GLU D 204 19.26 43.93 40.73
N PRO D 205 19.31 43.68 39.39
CA PRO D 205 20.55 43.23 38.74
C PRO D 205 21.68 44.24 38.83
N GLU D 206 22.88 43.72 39.15
CA GLU D 206 24.13 44.42 38.91
C GLU D 206 24.50 44.22 37.44
N ILE D 207 25.28 45.16 36.87
CA ILE D 207 25.71 45.08 35.48
C ILE D 207 27.23 45.10 35.40
N ILE D 208 27.80 44.18 34.59
CA ILE D 208 29.23 43.98 34.46
C ILE D 208 29.62 43.77 32.98
N SER D 209 30.88 44.10 32.63
CA SER D 209 31.42 43.97 31.27
C SER D 209 32.96 43.94 31.29
N GLN D 210 33.58 43.53 30.17
CA GLN D 210 35.03 43.38 30.04
C GLN D 210 35.57 42.41 31.10
N HIS D 211 36.77 42.69 31.67
CA HIS D 211 37.40 41.80 32.64
C HIS D 211 36.65 41.69 33.97
N ASN D 212 35.58 42.49 34.15
CA ASN D 212 34.68 42.35 35.29
C ASN D 212 33.73 41.15 35.12
N ASP D 213 33.50 40.68 33.88
CA ASP D 213 32.73 39.47 33.61
C ASP D 213 33.63 38.23 33.77
N PRO D 214 33.31 37.26 34.66
CA PRO D 214 34.14 36.05 34.81
C PRO D 214 34.37 35.20 33.57
N LEU D 215 33.49 35.27 32.54
CA LEU D 215 33.69 34.52 31.30
C LEU D 215 33.51 35.40 30.06
N GLN D 216 34.52 35.42 29.18
CA GLN D 216 34.44 36.12 27.89
C GLN D 216 33.79 35.22 26.83
N VAL D 217 32.53 34.81 27.10
CA VAL D 217 31.89 33.66 26.45
C VAL D 217 31.49 33.97 25.00
N GLU D 218 31.50 32.91 24.16
CA GLU D 218 31.24 33.02 22.72
C GLU D 218 29.82 32.62 22.35
N TRP D 219 29.49 32.99 21.10
CA TRP D 219 28.27 32.62 20.39
C TRP D 219 28.63 32.04 19.03
N THR D 220 27.79 31.15 18.52
CA THR D 220 28.11 30.41 17.32
C THR D 220 28.09 31.30 16.08
N ASN D 221 29.24 31.38 15.36
CA ASN D 221 29.40 32.24 14.19
C ASN D 221 28.76 31.61 12.95
N VAL D 222 27.43 31.73 12.81
CA VAL D 222 26.67 30.98 11.81
C VAL D 222 27.03 31.35 10.37
N ASN D 223 27.82 32.42 10.19
CA ASN D 223 28.24 32.90 8.87
C ASN D 223 29.32 32.01 8.27
N LYS D 224 30.18 31.45 9.14
CA LYS D 224 31.37 30.69 8.78
C LYS D 224 31.00 29.32 8.21
N ALA D 225 31.67 28.91 7.12
CA ALA D 225 31.33 27.70 6.39
C ALA D 225 31.60 26.46 7.23
N PRO D 226 30.93 25.31 6.96
CA PRO D 226 31.26 24.05 7.61
C PRO D 226 32.53 23.45 6.98
N GLU D 227 33.55 23.22 7.80
CA GLU D 227 34.76 22.54 7.31
C GLU D 227 34.60 21.02 7.33
N ASP D 228 33.53 20.52 8.00
CA ASP D 228 33.28 19.08 8.15
C ASP D 228 32.55 18.51 6.94
N GLY D 229 33.11 18.73 5.74
CA GLY D 229 32.80 17.92 4.57
C GLY D 229 31.42 18.17 3.96
N THR D 230 30.79 19.33 4.25
CA THR D 230 29.41 19.57 3.80
C THR D 230 29.13 21.07 3.57
N THR D 231 28.09 21.35 2.76
CA THR D 231 27.81 22.69 2.25
C THR D 231 26.91 23.49 3.20
N GLN D 232 25.83 22.85 3.69
CA GLN D 232 24.72 23.50 4.37
C GLN D 232 25.13 24.04 5.74
N LYS D 233 24.77 25.31 6.03
CA LYS D 233 25.18 25.97 7.26
C LYS D 233 24.20 25.66 8.39
N VAL D 234 24.27 24.43 8.91
CA VAL D 234 23.37 23.94 9.96
C VAL D 234 24.20 23.51 11.16
N PHE D 235 23.62 23.59 12.35
CA PHE D 235 24.39 23.42 13.59
C PHE D 235 23.69 22.44 14.51
N ILE D 236 24.48 21.65 15.26
CA ILE D 236 23.91 20.64 16.15
C ILE D 236 24.57 20.77 17.50
N GLY D 237 23.95 20.19 18.53
CA GLY D 237 24.68 20.03 19.77
C GLY D 237 24.88 21.35 20.48
N GLN D 238 25.96 21.43 21.28
CA GLN D 238 26.15 22.56 22.16
C GLN D 238 26.23 23.85 21.32
N GLN D 239 26.89 23.79 20.16
CA GLN D 239 27.00 24.94 19.29
C GLN D 239 25.63 25.47 18.85
N ALA D 240 24.66 24.61 18.55
CA ALA D 240 23.33 25.08 18.18
C ALA D 240 22.63 25.83 19.33
N LEU D 241 22.73 25.34 20.57
CA LEU D 241 22.22 26.07 21.70
C LEU D 241 22.90 27.43 21.85
N ARG D 242 24.20 27.50 21.50
CA ARG D 242 24.95 28.73 21.63
C ARG D 242 24.78 29.63 20.40
N ILE D 243 23.78 29.42 19.54
CA ILE D 243 23.42 30.43 18.55
C ILE D 243 22.70 31.60 19.22
N ALA D 244 23.27 32.80 19.06
CA ALA D 244 22.72 34.02 19.61
C ALA D 244 21.28 34.22 19.18
N GLU D 245 20.48 34.94 19.98
CA GLU D 245 19.06 35.10 19.69
C GLU D 245 18.84 35.96 18.44
N ASP D 246 19.66 37.02 18.31
CA ASP D 246 19.58 37.94 17.19
C ASP D 246 20.73 37.75 16.20
N SER D 247 21.02 36.48 15.84
CA SER D 247 21.92 36.13 14.76
C SER D 247 21.46 36.77 13.45
N SER D 248 22.43 37.18 12.61
CA SER D 248 22.16 38.03 11.45
C SER D 248 21.11 37.38 10.54
N PRO D 249 21.33 36.16 10.00
CA PRO D 249 20.21 35.32 9.58
C PRO D 249 19.68 34.67 10.87
N LYS D 250 18.37 34.64 11.02
CA LYS D 250 17.77 34.06 12.22
C LYS D 250 17.77 32.54 12.09
N TYR D 251 18.20 31.89 13.20
CA TYR D 251 18.19 30.44 13.32
C TYR D 251 17.08 29.99 14.27
N LYS D 252 16.34 28.95 13.89
CA LYS D 252 15.41 28.28 14.79
C LYS D 252 15.97 26.92 15.19
N LEU D 253 15.90 26.57 16.47
CA LEU D 253 16.27 25.24 16.88
C LEU D 253 15.07 24.30 16.85
N TRP D 254 15.37 23.05 16.50
CA TRP D 254 14.40 21.99 16.52
C TRP D 254 14.95 20.79 17.29
N TRP D 255 14.09 20.15 18.08
CA TRP D 255 14.40 18.90 18.72
C TRP D 255 13.59 17.78 18.08
N PRO D 256 14.21 16.74 17.50
CA PRO D 256 13.43 15.67 16.88
C PRO D 256 12.84 14.66 17.88
N ILE D 257 13.28 14.69 19.16
CA ILE D 257 12.73 13.79 20.19
C ILE D 257 12.35 14.62 21.40
N GLN D 258 11.14 14.42 21.95
CA GLN D 258 10.71 15.00 23.21
C GLN D 258 9.85 13.98 23.98
N HIS D 259 9.87 14.03 25.32
CA HIS D 259 9.14 13.11 26.20
C HIS D 259 9.45 11.64 25.94
N GLY D 260 10.60 11.38 25.28
CA GLY D 260 11.05 10.06 24.84
C GLY D 260 10.33 9.50 23.59
N TRP D 261 9.59 10.33 22.86
CA TRP D 261 9.05 9.95 21.57
C TRP D 261 9.27 11.02 20.47
N LEU D 262 9.01 10.65 19.20
CA LEU D 262 9.29 11.55 18.10
C LEU D 262 8.48 12.82 18.28
N ASN D 263 9.09 13.97 18.01
CA ASN D 263 8.50 15.24 18.44
C ASN D 263 7.59 15.80 17.35
N GLU D 264 6.52 15.07 17.04
CA GLU D 264 5.52 15.45 16.06
C GLU D 264 4.75 16.74 16.38
N ASP D 265 4.80 17.25 17.63
CA ASP D 265 4.15 18.51 17.98
C ASP D 265 4.66 19.66 17.10
N ASP D 266 5.99 19.77 16.97
CA ASP D 266 6.62 20.92 16.36
C ASP D 266 6.63 20.88 14.84
N TYR D 267 6.80 19.70 14.29
CA TYR D 267 7.09 19.53 12.88
C TYR D 267 5.86 19.65 11.98
N PRO D 268 5.91 20.40 10.87
CA PRO D 268 4.77 20.53 9.98
C PRO D 268 4.29 19.23 9.37
N THR D 269 5.26 18.38 8.98
CA THR D 269 4.99 17.20 8.18
C THR D 269 5.96 16.10 8.57
N ARG D 270 5.55 14.86 8.24
CA ARG D 270 6.34 13.67 8.54
C ARG D 270 7.72 13.79 7.93
N ALA D 271 7.77 14.15 6.64
CA ALA D 271 9.02 14.19 5.90
C ALA D 271 9.99 15.15 6.55
N HIS D 272 9.50 16.28 7.05
CA HIS D 272 10.38 17.27 7.62
C HIS D 272 11.00 16.72 8.92
N LEU D 273 10.23 15.97 9.71
CA LEU D 273 10.74 15.33 10.92
C LEU D 273 11.80 14.28 10.62
N PHE D 274 11.50 13.35 9.71
CA PHE D 274 12.44 12.32 9.32
C PHE D 274 13.74 12.97 8.79
N ASP D 275 13.60 14.00 7.97
CA ASP D 275 14.73 14.68 7.37
C ASP D 275 15.61 15.32 8.42
N ASP D 276 15.04 15.73 9.57
CA ASP D 276 15.83 16.36 10.61
C ASP D 276 16.52 15.34 11.51
N LEU D 277 15.88 14.25 11.84
CA LEU D 277 16.58 13.23 12.59
C LEU D 277 17.73 12.69 11.74
N GLU D 278 17.52 12.54 10.43
CA GLU D 278 18.57 12.15 9.49
C GLU D 278 19.68 13.19 9.47
N MET D 279 19.35 14.47 9.36
CA MET D 279 20.34 15.54 9.28
C MET D 279 21.13 15.66 10.58
N LEU D 280 20.49 15.41 11.73
CA LEU D 280 21.20 15.51 13.00
C LEU D 280 22.20 14.38 13.15
N LEU D 281 21.76 13.14 12.97
CA LEU D 281 22.66 12.00 13.12
C LEU D 281 23.77 12.11 12.09
N ASP D 282 23.45 12.52 10.84
CA ASP D 282 24.46 12.72 9.79
C ASP D 282 25.55 13.66 10.28
N ARG D 283 25.16 14.82 10.78
CA ARG D 283 26.14 15.76 11.32
C ARG D 283 26.82 15.20 12.58
N ALA D 284 26.21 14.34 13.39
CA ALA D 284 26.87 13.77 14.56
C ALA D 284 27.97 12.80 14.14
N LEU D 285 27.73 11.98 13.11
CA LEU D 285 28.78 11.12 12.58
C LEU D 285 29.92 12.01 12.08
N ARG D 286 29.61 13.09 11.34
CA ARG D 286 30.63 13.91 10.75
C ARG D 286 31.38 14.72 11.78
N ARG D 287 30.70 15.27 12.79
CA ARG D 287 31.31 16.30 13.64
C ARG D 287 31.76 15.81 15.00
N GLU D 288 31.23 14.69 15.52
CA GLU D 288 31.75 14.08 16.74
C GLU D 288 32.69 12.91 16.45
N LEU D 289 32.31 12.00 15.56
CA LEU D 289 33.14 10.83 15.28
C LEU D 289 34.24 11.13 14.26
N GLY D 290 34.10 12.21 13.50
CA GLY D 290 35.10 12.61 12.52
C GLY D 290 35.13 11.70 11.30
N LEU D 291 34.01 11.00 11.05
CA LEU D 291 33.88 10.20 9.84
C LEU D 291 33.48 11.11 8.68
N THR D 292 34.31 12.13 8.39
CA THR D 292 33.98 13.21 7.48
C THR D 292 33.75 12.71 6.04
N LYS D 293 34.53 11.74 5.54
CA LYS D 293 34.29 11.24 4.18
C LYS D 293 33.16 10.22 4.18
N LYS D 294 31.99 10.63 3.64
CA LYS D 294 30.82 9.79 3.70
C LYS D 294 31.06 8.46 3.00
N ALA D 295 31.86 8.41 1.93
CA ALA D 295 31.96 7.19 1.15
C ALA D 295 32.51 6.03 1.98
N ASP D 296 33.21 6.32 3.08
CA ASP D 296 33.84 5.31 3.92
C ASP D 296 32.82 4.62 4.83
N TRP D 297 31.64 5.22 5.07
CA TRP D 297 30.68 4.70 6.03
C TRP D 297 30.15 3.30 5.71
N LYS D 298 30.10 2.88 4.46
CA LYS D 298 29.58 1.55 4.13
C LYS D 298 30.33 0.39 4.81
N GLN D 299 31.53 0.61 5.35
CA GLN D 299 32.28 -0.46 6.01
C GLN D 299 31.99 -0.52 7.51
N TYR D 300 31.28 0.47 8.08
CA TYR D 300 30.97 0.52 9.51
C TYR D 300 29.70 -0.27 9.87
N SER D 301 29.60 -0.67 11.15
CA SER D 301 28.41 -1.32 11.73
C SER D 301 27.88 -0.52 12.92
N CYS D 302 26.60 -0.67 13.26
CA CYS D 302 25.92 0.28 14.13
C CYS D 302 25.01 -0.40 15.17
N VAL D 303 25.13 0.01 16.45
CA VAL D 303 24.27 -0.46 17.52
C VAL D 303 23.45 0.72 18.01
N ILE D 304 22.11 0.57 17.98
CA ILE D 304 21.18 1.64 18.33
C ILE D 304 20.36 1.22 19.55
N VAL D 305 20.32 2.04 20.58
CA VAL D 305 19.63 1.66 21.80
C VAL D 305 18.25 2.30 21.80
N ILE D 306 17.20 1.50 22.01
CA ILE D 306 15.83 2.00 21.93
C ILE D 306 15.08 1.80 23.27
N PRO D 307 14.02 2.57 23.59
CA PRO D 307 13.43 2.46 24.91
C PRO D 307 12.75 1.11 25.11
N ASP D 308 12.51 0.70 26.35
CA ASP D 308 11.92 -0.61 26.63
C ASP D 308 10.51 -0.75 26.04
N LEU D 309 9.76 0.37 26.07
CA LEU D 309 8.41 0.45 25.55
C LEU D 309 8.40 1.31 24.27
N TYR D 310 9.02 0.76 23.21
CA TYR D 310 9.29 1.53 22.00
C TYR D 310 8.04 1.70 21.11
N ASP D 311 7.93 2.82 20.37
CA ASP D 311 7.04 2.89 19.21
C ASP D 311 7.70 2.13 18.07
N LYS D 312 6.99 1.23 17.40
CA LYS D 312 7.64 0.54 16.29
C LYS D 312 8.07 1.50 15.18
N ARG D 313 7.31 2.59 14.94
CA ARG D 313 7.65 3.53 13.87
C ARG D 313 8.97 4.22 14.16
N TYR D 314 9.33 4.38 15.41
CA TYR D 314 10.63 4.97 15.72
C TYR D 314 11.80 4.03 15.52
N VAL D 315 11.59 2.74 15.80
CA VAL D 315 12.61 1.75 15.55
C VAL D 315 12.81 1.63 14.05
N GLU D 316 11.73 1.51 13.29
CA GLU D 316 11.87 1.33 11.85
C GLU D 316 12.39 2.58 11.12
N LEU D 317 12.12 3.78 11.65
CA LEU D 317 12.76 4.99 11.14
C LEU D 317 14.27 4.89 11.37
N LEU D 318 14.72 4.60 12.58
CA LEU D 318 16.13 4.53 12.83
C LEU D 318 16.80 3.47 11.97
N LEU D 319 16.18 2.32 11.77
CA LEU D 319 16.76 1.35 10.86
C LEU D 319 16.93 1.98 9.50
N HIS D 320 15.87 2.54 8.94
CA HIS D 320 15.91 3.06 7.58
C HIS D 320 16.96 4.15 7.36
N LEU D 321 17.22 5.01 8.35
CA LEU D 321 18.29 6.01 8.28
C LEU D 321 19.61 5.27 8.14
N CYS D 322 19.81 4.26 8.99
CA CYS D 322 21.09 3.61 9.10
C CYS D 322 21.43 2.81 7.84
N ILE D 323 20.47 2.52 7.00
CA ILE D 323 20.77 1.71 5.85
C ILE D 323 20.52 2.44 4.52
N GLU D 324 19.39 3.13 4.31
CA GLU D 324 19.20 3.74 3.01
C GLU D 324 19.96 5.07 2.94
N PHE D 325 20.09 5.79 4.04
CA PHE D 325 20.67 7.11 4.05
C PHE D 325 22.16 7.08 4.40
N PHE D 326 22.57 6.28 5.37
CA PHE D 326 23.97 6.18 5.76
C PHE D 326 24.70 4.98 5.13
N ASP D 327 23.94 3.98 4.63
CA ASP D 327 24.44 2.78 3.98
C ASP D 327 25.34 1.92 4.89
N LEU D 328 25.16 1.96 6.21
CA LEU D 328 26.03 1.20 7.11
C LEU D 328 25.85 -0.32 6.88
N SER D 329 26.88 -1.13 7.20
CA SER D 329 26.89 -2.54 6.81
C SER D 329 25.96 -3.38 7.68
N ARG D 330 25.87 -3.02 8.97
CA ARG D 330 25.02 -3.76 9.88
C ARG D 330 24.41 -2.82 10.92
N VAL D 331 23.18 -3.16 11.37
CA VAL D 331 22.47 -2.45 12.42
C VAL D 331 21.94 -3.46 13.42
N ALA D 332 22.03 -3.15 14.74
CA ALA D 332 21.43 -3.99 15.76
C ALA D 332 20.81 -3.15 16.85
N PHE D 333 19.69 -3.67 17.41
CA PHE D 333 18.91 -2.94 18.40
C PHE D 333 18.97 -3.58 19.78
N ILE D 334 19.26 -2.80 20.83
CA ILE D 334 19.08 -3.32 22.18
C ILE D 334 18.24 -2.40 23.08
N GLN D 335 17.38 -2.94 23.96
CA GLN D 335 16.45 -2.12 24.74
C GLN D 335 17.16 -1.43 25.89
N GLU D 336 16.78 -0.20 26.27
CA GLU D 336 17.51 0.58 27.28
C GLU D 336 17.76 -0.19 28.59
N SER D 337 16.75 -0.85 29.18
CA SER D 337 16.99 -1.57 30.42
C SER D 337 17.81 -2.83 30.17
N MET D 338 17.63 -3.49 29.02
CA MET D 338 18.47 -4.64 28.71
C MET D 338 19.91 -4.18 28.70
N ALA D 339 20.16 -3.16 27.91
CA ALA D 339 21.48 -2.59 27.81
C ALA D 339 21.98 -2.18 29.19
N ALA D 340 21.14 -1.57 30.04
CA ALA D 340 21.61 -1.14 31.35
C ALA D 340 22.19 -2.30 32.16
N THR D 341 21.51 -3.44 32.16
CA THR D 341 22.06 -4.60 32.83
C THR D 341 23.31 -5.12 32.13
N PHE D 342 23.44 -5.01 30.79
CA PHE D 342 24.69 -5.34 30.16
C PHE D 342 25.83 -4.39 30.54
N GLY D 343 25.50 -3.16 30.86
CA GLY D 343 26.48 -2.23 31.37
C GLY D 343 26.93 -2.58 32.78
N ALA D 344 26.05 -3.16 33.60
CA ALA D 344 26.40 -3.57 34.96
C ALA D 344 27.07 -4.95 35.00
N GLY D 345 26.61 -5.89 34.17
CA GLY D 345 26.92 -7.30 34.33
C GLY D 345 25.94 -8.02 35.26
N TYR D 346 24.65 -7.69 35.14
CA TYR D 346 23.60 -8.23 35.99
C TYR D 346 22.78 -9.24 35.19
N THR D 347 22.51 -10.38 35.85
CA THR D 347 21.66 -11.41 35.30
C THR D 347 20.20 -10.99 35.44
N GLN D 348 19.87 -10.25 36.51
CA GLN D 348 18.51 -9.95 36.95
C GLN D 348 18.51 -8.64 37.74
N ALA D 349 17.61 -7.71 37.38
CA ALA D 349 17.54 -6.41 37.99
C ALA D 349 16.25 -5.66 37.67
N CYS D 350 15.92 -4.68 38.50
CA CYS D 350 14.91 -3.69 38.19
C CYS D 350 15.60 -2.39 37.84
N VAL D 351 15.43 -1.94 36.59
CA VAL D 351 16.15 -0.78 36.08
C VAL D 351 15.20 0.40 35.98
N VAL D 352 15.56 1.48 36.68
CA VAL D 352 14.81 2.73 36.72
C VAL D 352 15.63 3.73 35.94
N ASP D 353 15.10 4.19 34.78
CA ASP D 353 15.78 5.13 33.91
C ASP D 353 15.06 6.48 33.97
N VAL D 354 15.70 7.52 34.53
CA VAL D 354 15.08 8.81 34.76
C VAL D 354 15.69 9.85 33.81
N GLY D 355 15.09 9.93 32.61
CA GLY D 355 15.62 10.78 31.55
C GLY D 355 15.31 12.25 31.77
N ALA D 356 15.41 13.04 30.70
CA ALA D 356 15.10 14.45 30.71
C ALA D 356 13.60 14.59 30.67
N GLN D 357 12.96 13.76 29.82
CA GLN D 357 11.54 13.92 29.67
C GLN D 357 10.75 12.61 29.84
N LYS D 358 11.44 11.47 29.71
CA LYS D 358 10.84 10.16 29.91
C LYS D 358 11.48 9.55 31.16
N THR D 359 10.65 8.98 32.04
CA THR D 359 11.15 8.05 33.04
C THR D 359 10.58 6.68 32.72
N SER D 360 11.43 5.65 32.61
CA SER D 360 10.93 4.32 32.29
C SER D 360 11.51 3.28 33.24
N ILE D 361 10.65 2.31 33.56
CA ILE D 361 10.97 1.25 34.49
C ILE D 361 10.72 -0.06 33.77
N SER D 362 11.67 -0.99 33.89
CA SER D 362 11.34 -2.37 33.58
C SER D 362 12.30 -3.29 34.32
N CYS D 363 11.82 -4.54 34.45
CA CYS D 363 12.55 -5.58 35.16
C CYS D 363 13.13 -6.60 34.19
N VAL D 364 14.41 -6.89 34.38
CA VAL D 364 15.20 -7.70 33.47
C VAL D 364 15.46 -9.00 34.21
N GLU D 365 15.24 -10.12 33.51
CA GLU D 365 15.57 -11.42 34.05
C GLU D 365 15.88 -12.36 32.89
N ASP D 366 16.94 -13.17 33.07
CA ASP D 366 17.29 -14.24 32.15
C ASP D 366 17.33 -13.73 30.70
N GLY D 367 18.04 -12.60 30.59
CA GLY D 367 18.41 -12.07 29.29
C GLY D 367 17.32 -11.33 28.51
N LEU D 368 16.13 -11.12 29.10
CA LEU D 368 15.07 -10.33 28.52
C LEU D 368 14.58 -9.25 29.50
N VAL D 369 14.13 -8.11 29.00
CA VAL D 369 13.19 -7.29 29.72
C VAL D 369 11.89 -8.07 29.79
N ILE D 370 11.33 -8.22 31.02
CA ILE D 370 10.10 -8.97 31.19
C ILE D 370 8.97 -8.18 30.52
N GLU D 371 8.31 -8.82 29.52
CA GLU D 371 7.42 -8.14 28.57
C GLU D 371 6.37 -7.28 29.30
N ASP D 372 5.69 -7.82 30.32
CA ASP D 372 4.61 -7.12 30.99
C ASP D 372 5.08 -6.11 32.03
N SER D 373 6.37 -6.08 32.38
CA SER D 373 6.81 -5.23 33.48
C SER D 373 6.90 -3.75 33.11
N ARG D 374 6.97 -3.43 31.82
CA ARG D 374 7.39 -2.13 31.31
C ARG D 374 6.42 -1.01 31.66
N VAL D 375 6.96 0.06 32.26
CA VAL D 375 6.21 1.26 32.62
C VAL D 375 6.95 2.47 32.08
N ASN D 376 6.21 3.44 31.53
CA ASN D 376 6.81 4.54 30.80
C ASN D 376 6.09 5.82 31.09
N LEU D 377 6.69 6.66 31.96
CA LEU D 377 6.05 7.84 32.51
C LEU D 377 6.58 9.09 31.83
N LYS D 378 5.71 10.05 31.49
CA LYS D 378 6.14 11.22 30.75
C LYS D 378 6.57 12.30 31.70
N TYR D 379 7.60 12.02 32.50
CA TYR D 379 8.31 13.09 33.15
C TYR D 379 9.80 12.77 33.36
N GLY D 380 10.59 13.79 33.68
CA GLY D 380 11.99 13.60 33.94
C GLY D 380 12.68 14.89 34.41
N GLY D 381 14.00 14.96 34.28
CA GLY D 381 14.75 16.04 34.89
C GLY D 381 14.47 17.41 34.32
N TYR D 382 13.78 17.49 33.17
CA TYR D 382 13.39 18.77 32.60
C TYR D 382 12.19 19.32 33.35
N ASP D 383 11.26 18.46 33.73
CA ASP D 383 10.11 18.86 34.50
C ASP D 383 10.54 19.43 35.82
N VAL D 384 11.51 18.78 36.45
CA VAL D 384 12.13 19.36 37.62
C VAL D 384 12.70 20.77 37.38
N THR D 385 13.38 21.02 36.26
CA THR D 385 13.83 22.37 35.95
C THR D 385 12.66 23.34 35.75
N GLU D 386 11.65 23.02 34.93
CA GLU D 386 10.55 23.94 34.74
C GLU D 386 9.90 24.28 36.06
N THR D 387 9.64 23.22 36.82
CA THR D 387 8.94 23.34 38.08
C THR D 387 9.80 24.15 39.03
N PHE D 388 11.12 23.91 39.06
CA PHE D 388 12.05 24.65 39.91
C PHE D 388 12.01 26.16 39.66
N ILE D 389 12.10 26.53 38.39
CA ILE D 389 11.95 27.93 38.01
C ILE D 389 10.55 28.41 38.42
N LYS D 390 9.46 27.68 38.11
CA LYS D 390 8.10 28.15 38.41
C LYS D 390 7.89 28.36 39.91
N MET D 391 8.40 27.47 40.74
CA MET D 391 8.32 27.64 42.18
C MET D 391 9.09 28.86 42.66
N MET D 392 10.32 29.06 42.17
CA MET D 392 11.02 30.28 42.55
C MET D 392 10.34 31.55 41.98
N LEU D 393 9.83 31.52 40.75
CA LEU D 393 9.11 32.64 40.18
C LEU D 393 7.93 33.05 41.06
N TYR D 394 7.09 32.06 41.38
CA TYR D 394 5.96 32.29 42.26
C TYR D 394 6.43 32.87 43.59
N ASP D 395 7.57 32.40 44.13
CA ASP D 395 8.10 33.02 45.33
C ASP D 395 8.46 34.50 45.08
N ASN D 396 9.56 34.78 44.36
CA ASN D 396 9.79 36.12 43.79
C ASN D 396 11.06 36.18 42.92
N PHE D 397 11.43 35.10 42.22
CA PHE D 397 12.70 34.99 41.50
C PHE D 397 12.96 36.18 40.59
N PRO D 398 14.14 36.85 40.68
CA PRO D 398 14.27 38.23 40.21
C PRO D 398 13.91 38.43 38.74
N TYR D 399 14.34 37.49 37.88
CA TYR D 399 14.23 37.63 36.44
C TYR D 399 12.85 37.10 36.02
N GLN D 400 11.79 37.80 36.43
CA GLN D 400 10.40 37.39 36.17
C GLN D 400 10.11 37.27 34.66
N ASP D 401 10.94 37.91 33.83
CA ASP D 401 10.78 37.92 32.37
C ASP D 401 11.30 36.63 31.74
N ILE D 402 11.91 35.72 32.53
CA ILE D 402 12.52 34.48 32.03
C ILE D 402 11.54 33.58 31.27
N ASN D 403 12.04 32.90 30.23
CA ASN D 403 11.25 32.09 29.33
C ASN D 403 12.11 30.95 28.83
N LEU D 404 11.81 29.71 29.25
CA LEU D 404 12.64 28.53 28.97
C LEU D 404 12.59 28.11 27.51
N ARG D 405 11.84 28.78 26.63
CA ARG D 405 11.95 28.52 25.19
C ARG D 405 13.03 29.38 24.53
N ARG D 406 13.68 30.28 25.30
CA ARG D 406 14.74 31.16 24.82
C ARG D 406 16.08 30.63 25.30
N ARG D 407 17.06 30.57 24.40
CA ARG D 407 18.16 29.64 24.58
C ARG D 407 18.97 29.94 25.82
N HIS D 408 19.39 31.20 26.00
CA HIS D 408 20.25 31.49 27.13
C HIS D 408 19.49 31.30 28.47
N ASP D 409 18.17 31.53 28.50
CA ASP D 409 17.34 31.23 29.66
C ASP D 409 17.27 29.72 29.91
N PHE D 410 17.17 28.91 28.85
CA PHE D 410 17.15 27.47 28.97
C PHE D 410 18.45 26.97 29.62
N LEU D 411 19.59 27.39 29.08
CA LEU D 411 20.87 26.99 29.65
C LEU D 411 21.02 27.49 31.08
N LEU D 412 20.57 28.71 31.39
CA LEU D 412 20.53 29.19 32.76
C LEU D 412 19.75 28.23 33.67
N ALA D 413 18.51 27.93 33.28
CA ALA D 413 17.63 27.11 34.10
C ALA D 413 18.26 25.76 34.38
N GLU D 414 18.77 25.10 33.33
CA GLU D 414 19.40 23.80 33.46
C GLU D 414 20.62 23.84 34.36
N GLU D 415 21.49 24.85 34.24
CA GLU D 415 22.66 24.95 35.10
C GLU D 415 22.23 25.10 36.57
N LEU D 416 21.21 25.93 36.85
CA LEU D 416 20.73 26.13 38.21
C LEU D 416 20.16 24.81 38.74
N LYS D 417 19.41 24.06 37.91
CA LYS D 417 18.84 22.79 38.32
C LYS D 417 19.96 21.85 38.75
N MET D 418 21.00 21.73 37.95
CA MET D 418 22.08 20.82 38.25
C MET D 418 22.80 21.24 39.54
N LYS D 419 22.95 22.54 39.81
CA LYS D 419 23.64 22.96 41.03
C LYS D 419 22.81 22.77 42.31
N TYR D 420 21.55 23.22 42.32
CA TYR D 420 20.85 23.53 43.57
C TYR D 420 19.82 22.48 43.96
N CYS D 421 19.25 21.73 42.99
CA CYS D 421 18.29 20.68 43.31
C CYS D 421 18.90 19.55 44.12
N THR D 422 18.13 19.00 45.07
CA THR D 422 18.59 17.93 45.95
C THR D 422 17.39 17.30 46.63
N LEU D 423 17.26 15.97 46.59
CA LEU D 423 16.20 15.26 47.31
C LEU D 423 16.60 14.92 48.75
N SER D 424 17.89 15.02 49.12
CA SER D 424 18.31 14.95 50.51
C SER D 424 17.62 16.03 51.35
N GLN D 425 16.79 15.56 52.29
CA GLN D 425 16.09 16.43 53.24
C GLN D 425 17.06 16.81 54.36
N ALA D 426 18.10 17.58 54.01
CA ALA D 426 19.15 17.98 54.94
C ALA D 426 19.94 19.16 54.35
N ASN D 427 20.69 19.86 55.23
CA ASN D 427 21.40 21.09 54.89
C ASN D 427 20.48 22.09 54.18
N ILE D 428 19.21 22.16 54.62
CA ILE D 428 18.19 22.98 53.98
C ILE D 428 17.84 24.18 54.86
N SER D 429 17.97 25.37 54.26
CA SER D 429 17.98 26.65 54.98
C SER D 429 17.80 27.78 53.97
N VAL D 430 17.53 28.99 54.48
CA VAL D 430 17.57 30.19 53.66
C VAL D 430 19.01 30.38 53.20
N GLN D 431 19.28 30.19 51.90
CA GLN D 431 20.61 30.37 51.33
C GLN D 431 20.58 31.40 50.20
N ALA D 432 21.65 32.22 50.16
CA ALA D 432 21.77 33.29 49.19
C ALA D 432 22.84 32.91 48.16
N PHE D 433 22.51 33.12 46.88
CA PHE D 433 23.37 32.79 45.76
C PHE D 433 23.18 33.84 44.66
N ASP D 434 23.83 33.58 43.51
CA ASP D 434 23.80 34.51 42.39
C ASP D 434 23.98 33.76 41.07
N PHE D 435 23.48 34.36 39.99
CA PHE D 435 23.75 33.87 38.64
C PHE D 435 23.91 35.01 37.63
N HIS D 436 24.56 34.70 36.50
CA HIS D 436 24.77 35.64 35.41
C HIS D 436 23.85 35.32 34.21
N LEU D 437 23.11 36.33 33.75
CA LEU D 437 22.34 36.25 32.53
C LEU D 437 23.13 36.92 31.40
N ARG D 438 24.05 36.14 30.80
CA ARG D 438 24.80 36.59 29.63
C ARG D 438 23.91 36.47 28.41
N ALA D 439 23.03 37.46 28.25
CA ALA D 439 22.21 37.60 27.06
C ALA D 439 23.09 37.93 25.85
N PRO D 440 22.64 37.61 24.62
CA PRO D 440 23.40 37.94 23.42
C PRO D 440 23.39 39.42 23.07
N ASN D 441 24.56 39.97 22.71
CA ASN D 441 24.72 41.34 22.21
C ASN D 441 24.08 42.38 23.15
N GLN D 442 24.19 42.13 24.46
CA GLN D 442 23.51 42.89 25.51
C GLN D 442 24.28 42.70 26.82
N PRO D 443 24.37 43.68 27.76
CA PRO D 443 25.37 43.60 28.83
C PRO D 443 25.11 42.49 29.86
N THR D 444 26.18 41.96 30.47
CA THR D 444 26.02 40.88 31.44
C THR D 444 25.35 41.40 32.72
N ARG D 445 24.19 40.82 33.05
CA ARG D 445 23.39 41.19 34.21
C ARG D 445 23.52 40.07 35.25
N LYS D 446 23.91 40.43 36.48
CA LYS D 446 24.08 39.47 37.56
C LYS D 446 22.99 39.68 38.61
N TYR D 447 22.27 38.60 38.93
CA TYR D 447 21.20 38.62 39.92
C TYR D 447 21.62 37.90 41.21
N GLN D 448 21.64 38.61 42.34
CA GLN D 448 21.60 37.91 43.62
C GLN D 448 20.18 37.43 43.84
N PHE D 449 20.05 36.28 44.53
CA PHE D 449 18.75 35.71 44.88
C PHE D 449 18.87 34.77 46.09
N LYS D 450 17.74 34.42 46.68
CA LYS D 450 17.65 33.43 47.75
C LYS D 450 16.69 32.31 47.35
N PHE D 451 16.90 31.13 47.97
CA PHE D 451 15.95 30.02 47.93
C PHE D 451 15.79 29.42 49.33
N TYR D 452 14.70 28.64 49.56
CA TYR D 452 14.52 27.93 50.82
C TYR D 452 14.13 26.45 50.60
N ASP D 453 13.01 26.16 49.90
CA ASP D 453 12.51 24.80 49.81
C ASP D 453 12.07 24.40 48.40
N GLU D 454 11.94 25.36 47.48
CA GLU D 454 11.75 25.12 46.05
C GLU D 454 12.79 24.11 45.52
N VAL D 455 14.02 24.16 46.05
CA VAL D 455 15.12 23.26 45.72
C VAL D 455 14.88 21.78 46.02
N ILE D 456 13.93 21.47 46.91
CA ILE D 456 13.59 20.09 47.25
C ILE D 456 12.17 19.72 46.77
N LEU D 457 11.25 20.67 46.82
CA LEU D 457 9.88 20.42 46.42
C LEU D 457 9.81 20.15 44.93
N ALA D 458 10.65 20.83 44.12
CA ALA D 458 10.59 20.63 42.68
C ALA D 458 10.97 19.19 42.30
N PRO D 459 12.11 18.65 42.79
CA PRO D 459 12.44 17.23 42.65
C PRO D 459 11.37 16.29 43.17
N MET D 460 10.78 16.59 44.36
CA MET D 460 9.75 15.74 44.99
C MET D 460 8.49 15.63 44.14
N GLY D 461 8.38 16.40 43.04
CA GLY D 461 7.33 16.22 42.06
C GLY D 461 7.28 14.80 41.53
N PHE D 462 8.39 14.05 41.56
CA PHE D 462 8.37 12.64 41.20
C PHE D 462 7.46 11.80 42.11
N TYR D 463 6.98 12.36 43.24
CA TYR D 463 6.07 11.68 44.16
C TYR D 463 4.69 12.37 44.30
N ASP D 464 4.47 13.49 43.58
CA ASP D 464 3.14 13.99 43.25
C ASP D 464 3.18 14.68 41.88
N PRO D 465 3.17 13.90 40.78
CA PRO D 465 3.43 14.45 39.45
C PRO D 465 2.45 15.50 38.94
N SER D 466 1.34 15.73 39.65
CA SER D 466 0.39 16.78 39.30
C SER D 466 1.04 18.17 39.36
N ILE D 467 2.14 18.33 40.12
CA ILE D 467 2.78 19.63 40.31
C ILE D 467 3.49 20.06 39.03
N PHE D 468 3.83 19.11 38.14
CA PHE D 468 4.45 19.42 36.85
C PHE D 468 3.43 19.97 35.85
N ASP D 469 3.88 20.78 34.89
CA ASP D 469 3.03 21.07 33.74
C ASP D 469 2.98 19.83 32.85
N ASN D 470 1.85 19.11 32.91
CA ASN D 470 1.62 17.98 32.04
C ASN D 470 0.57 18.28 30.99
N SER D 471 0.22 19.56 30.80
CA SER D 471 -1.01 19.93 30.10
C SER D 471 -0.89 19.73 28.59
N THR D 472 0.34 19.79 28.08
CA THR D 472 0.59 19.79 26.64
C THR D 472 1.53 18.66 26.23
N LYS D 473 1.94 17.77 27.15
CA LYS D 473 2.77 16.63 26.76
C LYS D 473 2.11 15.70 25.74
N LEU D 474 0.79 15.62 25.81
CA LEU D 474 0.06 14.77 24.92
C LEU D 474 -0.35 15.53 23.66
N ARG D 475 0.06 16.81 23.52
CA ARG D 475 -0.34 17.59 22.36
C ARG D 475 0.32 17.05 21.10
N GLY D 476 -0.48 16.78 20.07
CA GLY D 476 0.02 16.35 18.79
C GLY D 476 0.62 14.94 18.81
N ARG D 477 0.27 14.11 19.81
CA ARG D 477 0.95 12.81 19.98
C ARG D 477 0.63 11.85 18.83
N ARG D 478 -0.35 12.14 17.95
CA ARG D 478 -0.42 11.36 16.72
C ARG D 478 -0.63 12.25 15.50
N LYS D 479 -0.03 13.46 15.54
CA LYS D 479 -0.28 14.50 14.54
C LYS D 479 0.28 14.13 13.17
N LEU D 480 1.43 13.44 13.11
CA LEU D 480 2.11 13.15 11.86
C LEU D 480 2.23 11.66 11.58
N ILE D 481 2.69 10.92 12.59
CA ILE D 481 3.04 9.51 12.48
C ILE D 481 1.97 8.67 13.19
N ASP D 482 1.28 7.82 12.43
CA ASP D 482 0.19 7.03 12.99
C ASP D 482 0.76 5.98 13.97
N ARG D 483 -0.10 5.43 14.82
CA ARG D 483 0.22 4.31 15.69
C ARG D 483 0.63 3.10 14.84
N SER D 484 1.53 2.25 15.36
CA SER D 484 2.05 1.19 14.51
C SER D 484 1.08 0.02 14.40
N TYR D 485 0.40 -0.09 13.26
CA TYR D 485 -0.44 -1.25 13.04
C TYR D 485 0.41 -2.43 12.58
N ASN D 486 -0.13 -3.64 12.74
CA ASN D 486 0.41 -4.87 12.17
C ASN D 486 0.47 -4.79 10.65
N ALA D 487 1.50 -5.39 10.05
CA ALA D 487 1.78 -5.36 8.63
C ALA D 487 0.62 -5.81 7.76
N TYR D 488 -0.18 -6.78 8.23
CA TYR D 488 -1.17 -7.43 7.41
C TYR D 488 -2.58 -7.12 7.91
N ASP D 489 -2.81 -7.18 9.23
CA ASP D 489 -4.13 -6.93 9.78
C ASP D 489 -4.18 -5.48 10.25
N VAL D 490 -4.34 -4.54 9.33
CA VAL D 490 -3.90 -3.15 9.54
C VAL D 490 -4.80 -2.34 10.48
N ASP D 491 -5.86 -2.97 11.02
CA ASP D 491 -6.62 -2.38 12.10
C ASP D 491 -5.90 -2.62 13.43
N MET D 492 -5.27 -3.78 13.59
CA MET D 492 -4.78 -4.23 14.87
C MET D 492 -3.50 -3.49 15.21
N PRO D 493 -3.45 -2.76 16.34
CA PRO D 493 -2.20 -2.18 16.77
C PRO D 493 -1.18 -3.28 17.11
N ASP D 494 0.09 -2.92 16.91
CA ASP D 494 1.20 -3.83 16.99
C ASP D 494 2.34 -3.21 17.82
N ASP D 495 2.08 -2.01 18.39
CA ASP D 495 3.04 -1.50 19.32
C ASP D 495 3.09 -2.49 20.47
N PRO D 496 4.15 -2.48 21.32
CA PRO D 496 4.17 -3.19 22.59
C PRO D 496 3.05 -2.79 23.55
N THR D 497 2.60 -3.77 24.34
CA THR D 497 1.64 -3.50 25.39
C THR D 497 2.09 -4.21 26.66
N SER D 498 1.94 -3.51 27.79
CA SER D 498 2.40 -4.07 29.05
C SER D 498 1.39 -3.84 30.18
N SER D 499 1.10 -4.91 30.91
CA SER D 499 0.12 -4.86 31.97
C SER D 499 0.43 -3.70 32.93
N ALA D 500 1.70 -3.49 33.22
CA ALA D 500 2.09 -2.46 34.16
C ALA D 500 1.71 -1.06 33.65
N GLN D 501 1.85 -0.83 32.34
CA GLN D 501 1.51 0.45 31.76
C GLN D 501 0.01 0.68 31.92
N LEU D 502 -0.81 -0.33 31.61
CA LEU D 502 -2.27 -0.20 31.70
C LEU D 502 -2.70 0.07 33.14
N ALA D 503 -2.06 -0.54 34.13
CA ALA D 503 -2.33 -0.19 35.52
C ALA D 503 -2.12 1.31 35.78
N ILE D 504 -1.04 1.90 35.23
CA ILE D 504 -0.79 3.33 35.37
C ILE D 504 -1.90 4.10 34.63
N LEU D 505 -2.32 3.69 33.42
CA LEU D 505 -3.37 4.44 32.72
C LEU D 505 -4.68 4.43 33.50
N ALA D 506 -5.04 3.29 34.08
CA ALA D 506 -6.24 3.16 34.90
C ALA D 506 -6.24 4.11 36.11
N MET D 507 -5.08 4.42 36.66
CA MET D 507 -5.02 5.34 37.80
C MET D 507 -5.41 6.76 37.38
N VAL D 508 -5.20 7.12 36.10
CA VAL D 508 -5.50 8.45 35.60
C VAL D 508 -6.95 8.51 35.08
N GLN D 509 -7.43 7.45 34.42
CA GLN D 509 -8.78 7.40 33.88
C GLN D 509 -9.34 5.98 33.95
N PRO D 510 -10.33 5.68 34.83
CA PRO D 510 -10.87 4.33 34.99
C PRO D 510 -11.23 3.63 33.69
N SER D 511 -10.69 2.41 33.56
CA SER D 511 -10.57 1.66 32.33
C SER D 511 -10.69 0.15 32.63
N GLN D 618 -19.20 -3.36 22.06
CA GLN D 618 -17.78 -3.71 22.30
C GLN D 618 -16.86 -2.93 21.35
N ARG D 619 -15.92 -2.16 21.92
CA ARG D 619 -14.96 -1.39 21.14
C ARG D 619 -13.91 -2.31 20.51
N SER D 620 -13.44 -1.93 19.30
CA SER D 620 -12.35 -2.60 18.60
C SER D 620 -11.01 -2.32 19.28
N ALA D 621 -9.99 -3.14 18.98
CA ALA D 621 -8.64 -2.93 19.51
C ALA D 621 -8.06 -1.59 19.05
N LYS D 622 -8.43 -1.11 17.86
CA LYS D 622 -7.99 0.20 17.39
C LYS D 622 -8.55 1.29 18.29
N GLU D 623 -9.86 1.21 18.58
CA GLU D 623 -10.55 2.20 19.39
C GLU D 623 -9.99 2.18 20.82
N ILE D 624 -9.74 0.99 21.37
CA ILE D 624 -9.15 0.86 22.69
C ILE D 624 -7.78 1.54 22.75
N ALA D 625 -6.92 1.30 21.75
CA ALA D 625 -5.59 1.89 21.74
C ALA D 625 -5.68 3.41 21.61
N ALA D 626 -6.63 3.91 20.80
CA ALA D 626 -6.86 5.35 20.69
C ALA D 626 -7.27 5.93 22.04
N GLU D 627 -8.20 5.23 22.73
CA GLU D 627 -8.72 5.65 24.02
C GLU D 627 -7.62 5.66 25.09
N ARG D 628 -6.66 4.73 25.03
CA ARG D 628 -5.49 4.73 25.90
C ARG D 628 -4.52 5.88 25.56
N ASP D 629 -4.22 6.08 24.26
CA ASP D 629 -3.31 7.13 23.83
C ASP D 629 -3.84 8.51 24.26
N ALA D 630 -5.15 8.65 24.48
CA ALA D 630 -5.73 9.90 24.91
C ALA D 630 -5.41 10.21 26.37
N VAL D 631 -4.76 9.28 27.09
CA VAL D 631 -4.39 9.47 28.49
C VAL D 631 -2.87 9.56 28.63
N LEU D 632 -2.38 10.60 29.33
CA LEU D 632 -0.94 10.72 29.58
C LEU D 632 -0.52 9.86 30.76
N PRO D 633 0.36 8.85 30.59
CA PRO D 633 0.73 8.00 31.69
C PRO D 633 1.49 8.80 32.70
N ILE D 634 0.93 8.89 33.92
CA ILE D 634 1.53 9.58 35.04
C ILE D 634 1.25 8.82 36.34
N ALA D 635 2.29 8.66 37.16
CA ALA D 635 2.15 8.09 38.49
C ALA D 635 3.34 8.42 39.35
N PRO D 636 3.20 8.46 40.69
CA PRO D 636 4.34 8.63 41.59
C PRO D 636 5.37 7.52 41.38
N LEU D 637 6.65 7.83 41.51
CA LEU D 637 7.68 6.91 41.04
C LEU D 637 7.70 5.59 41.82
N ASP D 638 7.43 5.66 43.13
CA ASP D 638 7.33 4.47 43.96
C ASP D 638 6.19 3.57 43.47
N VAL D 639 5.00 4.14 43.22
CA VAL D 639 3.87 3.36 42.74
C VAL D 639 4.16 2.71 41.39
N ALA D 640 4.88 3.44 40.52
CA ALA D 640 5.25 2.94 39.20
C ALA D 640 6.21 1.75 39.33
N ILE D 641 7.18 1.82 40.24
CA ILE D 641 8.09 0.72 40.46
C ILE D 641 7.34 -0.49 41.01
N LEU D 642 6.51 -0.32 42.05
CA LEU D 642 5.86 -1.50 42.63
C LEU D 642 4.86 -2.12 41.66
N THR D 643 4.13 -1.31 40.86
CA THR D 643 3.26 -1.84 39.82
C THR D 643 4.05 -2.47 38.69
N SER D 644 5.28 -2.01 38.44
CA SER D 644 6.14 -2.72 37.50
C SER D 644 6.50 -4.11 38.05
N ILE D 645 7.03 -4.14 39.25
CA ILE D 645 7.56 -5.36 39.84
C ILE D 645 6.44 -6.39 40.05
N GLN D 646 5.26 -6.01 40.54
CA GLN D 646 4.17 -6.97 40.72
C GLN D 646 3.81 -7.65 39.40
N HIS D 647 3.80 -6.90 38.30
CA HIS D 647 3.55 -7.50 37.00
C HIS D 647 4.75 -8.30 36.45
N ALA D 648 5.96 -8.03 36.95
CA ALA D 648 7.13 -8.81 36.62
C ALA D 648 7.05 -10.21 37.26
N ALA D 649 6.60 -10.25 38.53
CA ALA D 649 6.51 -11.48 39.30
C ALA D 649 5.30 -12.35 38.89
N LYS D 650 4.18 -11.70 38.51
CA LYS D 650 2.91 -12.33 38.17
C LYS D 650 2.40 -13.19 39.33
N GLY D 651 2.45 -12.62 40.55
CA GLY D 651 2.04 -13.32 41.76
C GLY D 651 3.03 -14.38 42.21
N ASP D 652 4.17 -13.91 42.74
CA ASP D 652 5.17 -14.75 43.39
C ASP D 652 6.02 -13.90 44.32
N GLU D 653 5.78 -14.00 45.63
CA GLU D 653 6.50 -13.20 46.61
C GLU D 653 8.01 -13.38 46.54
N LYS D 654 8.50 -14.55 46.10
CA LYS D 654 9.94 -14.79 46.02
C LYS D 654 10.57 -13.98 44.88
N LYS D 655 9.93 -13.93 43.70
CA LYS D 655 10.39 -13.06 42.62
C LYS D 655 10.29 -11.59 43.03
N VAL D 656 9.22 -11.19 43.73
CA VAL D 656 9.14 -9.86 44.29
C VAL D 656 10.32 -9.59 45.22
N ARG D 657 10.64 -10.53 46.11
CA ARG D 657 11.71 -10.36 47.07
C ARG D 657 13.09 -10.30 46.41
N GLU D 658 13.25 -10.87 45.20
CA GLU D 658 14.46 -10.69 44.43
C GLU D 658 14.51 -9.32 43.74
N LEU D 659 13.45 -8.93 43.00
CA LEU D 659 13.44 -7.71 42.18
C LEU D 659 13.50 -6.45 43.03
N VAL D 660 12.73 -6.40 44.12
CA VAL D 660 12.75 -5.27 45.04
C VAL D 660 14.11 -5.06 45.72
N GLY D 661 14.86 -6.14 45.91
CA GLY D 661 16.22 -6.05 46.42
C GLY D 661 17.30 -5.83 45.35
N SER D 662 16.87 -5.44 44.14
CA SER D 662 17.75 -5.39 42.98
C SER D 662 17.50 -4.15 42.14
N ILE D 663 17.26 -2.98 42.77
CA ILE D 663 16.92 -1.77 42.03
C ILE D 663 18.17 -0.97 41.68
N MET D 664 18.27 -0.69 40.39
CA MET D 664 19.41 -0.06 39.75
C MET D 664 18.91 1.21 39.07
N VAL D 665 19.52 2.36 39.39
CA VAL D 665 18.98 3.62 38.85
C VAL D 665 19.98 4.22 37.86
N VAL D 666 19.48 4.66 36.69
CA VAL D 666 20.29 5.19 35.60
C VAL D 666 19.59 6.38 34.93
N GLY D 667 20.27 7.06 34.02
CA GLY D 667 19.67 8.24 33.39
C GLY D 667 19.91 9.53 34.17
N GLY D 668 20.02 10.65 33.49
CA GLY D 668 20.63 11.81 34.10
C GLY D 668 19.76 12.38 35.21
N GLY D 669 18.43 12.28 35.08
CA GLY D 669 17.55 12.79 36.13
C GLY D 669 17.86 12.14 37.46
N ALA D 670 18.35 10.89 37.43
CA ALA D 670 18.71 10.19 38.64
C ALA D 670 19.89 10.83 39.36
N LYS D 671 20.63 11.73 38.70
CA LYS D 671 21.86 12.24 39.28
C LYS D 671 21.57 13.44 40.21
N ILE D 672 20.29 13.76 40.46
CA ILE D 672 19.88 14.62 41.58
C ILE D 672 20.38 14.02 42.88
N PRO D 673 21.18 14.72 43.72
CA PRO D 673 21.74 14.13 44.93
C PRO D 673 20.75 13.45 45.88
N HIS D 674 21.14 12.24 46.29
CA HIS D 674 20.42 11.32 47.17
C HIS D 674 19.13 10.80 46.57
N PHE D 675 19.04 10.75 45.23
CA PHE D 675 17.84 10.24 44.58
C PHE D 675 17.58 8.78 44.94
N ALA D 676 18.63 7.96 44.92
CA ALA D 676 18.48 6.53 45.16
C ALA D 676 18.04 6.27 46.60
N PRO D 677 18.73 6.74 47.68
CA PRO D 677 18.24 6.58 49.04
C PRO D 677 16.85 7.12 49.28
N PHE D 678 16.49 8.28 48.70
CA PHE D 678 15.15 8.84 48.84
C PHE D 678 14.09 7.91 48.25
N LEU D 679 14.36 7.35 47.08
CA LEU D 679 13.45 6.40 46.45
C LEU D 679 13.37 5.10 47.25
N GLU D 680 14.46 4.67 47.88
CA GLU D 680 14.42 3.50 48.76
C GLU D 680 13.51 3.76 49.97
N GLU D 681 13.61 4.96 50.59
CA GLU D 681 12.72 5.35 51.67
C GLU D 681 11.25 5.29 51.20
N LYS D 682 10.92 5.95 50.10
CA LYS D 682 9.54 5.97 49.60
C LYS D 682 9.01 4.56 49.30
N LEU D 683 9.84 3.63 48.81
CA LEU D 683 9.40 2.26 48.59
C LEU D 683 9.22 1.51 49.92
N LYS D 684 10.16 1.66 50.87
CA LYS D 684 10.04 1.05 52.19
C LYS D 684 8.71 1.42 52.84
N ILE D 685 8.34 2.71 52.87
CA ILE D 685 7.16 3.14 53.60
C ILE D 685 5.84 2.78 52.90
N ARG D 686 5.84 2.40 51.60
CA ARG D 686 4.61 1.95 50.95
C ARG D 686 4.41 0.43 51.09
N ARG D 687 5.48 -0.35 51.34
CA ARG D 687 5.38 -1.81 51.48
C ARG D 687 6.22 -2.30 52.67
N PRO D 688 5.76 -2.12 53.93
CA PRO D 688 6.54 -2.51 55.10
C PRO D 688 6.90 -3.99 55.12
N ASP D 689 6.08 -4.82 54.46
CA ASP D 689 6.30 -6.26 54.32
C ASP D 689 7.61 -6.62 53.60
N LEU D 690 8.22 -5.62 52.92
CA LEU D 690 9.44 -5.79 52.14
C LEU D 690 10.61 -4.96 52.67
N ALA D 691 10.42 -4.23 53.80
CA ALA D 691 11.28 -3.13 54.24
C ALA D 691 12.72 -3.53 54.61
N ASP D 692 12.95 -4.84 54.81
CA ASP D 692 14.27 -5.37 55.11
C ASP D 692 15.03 -5.78 53.84
N ARG D 693 14.32 -6.04 52.72
CA ARG D 693 14.92 -6.50 51.47
C ARG D 693 15.14 -5.39 50.45
N ILE D 694 14.20 -4.42 50.37
CA ILE D 694 14.27 -3.26 49.47
C ILE D 694 15.65 -2.57 49.53
N LEU D 695 16.28 -2.43 48.36
CA LEU D 695 17.64 -1.96 48.22
C LEU D 695 17.83 -1.29 46.86
N VAL D 696 18.17 0.01 46.87
CA VAL D 696 18.36 0.80 45.66
C VAL D 696 19.84 1.22 45.53
N SER D 697 20.36 1.14 44.30
CA SER D 697 21.76 1.41 43.97
C SER D 697 21.81 2.35 42.76
N ARG D 698 22.75 3.33 42.78
CA ARG D 698 22.88 4.27 41.66
C ARG D 698 23.99 3.83 40.71
N SER D 699 23.66 3.85 39.40
CA SER D 699 24.57 3.45 38.35
C SER D 699 25.02 1.98 38.53
N ALA D 700 26.14 1.62 37.87
CA ALA D 700 26.83 0.36 38.10
C ALA D 700 28.34 0.53 37.87
N ARG D 701 29.14 -0.25 38.61
CA ARG D 701 30.59 -0.36 38.44
C ARG D 701 31.23 1.02 38.15
N GLU D 702 30.99 1.96 39.08
CA GLU D 702 31.65 3.26 39.20
C GLU D 702 31.30 4.24 38.07
N MET D 703 30.45 3.86 37.11
CA MET D 703 30.10 4.72 35.98
C MET D 703 29.21 5.90 36.41
N ASP D 704 29.13 6.91 35.53
CA ASP D 704 28.06 7.92 35.58
C ASP D 704 26.73 7.34 35.08
N GLU D 705 25.63 7.64 35.78
CA GLU D 705 24.29 7.15 35.47
C GLU D 705 23.98 7.28 33.99
N GLN D 706 24.54 8.32 33.33
CA GLN D 706 24.20 8.65 31.96
C GLN D 706 24.73 7.57 31.02
N VAL D 707 25.96 7.09 31.30
CA VAL D 707 26.71 6.35 30.30
C VAL D 707 26.46 4.86 30.42
N VAL D 708 25.98 4.34 31.55
CA VAL D 708 25.81 2.90 31.76
C VAL D 708 25.16 2.19 30.59
N VAL D 709 24.02 2.73 30.10
CA VAL D 709 23.30 2.08 29.04
C VAL D 709 24.15 2.08 27.79
N TRP D 710 24.84 3.19 27.47
CA TRP D 710 25.74 3.17 26.33
C TRP D 710 26.83 2.09 26.45
N LYS D 711 27.55 2.06 27.61
CA LYS D 711 28.60 1.10 27.85
C LYS D 711 28.07 -0.30 27.58
N GLY D 712 26.87 -0.60 28.10
CA GLY D 712 26.22 -1.87 27.89
C GLY D 712 26.02 -2.15 26.41
N ALA D 713 25.54 -1.19 25.65
CA ALA D 713 25.27 -1.45 24.26
C ALA D 713 26.60 -1.71 23.54
N SER D 714 27.71 -1.07 23.98
CA SER D 714 29.00 -1.41 23.40
C SER D 714 29.33 -2.87 23.68
N VAL D 715 29.11 -3.39 24.89
CA VAL D 715 29.39 -4.79 25.18
C VAL D 715 28.59 -5.71 24.26
N PHE D 716 27.35 -5.36 23.95
CA PHE D 716 26.56 -6.11 23.00
C PHE D 716 27.06 -5.98 21.57
N ALA D 717 27.81 -4.92 21.22
CA ALA D 717 28.51 -4.87 19.95
C ALA D 717 29.67 -5.86 19.91
N LYS D 718 30.47 -5.85 20.97
CA LYS D 718 31.74 -6.54 21.01
C LYS D 718 31.56 -8.06 21.05
N LEU D 719 30.59 -8.55 21.83
CA LEU D 719 30.57 -9.98 22.12
C LEU D 719 30.11 -10.82 20.93
N SER D 720 30.62 -12.06 20.86
CA SER D 720 30.61 -12.93 19.70
C SER D 720 29.29 -13.67 19.49
N THR D 721 28.57 -13.97 20.58
CA THR D 721 27.34 -14.75 20.52
C THR D 721 26.21 -13.99 19.83
N ASN D 722 26.33 -12.64 19.77
CA ASN D 722 25.29 -11.76 19.26
C ASN D 722 25.13 -11.96 17.75
N ASP D 723 24.02 -12.60 17.36
CA ASP D 723 23.67 -12.78 15.97
C ASP D 723 22.46 -11.92 15.60
N SER D 724 22.20 -10.87 16.41
CA SER D 724 21.05 -9.99 16.31
C SER D 724 21.11 -9.02 15.12
N TRP D 725 22.25 -8.93 14.43
CA TRP D 725 22.46 -7.91 13.44
C TRP D 725 21.55 -8.09 12.23
N VAL D 726 20.84 -7.01 11.87
CA VAL D 726 20.33 -6.84 10.54
C VAL D 726 21.50 -6.34 9.66
N THR D 727 21.87 -7.14 8.65
CA THR D 727 22.79 -6.69 7.62
C THR D 727 22.09 -5.74 6.63
N ASN D 728 22.88 -4.89 5.99
CA ASN D 728 22.40 -4.03 4.93
C ASN D 728 21.67 -4.78 3.81
N TYR D 729 22.20 -5.91 3.35
CA TYR D 729 21.55 -6.68 2.29
C TYR D 729 20.19 -7.22 2.75
N GLU D 730 20.07 -7.70 4.01
CA GLU D 730 18.76 -8.10 4.48
C GLU D 730 17.74 -6.96 4.28
N TYR D 731 18.07 -5.76 4.79
CA TYR D 731 17.11 -4.69 4.86
C TYR D 731 16.72 -4.27 3.45
N LYS D 732 17.67 -4.21 2.51
CA LYS D 732 17.37 -3.86 1.13
C LYS D 732 16.34 -4.84 0.55
N MET D 733 16.40 -6.11 0.98
CA MET D 733 15.57 -7.18 0.44
C MET D 733 14.20 -7.28 1.11
N LEU D 734 14.12 -6.99 2.42
CA LEU D 734 12.95 -7.34 3.19
C LEU D 734 12.55 -6.29 4.24
N GLY D 735 13.20 -5.13 4.26
CA GLY D 735 12.78 -4.00 5.06
C GLY D 735 12.70 -4.37 6.53
N SER D 736 11.82 -3.71 7.28
CA SER D 736 11.72 -3.95 8.70
C SER D 736 11.24 -5.37 9.02
N ARG D 737 10.71 -6.16 8.04
CA ARG D 737 10.32 -7.56 8.28
C ARG D 737 11.47 -8.32 8.93
N CYS D 738 12.70 -8.03 8.57
CA CYS D 738 13.80 -8.80 9.09
C CYS D 738 14.14 -8.45 10.55
N ILE D 739 13.68 -7.33 11.10
CA ILE D 739 13.81 -7.12 12.54
C ILE D 739 13.14 -8.25 13.35
N TYR D 740 11.91 -8.67 13.01
CA TYR D 740 11.22 -9.79 13.63
C TYR D 740 12.01 -11.10 13.58
N MET D 741 12.75 -11.32 12.49
CA MET D 741 13.52 -12.53 12.33
C MET D 741 14.78 -12.49 13.19
N LYS D 742 15.33 -11.29 13.43
CA LYS D 742 16.67 -11.14 13.95
C LYS D 742 16.74 -10.76 15.42
N LEU D 743 15.80 -9.98 15.93
CA LEU D 743 15.97 -9.45 17.27
C LEU D 743 15.95 -10.55 18.34
N LEU D 744 16.40 -10.13 19.54
CA LEU D 744 16.52 -10.98 20.69
C LEU D 744 15.36 -10.80 21.67
N TRP D 745 14.20 -10.38 21.16
CA TRP D 745 12.93 -10.37 21.86
C TRP D 745 11.79 -10.34 20.84
N HIS D 746 10.56 -10.58 21.27
CA HIS D 746 9.44 -10.56 20.33
C HIS D 746 9.15 -9.10 19.99
N TYR D 747 9.55 -8.67 18.80
CA TYR D 747 9.48 -7.27 18.40
C TYR D 747 8.01 -6.79 18.35
N GLU E 4 13.88 -33.91 -1.18
CA GLU E 4 13.78 -33.77 -2.67
C GLU E 4 13.75 -32.29 -3.03
N VAL E 5 14.24 -31.96 -4.25
CA VAL E 5 14.62 -30.59 -4.58
C VAL E 5 13.42 -29.72 -4.97
N ALA E 6 13.59 -28.40 -4.71
CA ALA E 6 12.52 -27.41 -4.69
C ALA E 6 12.21 -26.93 -6.10
N ALA E 7 11.03 -26.35 -6.34
CA ALA E 7 10.76 -25.65 -7.61
C ALA E 7 11.43 -24.27 -7.62
N LEU E 8 11.49 -23.64 -8.82
CA LEU E 8 12.12 -22.33 -8.99
C LEU E 8 11.09 -21.24 -9.25
N VAL E 9 11.33 -20.03 -8.74
CA VAL E 9 10.45 -18.92 -8.97
C VAL E 9 11.25 -17.77 -9.65
N ILE E 10 10.79 -17.34 -10.84
CA ILE E 10 11.44 -16.28 -11.61
C ILE E 10 10.45 -15.12 -11.82
N ASP E 11 10.85 -13.90 -11.44
CA ASP E 11 10.07 -12.69 -11.64
C ASP E 11 10.62 -11.89 -12.82
N ASN E 12 9.93 -11.90 -13.95
CA ASN E 12 10.38 -11.28 -15.19
C ASN E 12 10.05 -9.78 -15.18
N GLY E 13 10.92 -8.99 -14.52
CA GLY E 13 10.73 -7.54 -14.36
C GLY E 13 11.26 -6.76 -15.57
N SER E 14 10.59 -5.65 -15.90
CA SER E 14 10.98 -4.71 -16.94
C SER E 14 12.31 -4.06 -16.61
N GLY E 15 12.59 -3.93 -15.29
CA GLY E 15 13.80 -3.27 -14.81
C GLY E 15 14.80 -4.31 -14.32
N MET E 16 14.33 -5.12 -13.36
CA MET E 16 15.18 -6.13 -12.72
C MET E 16 14.48 -7.47 -12.69
N CYS E 17 15.21 -8.49 -13.14
CA CYS E 17 14.78 -9.87 -13.01
C CYS E 17 15.15 -10.41 -11.63
N LYS E 18 14.28 -11.23 -11.00
CA LYS E 18 14.59 -11.82 -9.71
C LYS E 18 14.35 -13.33 -9.76
N ALA E 19 15.21 -14.13 -9.13
CA ALA E 19 15.04 -15.57 -9.16
C ALA E 19 15.49 -16.20 -7.84
N GLY E 20 14.92 -17.36 -7.52
CA GLY E 20 15.23 -18.02 -6.26
C GLY E 20 14.43 -19.32 -6.16
N PHE E 21 14.70 -20.06 -5.11
CA PHE E 21 14.06 -21.37 -4.97
C PHE E 21 12.74 -21.16 -4.24
N ALA E 22 11.69 -21.88 -4.63
CA ALA E 22 10.45 -21.81 -3.88
C ALA E 22 10.68 -22.15 -2.42
N GLY E 23 9.88 -21.53 -1.56
CA GLY E 23 10.07 -21.83 -0.16
C GLY E 23 10.92 -20.79 0.51
N ASP E 24 11.90 -20.22 -0.22
CA ASP E 24 12.71 -19.16 0.35
C ASP E 24 11.83 -17.93 0.57
N ASP E 25 12.15 -17.07 1.54
CA ASP E 25 11.37 -15.85 1.68
C ASP E 25 11.90 -14.66 0.87
N ALA E 26 13.07 -14.79 0.19
CA ALA E 26 13.59 -13.73 -0.66
C ALA E 26 14.37 -14.31 -1.84
N PRO E 27 14.51 -13.58 -2.97
CA PRO E 27 15.26 -14.10 -4.11
C PRO E 27 16.76 -14.30 -3.84
N ARG E 28 17.34 -15.27 -4.57
CA ARG E 28 18.78 -15.50 -4.57
C ARG E 28 19.51 -14.51 -5.46
N ALA E 29 18.84 -14.15 -6.57
CA ALA E 29 19.45 -13.43 -7.67
C ALA E 29 18.59 -12.26 -8.07
N VAL E 30 19.19 -11.06 -8.14
CA VAL E 30 18.48 -9.88 -8.59
C VAL E 30 19.43 -9.08 -9.48
N PHE E 31 19.08 -8.99 -10.76
CA PHE E 31 19.99 -8.43 -11.74
C PHE E 31 19.22 -7.75 -12.88
N PRO E 32 19.77 -6.65 -13.47
CA PRO E 32 19.02 -5.88 -14.48
C PRO E 32 18.63 -6.65 -15.69
N SER E 33 17.41 -6.46 -16.18
CA SER E 33 16.93 -7.23 -17.34
C SER E 33 17.50 -6.69 -18.64
N ILE E 34 18.83 -6.56 -18.72
CA ILE E 34 19.51 -5.96 -19.85
C ILE E 34 20.24 -7.07 -20.60
N VAL E 35 20.11 -7.14 -21.91
CA VAL E 35 20.94 -7.97 -22.77
C VAL E 35 21.78 -7.07 -23.66
N GLY E 36 23.06 -7.37 -23.77
CA GLY E 36 24.00 -6.62 -24.61
C GLY E 36 24.64 -7.49 -25.69
N ARG E 37 24.56 -7.01 -26.94
CA ARG E 37 25.09 -7.68 -28.12
C ARG E 37 26.11 -6.76 -28.80
N PRO E 38 27.16 -7.27 -29.49
CA PRO E 38 28.21 -6.38 -29.98
C PRO E 38 27.74 -5.40 -31.06
N ARG E 39 28.31 -4.19 -31.05
CA ARG E 39 27.94 -3.15 -32.03
C ARG E 39 28.47 -3.49 -33.43
N HIS E 40 29.75 -3.86 -33.48
CA HIS E 40 30.51 -4.10 -34.70
C HIS E 40 30.16 -5.47 -35.32
N ASP E 51 28.79 -13.99 -29.10
CA ASP E 51 28.66 -13.72 -27.65
C ASP E 51 27.55 -12.70 -27.38
N SER E 52 27.13 -12.68 -26.10
CA SER E 52 26.28 -11.65 -25.53
C SER E 52 26.49 -11.61 -24.01
N TYR E 53 26.09 -10.50 -23.40
CA TYR E 53 26.31 -10.28 -21.97
C TYR E 53 25.00 -9.84 -21.33
N VAL E 54 24.84 -10.10 -20.03
CA VAL E 54 23.55 -9.91 -19.36
C VAL E 54 23.78 -9.25 -18.01
N GLY E 55 22.87 -8.36 -17.61
CA GLY E 55 22.92 -7.79 -16.28
C GLY E 55 24.13 -6.88 -16.08
N ASP E 56 24.80 -6.95 -14.92
CA ASP E 56 25.83 -5.99 -14.58
C ASP E 56 26.99 -6.05 -15.58
N GLU E 57 27.30 -7.24 -16.14
CA GLU E 57 28.36 -7.38 -17.13
C GLU E 57 28.06 -6.49 -18.34
N ALA E 58 26.83 -6.54 -18.84
CA ALA E 58 26.43 -5.77 -20.01
C ALA E 58 26.51 -4.26 -19.73
N GLN E 59 26.15 -3.82 -18.53
CA GLN E 59 26.31 -2.43 -18.18
C GLN E 59 27.78 -2.05 -18.13
N SER E 60 28.64 -2.93 -17.57
CA SER E 60 30.09 -2.68 -17.46
C SER E 60 30.76 -2.58 -18.82
N LYS E 61 30.40 -3.47 -19.75
CA LYS E 61 31.02 -3.51 -21.06
C LYS E 61 30.25 -2.70 -22.10
N ARG E 62 29.49 -1.68 -21.70
CA ARG E 62 28.56 -0.97 -22.60
C ARG E 62 29.29 -0.38 -23.80
N GLY E 63 30.59 -0.05 -23.64
CA GLY E 63 31.36 0.62 -24.69
C GLY E 63 31.45 -0.14 -26.02
N ILE E 64 31.31 -1.48 -25.99
CA ILE E 64 31.39 -2.29 -27.21
C ILE E 64 30.05 -2.93 -27.59
N LEU E 65 28.96 -2.60 -26.86
CA LEU E 65 27.67 -3.28 -26.95
C LEU E 65 26.55 -2.32 -27.32
N THR E 66 25.56 -2.85 -28.08
CA THR E 66 24.20 -2.33 -28.07
C THR E 66 23.50 -3.02 -26.92
N LEU E 67 22.81 -2.25 -26.08
CA LEU E 67 22.02 -2.79 -24.99
C LEU E 67 20.53 -2.70 -25.35
N ARG E 68 19.76 -3.76 -25.12
CA ARG E 68 18.31 -3.64 -25.16
C ARG E 68 17.69 -4.34 -23.94
N TYR E 69 16.58 -3.75 -23.44
CA TYR E 69 15.66 -4.48 -22.56
C TYR E 69 14.77 -5.39 -23.40
N PRO E 70 14.55 -6.65 -23.01
CA PRO E 70 13.65 -7.53 -23.75
C PRO E 70 12.22 -7.38 -23.26
N ILE E 71 12.03 -6.79 -22.06
CA ILE E 71 10.71 -6.51 -21.50
C ILE E 71 10.49 -5.00 -21.51
N GLU E 72 9.37 -4.55 -22.09
CA GLU E 72 9.01 -3.14 -22.16
C GLU E 72 7.56 -2.97 -21.70
N HIS E 73 7.33 -1.99 -20.80
CA HIS E 73 6.02 -1.78 -20.17
C HIS E 73 5.45 -3.06 -19.57
N GLY E 74 6.29 -3.86 -18.92
CA GLY E 74 5.87 -5.09 -18.26
C GLY E 74 5.72 -6.31 -19.17
N VAL E 75 5.89 -6.16 -20.47
CA VAL E 75 5.57 -7.22 -21.42
C VAL E 75 6.83 -7.61 -22.21
N VAL E 76 7.07 -8.91 -22.45
CA VAL E 76 8.20 -9.36 -23.26
C VAL E 76 7.98 -8.97 -24.74
N THR E 77 9.05 -8.46 -25.38
CA THR E 77 9.01 -7.90 -26.71
C THR E 77 10.09 -8.43 -27.67
N ASN E 78 11.07 -9.17 -27.15
CA ASN E 78 12.15 -9.73 -27.95
C ASN E 78 12.51 -11.10 -27.36
N TRP E 79 11.94 -12.15 -27.93
CA TRP E 79 12.12 -13.47 -27.36
C TRP E 79 13.55 -13.99 -27.44
N ASP E 80 14.24 -13.71 -28.54
CA ASP E 80 15.61 -14.18 -28.70
C ASP E 80 16.51 -13.63 -27.60
N ASP E 81 16.21 -12.43 -27.10
CA ASP E 81 16.93 -11.83 -26.00
C ASP E 81 16.42 -12.39 -24.69
N MET E 82 15.10 -12.56 -24.54
CA MET E 82 14.55 -13.00 -23.26
C MET E 82 15.12 -14.38 -22.91
N GLU E 83 15.26 -15.26 -23.89
CA GLU E 83 15.82 -16.58 -23.67
C GLU E 83 17.23 -16.49 -23.06
N LYS E 84 18.04 -15.49 -23.43
CA LYS E 84 19.35 -15.31 -22.84
C LYS E 84 19.25 -14.90 -21.36
N ILE E 85 18.21 -14.15 -20.98
CA ILE E 85 18.09 -13.76 -19.60
C ILE E 85 17.81 -15.01 -18.78
N TRP E 86 16.88 -15.87 -19.20
CA TRP E 86 16.66 -17.08 -18.45
C TRP E 86 17.89 -17.98 -18.42
N HIS E 87 18.63 -18.06 -19.53
CA HIS E 87 19.88 -18.80 -19.52
C HIS E 87 20.86 -18.28 -18.46
N HIS E 88 21.06 -16.98 -18.39
CA HIS E 88 21.87 -16.36 -17.34
C HIS E 88 21.30 -16.65 -15.95
N THR E 89 19.98 -16.65 -15.82
CA THR E 89 19.33 -16.80 -14.52
C THR E 89 19.62 -18.17 -13.93
N PHE E 90 19.40 -19.20 -14.76
CA PHE E 90 19.60 -20.58 -14.33
C PHE E 90 21.08 -20.92 -14.16
N TYR E 91 21.89 -20.72 -15.20
CA TYR E 91 23.24 -21.27 -15.22
C TYR E 91 24.31 -20.39 -14.54
N ASN E 92 24.18 -19.06 -14.51
CA ASN E 92 25.17 -18.19 -13.89
C ASN E 92 24.74 -17.75 -12.48
N GLU E 93 23.47 -17.34 -12.31
CA GLU E 93 23.01 -16.72 -11.07
C GLU E 93 22.59 -17.76 -10.04
N LEU E 94 21.63 -18.63 -10.39
CA LEU E 94 21.15 -19.65 -9.47
C LEU E 94 22.13 -20.83 -9.36
N ARG E 95 22.93 -21.07 -10.41
CA ARG E 95 23.82 -22.22 -10.51
C ARG E 95 23.05 -23.55 -10.41
N VAL E 96 21.87 -23.68 -11.03
CA VAL E 96 21.14 -24.95 -11.07
C VAL E 96 20.53 -25.23 -12.44
N ALA E 97 20.49 -26.51 -12.82
CA ALA E 97 20.00 -26.89 -14.14
C ALA E 97 18.48 -27.13 -14.11
N PRO E 98 17.67 -26.44 -14.96
CA PRO E 98 16.24 -26.58 -14.93
C PRO E 98 15.72 -27.99 -15.20
N GLU E 99 16.53 -28.84 -15.82
CA GLU E 99 16.13 -30.21 -16.13
C GLU E 99 15.77 -31.01 -14.88
N GLU E 100 16.01 -30.49 -13.66
CA GLU E 100 15.64 -31.19 -12.44
C GLU E 100 14.68 -30.41 -11.53
N HIS E 101 14.10 -29.30 -11.98
CA HIS E 101 13.25 -28.46 -11.14
C HIS E 101 12.02 -27.94 -11.88
N PRO E 102 10.79 -28.02 -11.30
CA PRO E 102 9.67 -27.27 -11.82
C PRO E 102 9.90 -25.76 -11.69
N VAL E 103 9.22 -24.96 -12.54
CA VAL E 103 9.45 -23.53 -12.57
C VAL E 103 8.12 -22.78 -12.57
N LEU E 104 8.05 -21.73 -11.73
CA LEU E 104 6.97 -20.76 -11.72
C LEU E 104 7.45 -19.40 -12.25
N LEU E 105 6.80 -18.93 -13.32
CA LEU E 105 7.09 -17.65 -13.94
C LEU E 105 5.98 -16.68 -13.60
N THR E 106 6.37 -15.47 -13.21
CA THR E 106 5.42 -14.38 -13.12
C THR E 106 5.22 -13.72 -14.50
N GLU E 107 4.04 -13.12 -14.67
CA GLU E 107 3.71 -12.32 -15.84
C GLU E 107 2.82 -11.13 -15.48
N ALA E 108 2.88 -10.07 -16.30
CA ALA E 108 2.12 -8.85 -16.06
C ALA E 108 0.63 -9.07 -16.30
N PRO E 109 -0.26 -8.32 -15.63
CA PRO E 109 -1.71 -8.46 -15.88
C PRO E 109 -2.02 -8.05 -17.31
N ILE E 110 -3.03 -8.72 -17.88
CA ILE E 110 -3.48 -8.58 -19.27
C ILE E 110 -2.32 -8.52 -20.29
N ASN E 111 -1.29 -9.37 -20.12
CA ASN E 111 -0.31 -9.63 -21.19
C ASN E 111 -0.97 -10.49 -22.25
N PRO E 112 -0.49 -10.44 -23.51
CA PRO E 112 -1.19 -11.05 -24.63
C PRO E 112 -1.17 -12.57 -24.52
N LYS E 113 -2.22 -13.26 -24.96
CA LYS E 113 -2.19 -14.73 -24.98
C LYS E 113 -0.91 -15.25 -25.65
N SER E 114 -0.49 -14.66 -26.77
CA SER E 114 0.66 -15.20 -27.47
C SER E 114 1.90 -15.24 -26.56
N ASN E 115 2.06 -14.28 -25.65
CA ASN E 115 3.19 -14.31 -24.74
C ASN E 115 3.15 -15.45 -23.70
N ARG E 116 1.98 -15.81 -23.19
CA ARG E 116 1.84 -16.98 -22.35
C ARG E 116 2.34 -18.20 -23.10
N GLU E 117 1.92 -18.35 -24.35
CA GLU E 117 2.29 -19.49 -25.17
C GLU E 117 3.79 -19.48 -25.39
N LYS E 118 4.35 -18.35 -25.78
CA LYS E 118 5.75 -18.33 -26.13
C LYS E 118 6.62 -18.62 -24.90
N MET E 119 6.33 -18.11 -23.70
CA MET E 119 7.17 -18.45 -22.55
C MET E 119 6.93 -19.88 -22.10
N THR E 120 5.77 -20.46 -22.38
CA THR E 120 5.58 -21.89 -22.17
C THR E 120 6.55 -22.65 -23.07
N GLN E 121 6.64 -22.25 -24.34
CA GLN E 121 7.45 -22.95 -25.30
C GLN E 121 8.87 -22.93 -24.82
N ILE E 122 9.36 -21.78 -24.40
CA ILE E 122 10.78 -21.68 -24.08
C ILE E 122 11.24 -22.45 -22.82
N VAL E 123 10.54 -22.45 -21.69
CA VAL E 123 11.09 -23.20 -20.56
C VAL E 123 10.90 -24.73 -20.71
N PHE E 124 10.09 -25.22 -21.65
CA PHE E 124 10.14 -26.64 -22.04
C PHE E 124 11.20 -26.89 -23.11
N GLU E 125 11.20 -26.15 -24.20
CA GLU E 125 11.89 -26.57 -25.40
C GLU E 125 13.33 -26.11 -25.37
N THR E 126 13.66 -25.09 -24.58
CA THR E 126 15.05 -24.63 -24.49
C THR E 126 15.71 -25.15 -23.22
N PHE E 127 14.92 -25.26 -22.15
CA PHE E 127 15.47 -25.58 -20.84
C PHE E 127 15.07 -26.96 -20.30
N ASN E 128 14.21 -27.71 -21.01
CA ASN E 128 13.83 -29.08 -20.68
C ASN E 128 13.30 -29.19 -19.25
N ALA E 129 12.66 -28.12 -18.74
CA ALA E 129 12.08 -28.11 -17.40
C ALA E 129 10.95 -29.17 -17.32
N PRO E 130 10.84 -29.90 -16.20
CA PRO E 130 9.89 -30.98 -16.09
C PRO E 130 8.44 -30.53 -16.00
N ALA E 131 8.14 -29.45 -15.28
CA ALA E 131 6.76 -29.02 -15.04
C ALA E 131 6.81 -27.53 -14.67
N PHE E 132 5.80 -26.77 -15.09
CA PHE E 132 5.92 -25.33 -15.08
C PHE E 132 4.55 -24.63 -15.03
N TYR E 133 4.57 -23.38 -14.51
CA TYR E 133 3.36 -22.62 -14.21
C TYR E 133 3.58 -21.14 -14.36
N VAL E 134 2.58 -20.45 -14.92
CA VAL E 134 2.62 -19.01 -15.18
C VAL E 134 1.60 -18.32 -14.29
N SER E 135 1.93 -17.16 -13.76
CA SER E 135 1.15 -16.60 -12.66
C SER E 135 1.05 -15.07 -12.76
N ILE E 136 -0.15 -14.54 -12.48
CA ILE E 136 -0.39 -13.11 -12.61
C ILE E 136 0.24 -12.34 -11.45
N GLN E 137 1.16 -11.44 -11.76
CA GLN E 137 2.02 -10.83 -10.78
C GLN E 137 1.21 -10.17 -9.68
N ALA E 138 0.09 -9.51 -10.03
CA ALA E 138 -0.72 -8.80 -9.04
C ALA E 138 -1.25 -9.76 -7.97
N VAL E 139 -1.83 -10.88 -8.42
CA VAL E 139 -2.35 -11.88 -7.50
C VAL E 139 -1.30 -12.34 -6.50
N LEU E 140 -0.11 -12.67 -6.98
CA LEU E 140 0.94 -13.13 -6.08
C LEU E 140 1.23 -12.05 -5.05
N SER E 141 1.28 -10.78 -5.46
CA SER E 141 1.62 -9.74 -4.51
C SER E 141 0.52 -9.66 -3.45
N LEU E 142 -0.72 -10.02 -3.81
CA LEU E 142 -1.80 -10.07 -2.84
C LEU E 142 -1.59 -11.22 -1.86
N TYR E 143 -1.30 -12.45 -2.30
CA TYR E 143 -0.99 -13.51 -1.36
C TYR E 143 0.08 -13.07 -0.35
N ALA E 144 1.20 -12.58 -0.83
CA ALA E 144 2.26 -12.12 0.05
C ALA E 144 1.78 -11.04 1.01
N SER E 145 0.78 -10.24 0.60
CA SER E 145 0.25 -9.18 1.45
C SER E 145 -0.76 -9.71 2.46
N GLY E 146 -0.99 -10.99 2.54
CA GLY E 146 -1.70 -11.41 3.73
C GLY E 146 -3.20 -11.65 3.53
N ARG E 147 -3.73 -11.70 2.29
CA ARG E 147 -5.18 -11.70 2.16
C ARG E 147 -5.72 -12.21 0.83
N THR E 148 -7.03 -12.50 0.77
CA THR E 148 -7.59 -13.21 -0.38
C THR E 148 -8.28 -12.28 -1.36
N THR E 149 -8.66 -11.09 -0.87
CA THR E 149 -9.44 -10.11 -1.61
C THR E 149 -8.87 -8.74 -1.32
N GLY E 150 -8.74 -7.96 -2.39
CA GLY E 150 -8.17 -6.63 -2.28
C GLY E 150 -7.92 -6.07 -3.68
N ILE E 151 -7.37 -4.85 -3.71
CA ILE E 151 -7.03 -4.23 -4.97
C ILE E 151 -5.56 -3.89 -4.92
N VAL E 152 -4.81 -4.36 -5.92
CA VAL E 152 -3.36 -4.24 -5.94
C VAL E 152 -2.95 -3.11 -6.86
N LEU E 153 -2.38 -2.02 -6.32
CA LEU E 153 -1.64 -1.10 -7.17
C LEU E 153 -0.22 -1.66 -7.26
N ASP E 154 0.13 -2.16 -8.45
CA ASP E 154 1.45 -2.68 -8.74
C ASP E 154 2.13 -1.63 -9.60
N SER E 155 3.27 -1.11 -9.16
CA SER E 155 3.91 -0.04 -9.88
C SER E 155 5.41 -0.29 -9.89
N GLY E 156 5.88 -0.66 -11.09
CA GLY E 156 7.22 -1.16 -11.29
C GLY E 156 8.14 -0.10 -11.87
N ASP E 157 9.11 -0.58 -12.62
CA ASP E 157 10.01 0.27 -13.35
C ASP E 157 9.31 0.73 -14.62
N GLY E 158 8.55 -0.21 -15.23
CA GLY E 158 8.14 -0.04 -16.62
C GLY E 158 6.67 0.32 -16.77
N VAL E 159 5.83 -0.17 -15.84
CA VAL E 159 4.41 0.05 -15.98
C VAL E 159 3.74 0.13 -14.63
N THR E 160 2.58 0.79 -14.56
CA THR E 160 1.78 0.72 -13.33
C THR E 160 0.39 0.14 -13.61
N HIS E 161 0.01 -0.96 -12.95
CA HIS E 161 -1.31 -1.50 -13.07
C HIS E 161 -2.09 -1.40 -11.77
N VAL E 162 -3.40 -1.23 -11.85
CA VAL E 162 -4.30 -1.40 -10.72
C VAL E 162 -5.16 -2.61 -11.02
N VAL E 163 -5.21 -3.56 -10.06
CA VAL E 163 -5.86 -4.84 -10.30
C VAL E 163 -6.76 -5.16 -9.11
N PRO E 164 -8.10 -5.12 -9.25
CA PRO E 164 -9.01 -5.71 -8.28
C PRO E 164 -9.07 -7.24 -8.30
N ILE E 165 -9.00 -7.85 -7.12
CA ILE E 165 -8.98 -9.30 -6.96
C ILE E 165 -9.96 -9.67 -5.86
N TYR E 166 -10.87 -10.60 -6.18
CA TYR E 166 -11.91 -11.02 -5.23
C TYR E 166 -11.95 -12.54 -5.16
N GLU E 167 -11.83 -13.05 -3.92
CA GLU E 167 -11.70 -14.47 -3.66
C GLU E 167 -10.64 -15.08 -4.58
N GLY E 168 -9.46 -14.38 -4.60
CA GLY E 168 -8.25 -14.84 -5.28
C GLY E 168 -8.33 -14.91 -6.81
N PHE E 169 -9.40 -14.35 -7.38
CA PHE E 169 -9.58 -14.27 -8.83
C PHE E 169 -9.43 -12.83 -9.22
N SER E 170 -8.47 -12.52 -10.10
CA SER E 170 -8.23 -11.14 -10.52
C SER E 170 -9.23 -10.82 -11.61
N LEU E 171 -10.02 -9.75 -11.40
CA LEU E 171 -11.03 -9.34 -12.38
C LEU E 171 -10.27 -8.69 -13.53
N PRO E 172 -10.24 -9.25 -14.75
CA PRO E 172 -9.51 -8.63 -15.84
C PRO E 172 -10.12 -7.30 -16.26
N HIS E 173 -11.47 -7.20 -16.35
CA HIS E 173 -12.12 -6.04 -16.90
C HIS E 173 -11.86 -4.77 -16.12
N ALA E 174 -11.62 -4.93 -14.83
CA ALA E 174 -11.51 -3.78 -13.93
C ALA E 174 -10.09 -3.28 -13.84
N ILE E 175 -9.17 -3.85 -14.62
CA ILE E 175 -7.76 -3.44 -14.55
C ILE E 175 -7.57 -2.17 -15.34
N ALA E 176 -6.87 -1.22 -14.71
CA ALA E 176 -6.54 0.03 -15.36
C ALA E 176 -5.00 0.15 -15.30
N ARG E 177 -4.38 0.60 -16.40
CA ARG E 177 -2.93 0.64 -16.57
C ARG E 177 -2.46 2.07 -16.75
N LEU E 178 -1.86 2.64 -15.72
CA LEU E 178 -1.22 3.94 -15.81
C LEU E 178 0.12 3.69 -16.49
N ASP E 179 0.30 4.20 -17.71
CA ASP E 179 1.40 3.75 -18.56
C ASP E 179 2.75 4.34 -18.13
N MET E 180 2.91 4.58 -16.83
CA MET E 180 3.94 5.45 -16.31
C MET E 180 4.41 4.95 -14.94
N ALA E 181 5.71 4.98 -14.69
CA ALA E 181 6.33 4.13 -13.69
C ALA E 181 7.73 4.63 -13.37
N GLY E 182 8.52 3.79 -12.73
CA GLY E 182 9.79 4.20 -12.18
C GLY E 182 10.82 4.74 -13.17
N ARG E 183 10.87 4.30 -14.44
CA ARG E 183 11.80 4.88 -15.41
C ARG E 183 11.37 6.30 -15.72
N ASP E 184 10.08 6.49 -16.02
CA ASP E 184 9.57 7.81 -16.34
C ASP E 184 9.88 8.82 -15.25
N LEU E 185 9.75 8.41 -13.98
CA LEU E 185 10.11 9.28 -12.88
C LEU E 185 11.62 9.54 -12.82
N THR E 186 12.44 8.64 -13.38
CA THR E 186 13.88 8.88 -13.46
C THR E 186 14.21 9.85 -14.61
N ASP E 187 13.64 9.64 -15.82
CA ASP E 187 13.74 10.60 -16.89
C ASP E 187 13.33 11.99 -16.40
N TYR E 188 12.19 12.05 -15.70
CA TYR E 188 11.68 13.29 -15.14
C TYR E 188 12.63 13.91 -14.11
N LEU E 189 13.24 13.12 -13.23
CA LEU E 189 14.17 13.71 -12.29
C LEU E 189 15.46 14.19 -12.97
N MET E 190 15.87 13.59 -14.10
CA MET E 190 16.95 14.15 -14.88
C MET E 190 16.50 15.52 -15.39
N LYS E 191 15.31 15.57 -16.03
CA LYS E 191 14.78 16.81 -16.60
C LYS E 191 14.85 17.94 -15.57
N ILE E 192 14.27 17.79 -14.40
CA ILE E 192 14.16 18.89 -13.46
C ILE E 192 15.51 19.21 -12.83
N LEU E 193 16.46 18.28 -12.77
CA LEU E 193 17.79 18.65 -12.28
C LEU E 193 18.59 19.40 -13.37
N ALA E 194 18.38 19.06 -14.66
CA ALA E 194 18.95 19.83 -15.76
C ALA E 194 18.44 21.28 -15.73
N GLU E 195 17.16 21.48 -15.40
CA GLU E 195 16.60 22.81 -15.21
C GLU E 195 17.25 23.52 -14.02
N ARG E 196 17.66 22.78 -12.98
CA ARG E 196 18.30 23.39 -11.83
C ARG E 196 19.76 23.78 -12.12
N GLY E 197 20.46 23.04 -12.99
CA GLY E 197 21.78 23.47 -13.45
C GLY E 197 22.81 22.36 -13.65
N TYR E 198 22.53 21.14 -13.18
CA TYR E 198 23.43 20.00 -13.33
C TYR E 198 23.30 19.37 -14.72
N THR E 199 24.27 18.54 -15.12
CA THR E 199 24.20 17.82 -16.39
C THR E 199 24.06 16.31 -16.14
N PHE E 200 23.07 15.66 -16.80
CA PHE E 200 22.84 14.23 -16.59
C PHE E 200 22.42 13.48 -17.87
N SER E 201 22.86 13.92 -19.06
CA SER E 201 22.39 13.34 -20.32
C SER E 201 22.84 11.90 -20.59
N THR E 202 24.00 11.50 -20.06
CA THR E 202 24.69 10.24 -20.41
C THR E 202 24.04 9.03 -19.72
N THR E 203 24.11 7.80 -20.28
CA THR E 203 23.60 6.63 -19.57
C THR E 203 24.35 6.37 -18.25
N ALA E 204 25.68 6.55 -18.24
CA ALA E 204 26.47 6.47 -17.01
C ALA E 204 26.16 7.59 -16.00
N GLU E 205 25.37 8.59 -16.41
CA GLU E 205 24.83 9.61 -15.52
C GLU E 205 23.42 9.22 -15.07
N ARG E 206 22.58 8.76 -16.00
CA ARG E 206 21.23 8.25 -15.72
C ARG E 206 21.24 7.22 -14.57
N GLU E 207 22.15 6.25 -14.60
CA GLU E 207 22.20 5.25 -13.56
C GLU E 207 22.65 5.84 -12.23
N ILE E 208 23.15 7.09 -12.21
CA ILE E 208 23.32 7.80 -10.94
C ILE E 208 21.98 8.38 -10.52
N VAL E 209 21.29 9.00 -11.46
CA VAL E 209 20.04 9.64 -11.13
C VAL E 209 19.04 8.63 -10.60
N ARG E 210 18.98 7.39 -11.10
CA ARG E 210 18.08 6.38 -10.55
C ARG E 210 18.40 6.03 -9.10
N ASP E 211 19.67 6.07 -8.72
CA ASP E 211 20.02 5.92 -7.32
C ASP E 211 19.58 7.14 -6.50
N ILE E 212 19.70 8.34 -7.07
CA ILE E 212 19.25 9.56 -6.41
C ILE E 212 17.77 9.44 -6.14
N LYS E 213 17.01 9.02 -7.13
CA LYS E 213 15.58 8.79 -6.95
C LYS E 213 15.29 7.81 -5.83
N GLU E 214 15.97 6.68 -5.80
CA GLU E 214 15.75 5.67 -4.77
C GLU E 214 16.08 6.18 -3.36
N LYS E 215 17.09 7.02 -3.17
CA LYS E 215 17.39 7.50 -1.85
C LYS E 215 16.53 8.70 -1.44
N LEU E 216 16.56 9.79 -2.22
CA LEU E 216 16.27 11.10 -1.69
C LEU E 216 14.80 11.49 -1.82
N CYS E 217 14.09 10.90 -2.77
CA CYS E 217 12.72 11.31 -3.00
C CYS E 217 11.75 10.89 -1.90
N TYR E 218 10.61 11.59 -1.83
CA TYR E 218 9.47 11.24 -1.00
C TYR E 218 8.18 11.79 -1.57
N VAL E 219 7.03 11.37 -1.10
CA VAL E 219 5.77 11.90 -1.59
C VAL E 219 5.23 12.86 -0.52
N ALA E 220 4.90 14.07 -0.96
CA ALA E 220 4.36 15.08 -0.07
C ALA E 220 2.95 14.71 0.32
N LEU E 221 2.58 15.02 1.58
CA LEU E 221 1.19 14.83 2.00
C LEU E 221 0.29 15.95 1.45
N ASP E 222 0.85 17.17 1.37
CA ASP E 222 0.17 18.33 0.80
C ASP E 222 1.13 18.99 -0.18
N PHE E 223 0.91 18.77 -1.48
CA PHE E 223 1.89 19.16 -2.48
C PHE E 223 1.95 20.67 -2.60
N GLU E 224 0.78 21.32 -2.62
CA GLU E 224 0.75 22.77 -2.72
C GLU E 224 1.45 23.43 -1.52
N GLN E 225 1.24 22.91 -0.30
CA GLN E 225 1.86 23.44 0.90
C GLN E 225 3.39 23.22 0.90
N GLU E 226 3.86 22.07 0.43
CA GLU E 226 5.30 21.83 0.31
C GLU E 226 5.90 22.78 -0.72
N ILE E 227 5.28 22.97 -1.89
CA ILE E 227 5.77 23.91 -2.87
C ILE E 227 5.85 25.30 -2.23
N GLN E 228 4.81 25.70 -1.48
CA GLN E 228 4.78 27.00 -0.85
C GLN E 228 5.88 27.19 0.21
N THR E 229 6.29 26.12 0.93
CA THR E 229 7.26 26.21 2.02
C THR E 229 8.71 25.89 1.59
N ALA E 230 8.85 25.15 0.48
CA ALA E 230 10.16 24.81 -0.09
C ALA E 230 10.97 26.03 -0.48
N ALA E 231 10.28 27.15 -0.76
CA ALA E 231 10.89 28.43 -1.11
C ALA E 231 11.75 29.00 0.04
N GLN E 232 11.57 28.49 1.27
CA GLN E 232 12.18 29.08 2.47
C GLN E 232 12.93 28.04 3.32
N SER E 233 12.44 26.79 3.39
CA SER E 233 13.05 25.72 4.17
C SER E 233 14.47 25.34 3.70
N SER E 234 15.39 25.16 4.69
CA SER E 234 16.72 24.60 4.47
C SER E 234 16.73 23.07 4.52
N HIS E 235 15.89 22.50 5.40
CA HIS E 235 15.84 21.08 5.72
C HIS E 235 15.65 20.19 4.49
N LEU E 236 14.86 20.69 3.54
CA LEU E 236 14.48 19.95 2.35
C LEU E 236 15.68 19.63 1.45
N GLU E 237 16.69 20.51 1.40
CA GLU E 237 17.71 20.44 0.36
C GLU E 237 18.86 19.51 0.76
N LYS E 238 18.60 18.20 0.64
CA LYS E 238 19.58 17.15 0.85
C LYS E 238 20.56 17.04 -0.30
N SER E 239 21.75 16.52 0.02
CA SER E 239 22.89 16.51 -0.89
C SER E 239 23.40 15.08 -1.07
N TYR E 240 24.02 14.83 -2.21
CA TYR E 240 24.33 13.50 -2.71
C TYR E 240 25.67 13.53 -3.45
N GLU E 241 26.60 12.61 -3.09
CA GLU E 241 27.90 12.57 -3.73
C GLU E 241 27.84 11.72 -4.99
N LEU E 242 28.32 12.28 -6.11
CA LEU E 242 28.49 11.48 -7.31
C LEU E 242 29.68 10.54 -7.12
N PRO E 243 29.78 9.41 -7.89
CA PRO E 243 31.03 8.64 -7.97
C PRO E 243 32.23 9.47 -8.41
N ASP E 244 31.96 10.52 -9.20
CA ASP E 244 32.91 11.51 -9.69
C ASP E 244 33.53 12.35 -8.56
N GLY E 245 32.93 12.36 -7.37
CA GLY E 245 33.46 13.09 -6.21
C GLY E 245 32.84 14.48 -6.01
N GLN E 246 32.28 15.09 -7.06
CA GLN E 246 31.50 16.32 -6.93
C GLN E 246 30.16 16.04 -6.24
N VAL E 247 29.62 17.05 -5.55
CA VAL E 247 28.45 16.86 -4.70
C VAL E 247 27.28 17.67 -5.24
N ILE E 248 26.15 17.00 -5.53
CA ILE E 248 24.95 17.72 -5.93
C ILE E 248 24.04 18.01 -4.74
N THR E 249 23.16 19.00 -4.91
CA THR E 249 22.11 19.29 -3.95
C THR E 249 20.80 19.42 -4.72
N ILE E 250 19.75 18.75 -4.21
CA ILE E 250 18.41 18.81 -4.78
C ILE E 250 17.38 19.20 -3.71
N GLY E 251 16.35 19.94 -4.12
CA GLY E 251 15.38 20.56 -3.22
C GLY E 251 13.96 20.08 -3.54
N ASN E 252 13.10 20.97 -4.05
CA ASN E 252 11.73 20.57 -4.37
C ASN E 252 11.71 19.47 -5.43
N GLU E 253 12.84 19.19 -6.09
CA GLU E 253 13.00 18.04 -6.97
C GLU E 253 12.65 16.76 -6.24
N ARG E 254 12.95 16.69 -4.92
CA ARG E 254 12.75 15.49 -4.10
C ARG E 254 11.33 14.98 -4.18
N PHE E 255 10.34 15.86 -4.10
CA PHE E 255 8.97 15.45 -4.16
C PHE E 255 8.37 15.66 -5.54
N ARG E 256 8.86 16.63 -6.33
CA ARG E 256 8.33 16.79 -7.67
C ARG E 256 8.56 15.55 -8.54
N ALA E 257 9.60 14.75 -8.28
CA ALA E 257 9.78 13.51 -9.03
C ALA E 257 8.65 12.52 -8.71
N PRO E 258 8.39 12.07 -7.45
CA PRO E 258 7.27 11.19 -7.18
C PRO E 258 5.91 11.79 -7.43
N GLU E 259 5.76 13.13 -7.31
CA GLU E 259 4.46 13.78 -7.43
C GLU E 259 3.84 13.50 -8.79
N ALA E 260 4.66 13.18 -9.78
CA ALA E 260 4.15 12.80 -11.09
C ALA E 260 3.25 11.57 -11.04
N LEU E 261 3.39 10.69 -10.06
CA LEU E 261 2.40 9.64 -9.86
C LEU E 261 0.98 10.17 -9.63
N PHE E 262 0.92 11.28 -8.88
CA PHE E 262 -0.33 11.87 -8.45
C PHE E 262 -0.85 12.91 -9.45
N GLN E 263 0.06 13.49 -10.24
CA GLN E 263 -0.28 14.46 -11.27
C GLN E 263 0.56 14.18 -12.52
N PRO E 264 0.23 13.20 -13.38
CA PRO E 264 1.01 12.92 -14.59
C PRO E 264 1.12 14.08 -15.59
N SER E 265 0.27 15.12 -15.49
CA SER E 265 0.51 16.36 -16.21
C SER E 265 1.90 16.94 -15.94
N VAL E 266 2.40 16.79 -14.70
CA VAL E 266 3.66 17.36 -14.25
C VAL E 266 4.81 16.79 -15.10
N LEU E 267 4.62 15.65 -15.77
CA LEU E 267 5.59 15.13 -16.72
C LEU E 267 4.98 14.91 -18.11
N GLY E 268 3.80 15.47 -18.38
CA GLY E 268 3.32 15.63 -19.74
C GLY E 268 2.67 14.40 -20.37
N LEU E 269 1.74 13.75 -19.66
CA LEU E 269 0.79 12.83 -20.28
C LEU E 269 -0.61 12.98 -19.70
N GLU E 270 -1.64 12.44 -20.40
CA GLU E 270 -3.02 12.80 -20.12
C GLU E 270 -3.74 11.77 -19.23
N SER E 271 -3.04 10.75 -18.74
CA SER E 271 -3.66 9.80 -17.83
C SER E 271 -3.82 10.38 -16.42
N GLY E 272 -4.93 9.97 -15.75
CA GLY E 272 -5.22 10.24 -14.34
C GLY E 272 -4.18 9.61 -13.44
N GLY E 273 -3.92 10.21 -12.26
CA GLY E 273 -2.91 9.69 -11.33
C GLY E 273 -3.23 8.31 -10.74
N ILE E 274 -2.33 7.79 -9.90
CA ILE E 274 -2.54 6.47 -9.32
C ILE E 274 -3.80 6.46 -8.45
N HIS E 275 -4.14 7.57 -7.80
CA HIS E 275 -5.26 7.60 -6.89
C HIS E 275 -6.57 7.54 -7.67
N VAL E 276 -6.75 8.43 -8.66
CA VAL E 276 -7.93 8.36 -9.50
C VAL E 276 -8.05 7.03 -10.25
N THR E 277 -6.95 6.43 -10.73
CA THR E 277 -7.02 5.11 -11.35
C THR E 277 -7.40 4.04 -10.33
N THR E 278 -6.95 4.14 -9.09
CA THR E 278 -7.38 3.18 -8.09
C THR E 278 -8.89 3.29 -7.93
N PHE E 279 -9.38 4.50 -7.72
CA PHE E 279 -10.81 4.76 -7.55
C PHE E 279 -11.58 4.25 -8.77
N ASN E 280 -11.16 4.54 -9.99
CA ASN E 280 -11.86 4.07 -11.17
C ASN E 280 -11.87 2.54 -11.25
N SER E 281 -10.79 1.86 -10.91
CA SER E 281 -10.80 0.40 -10.86
C SER E 281 -11.83 -0.10 -9.85
N ILE E 282 -11.85 0.47 -8.65
CA ILE E 282 -12.85 0.06 -7.67
C ILE E 282 -14.23 0.29 -8.26
N MET E 283 -14.49 1.43 -8.90
CA MET E 283 -15.82 1.76 -9.38
C MET E 283 -16.24 0.88 -10.54
N LYS E 284 -15.30 0.23 -11.24
CA LYS E 284 -15.65 -0.71 -12.30
C LYS E 284 -16.08 -2.07 -11.73
N CYS E 285 -15.91 -2.30 -10.42
CA CYS E 285 -16.33 -3.54 -9.77
C CYS E 285 -17.81 -3.54 -9.34
N ASP E 286 -18.33 -4.76 -9.11
CA ASP E 286 -19.66 -5.00 -8.57
C ASP E 286 -19.82 -4.27 -7.24
N VAL E 287 -20.98 -3.65 -6.98
CA VAL E 287 -21.24 -2.82 -5.82
C VAL E 287 -20.93 -3.56 -4.53
N ASP E 288 -21.29 -4.85 -4.48
CA ASP E 288 -21.20 -5.68 -3.30
C ASP E 288 -19.74 -5.94 -2.87
N VAL E 289 -18.82 -5.84 -3.82
CA VAL E 289 -17.40 -6.17 -3.65
C VAL E 289 -16.66 -4.95 -3.12
N ARG E 290 -17.09 -3.72 -3.46
CA ARG E 290 -16.33 -2.49 -3.26
C ARG E 290 -16.02 -2.27 -1.78
N LYS E 291 -16.94 -2.66 -0.87
CA LYS E 291 -16.69 -2.51 0.54
C LYS E 291 -15.34 -3.12 0.90
N ASP E 292 -15.09 -4.34 0.37
CA ASP E 292 -13.91 -5.13 0.68
C ASP E 292 -12.69 -4.50 0.02
N LEU E 293 -12.81 -4.05 -1.23
CA LEU E 293 -11.65 -3.48 -1.91
C LEU E 293 -11.17 -2.22 -1.21
N TYR E 294 -12.05 -1.27 -0.85
CA TYR E 294 -11.59 -0.13 -0.09
C TYR E 294 -10.93 -0.55 1.23
N GLY E 295 -11.39 -1.66 1.82
CA GLY E 295 -10.82 -2.20 3.05
C GLY E 295 -9.49 -2.95 2.85
N ASN E 296 -9.03 -3.08 1.61
CA ASN E 296 -7.91 -3.95 1.27
C ASN E 296 -7.16 -3.44 0.03
N ILE E 297 -6.74 -2.18 0.04
CA ILE E 297 -5.84 -1.65 -0.98
C ILE E 297 -4.41 -2.11 -0.69
N VAL E 298 -3.73 -2.73 -1.66
CA VAL E 298 -2.44 -3.34 -1.44
C VAL E 298 -1.47 -2.75 -2.43
N MET E 299 -0.27 -2.39 -1.95
CA MET E 299 0.77 -1.79 -2.77
C MET E 299 1.91 -2.75 -3.09
N SER E 300 2.36 -2.73 -4.32
CA SER E 300 3.33 -3.69 -4.82
C SER E 300 4.30 -3.01 -5.79
N GLY E 301 5.50 -3.54 -5.85
CA GLY E 301 6.44 -3.10 -6.85
C GLY E 301 7.27 -1.91 -6.40
N GLY E 302 8.44 -1.76 -7.01
CA GLY E 302 9.48 -0.89 -6.51
C GLY E 302 9.03 0.58 -6.48
N THR E 303 8.21 1.05 -7.43
CA THR E 303 7.81 2.44 -7.46
C THR E 303 6.94 2.79 -6.26
N THR E 304 6.32 1.81 -5.61
CA THR E 304 5.52 2.08 -4.43
C THR E 304 6.35 2.22 -3.15
N MET E 305 7.66 2.33 -3.27
CA MET E 305 8.48 2.33 -2.08
C MET E 305 8.80 3.73 -1.59
N TYR E 306 8.37 4.82 -2.24
CA TYR E 306 8.73 6.17 -1.79
C TYR E 306 8.16 6.47 -0.43
N PRO E 307 8.96 6.94 0.55
CA PRO E 307 8.43 7.28 1.87
C PRO E 307 7.17 8.10 1.75
N GLY E 308 6.12 7.61 2.42
CA GLY E 308 4.86 8.31 2.57
C GLY E 308 3.90 8.15 1.41
N LEU E 309 4.18 7.25 0.47
CA LEU E 309 3.23 6.94 -0.59
C LEU E 309 1.91 6.42 -0.04
N SER E 310 1.96 5.64 1.05
CA SER E 310 0.74 5.10 1.63
C SER E 310 -0.09 6.23 2.24
N ASP E 311 0.53 7.15 2.99
CA ASP E 311 -0.21 8.23 3.64
C ASP E 311 -0.94 9.09 2.60
N ARG E 312 -0.31 9.40 1.48
CA ARG E 312 -0.91 10.17 0.42
C ARG E 312 -1.96 9.34 -0.31
N MET E 313 -1.78 8.06 -0.53
CA MET E 313 -2.85 7.21 -1.10
C MET E 313 -4.04 7.14 -0.18
N GLN E 314 -3.81 7.11 1.14
CA GLN E 314 -4.88 7.12 2.12
C GLN E 314 -5.65 8.45 2.02
N LYS E 315 -4.93 9.56 1.98
CA LYS E 315 -5.56 10.87 1.87
C LYS E 315 -6.35 11.00 0.58
N GLU E 316 -5.70 10.78 -0.57
CA GLU E 316 -6.34 11.00 -1.86
C GLU E 316 -7.54 10.10 -2.06
N ILE E 317 -7.44 8.81 -1.76
CA ILE E 317 -8.60 7.98 -2.00
C ILE E 317 -9.69 8.32 -1.00
N THR E 318 -9.36 8.69 0.25
CA THR E 318 -10.40 9.11 1.17
C THR E 318 -11.14 10.32 0.64
N ALA E 319 -10.45 11.23 -0.07
CA ALA E 319 -11.10 12.37 -0.69
C ALA E 319 -12.05 11.95 -1.84
N LEU E 320 -11.77 10.88 -2.56
CA LEU E 320 -12.63 10.45 -3.66
C LEU E 320 -13.79 9.57 -3.19
N ALA E 321 -13.57 8.76 -2.16
CA ALA E 321 -14.52 7.76 -1.71
C ALA E 321 -15.72 8.37 -0.99
N PRO E 322 -16.83 7.61 -0.87
CA PRO E 322 -17.94 7.96 0.02
C PRO E 322 -17.47 8.03 1.46
N SER E 323 -18.02 8.94 2.26
CA SER E 323 -17.58 9.11 3.65
C SER E 323 -17.91 7.91 4.55
N SER E 324 -18.78 6.99 4.12
CA SER E 324 -19.03 5.77 4.87
C SER E 324 -17.91 4.72 4.79
N MET E 325 -17.13 4.71 3.69
CA MET E 325 -16.17 3.64 3.40
C MET E 325 -14.94 3.77 4.27
N LYS E 326 -14.59 2.68 4.98
CA LYS E 326 -13.26 2.60 5.57
C LYS E 326 -12.28 2.40 4.43
N VAL E 327 -11.24 3.28 4.32
CA VAL E 327 -10.20 3.10 3.32
C VAL E 327 -8.92 2.69 4.01
N LYS E 328 -8.31 1.57 3.56
CA LYS E 328 -7.18 0.96 4.24
C LYS E 328 -6.06 0.65 3.25
N ILE E 329 -4.84 1.13 3.50
CA ILE E 329 -3.73 0.92 2.57
C ILE E 329 -2.71 -0.03 3.20
N ILE E 330 -2.68 -1.27 2.71
CA ILE E 330 -1.75 -2.30 3.12
C ILE E 330 -0.41 -2.24 2.35
N ALA E 331 0.58 -1.69 3.04
CA ALA E 331 1.92 -1.58 2.47
C ALA E 331 2.90 -2.43 3.29
N PRO E 332 3.08 -3.73 2.94
CA PRO E 332 3.99 -4.61 3.67
C PRO E 332 5.43 -4.17 3.54
N PRO E 333 6.35 -4.43 4.49
CA PRO E 333 7.73 -3.96 4.35
C PRO E 333 8.49 -4.61 3.18
N GLU E 334 8.08 -5.83 2.81
CA GLU E 334 8.63 -6.53 1.67
C GLU E 334 8.04 -6.11 0.31
N ARG E 335 7.37 -4.96 0.18
CA ARG E 335 6.53 -4.73 -0.98
C ARG E 335 7.34 -4.57 -2.27
N LYS E 336 8.65 -4.40 -2.20
CA LYS E 336 9.46 -4.31 -3.42
C LYS E 336 9.53 -5.66 -4.14
N TYR E 337 9.47 -6.78 -3.36
CA TYR E 337 9.57 -8.12 -3.91
C TYR E 337 8.32 -8.98 -3.69
N SER E 338 7.19 -8.38 -3.31
CA SER E 338 5.99 -9.11 -3.02
C SER E 338 5.59 -10.00 -4.19
N VAL E 339 5.95 -9.59 -5.41
CA VAL E 339 5.49 -10.42 -6.52
C VAL E 339 6.20 -11.75 -6.53
N TRP E 340 7.49 -11.69 -6.27
CA TRP E 340 8.30 -12.91 -6.13
C TRP E 340 7.87 -13.72 -4.90
N ILE E 341 7.72 -13.08 -3.74
CA ILE E 341 7.38 -13.77 -2.52
C ILE E 341 6.06 -14.51 -2.63
N GLY E 342 5.05 -13.92 -3.24
CA GLY E 342 3.85 -14.66 -3.48
C GLY E 342 4.09 -15.90 -4.35
N GLY E 343 4.97 -15.77 -5.32
CA GLY E 343 5.33 -16.93 -6.12
C GLY E 343 6.00 -17.99 -5.27
N SER E 344 6.87 -17.57 -4.36
CA SER E 344 7.57 -18.49 -3.50
C SER E 344 6.55 -19.34 -2.74
N ILE E 345 5.64 -18.63 -2.11
CA ILE E 345 4.59 -19.28 -1.37
C ILE E 345 3.82 -20.22 -2.26
N LEU E 346 3.30 -19.75 -3.37
CA LEU E 346 2.47 -20.59 -4.17
C LEU E 346 3.24 -21.88 -4.58
N ALA E 347 4.48 -21.76 -5.04
CA ALA E 347 5.22 -22.90 -5.57
C ALA E 347 5.69 -23.84 -4.47
N SER E 348 5.42 -23.53 -3.19
CA SER E 348 5.87 -24.36 -2.08
C SER E 348 4.70 -24.95 -1.24
N LEU E 349 3.45 -24.73 -1.66
CA LEU E 349 2.33 -25.47 -1.12
C LEU E 349 2.27 -26.87 -1.72
N SER E 350 1.83 -27.90 -0.97
CA SER E 350 1.65 -29.22 -1.56
C SER E 350 0.72 -29.18 -2.77
N THR E 351 -0.22 -28.22 -2.75
CA THR E 351 -1.26 -28.05 -3.75
C THR E 351 -0.68 -27.78 -5.13
N PHE E 352 0.52 -27.21 -5.20
CA PHE E 352 1.13 -26.84 -6.47
C PHE E 352 1.25 -27.98 -7.46
N GLN E 353 1.53 -29.19 -7.01
CA GLN E 353 1.76 -30.33 -7.88
C GLN E 353 0.58 -30.66 -8.78
N GLN E 354 -0.65 -30.34 -8.35
CA GLN E 354 -1.87 -30.66 -9.10
C GLN E 354 -2.42 -29.40 -9.77
N MET E 355 -1.50 -28.46 -10.04
CA MET E 355 -1.77 -27.12 -10.50
C MET E 355 -0.82 -26.71 -11.62
N TRP E 356 0.38 -27.28 -11.69
CA TRP E 356 1.34 -27.01 -12.76
C TRP E 356 1.03 -27.77 -14.05
N ILE E 357 1.73 -27.32 -15.13
CA ILE E 357 1.77 -28.00 -16.41
C ILE E 357 2.87 -29.04 -16.36
N SER E 358 2.55 -30.32 -16.54
CA SER E 358 3.59 -31.33 -16.65
C SER E 358 4.18 -31.32 -18.05
N LYS E 359 5.47 -31.66 -18.20
CA LYS E 359 6.04 -31.85 -19.53
C LYS E 359 5.26 -32.95 -20.28
N GLN E 360 4.73 -33.95 -19.57
CA GLN E 360 3.92 -34.99 -20.19
C GLN E 360 2.61 -34.43 -20.77
N GLU E 361 2.10 -33.32 -20.23
CA GLU E 361 0.93 -32.65 -20.78
C GLU E 361 1.32 -31.77 -21.96
N TYR E 362 2.41 -31.03 -21.83
CA TYR E 362 2.92 -30.19 -22.90
C TYR E 362 3.17 -31.03 -24.15
N ASP E 363 3.79 -32.20 -23.99
CA ASP E 363 4.16 -33.08 -25.07
C ASP E 363 2.94 -33.55 -25.88
N GLU E 364 1.69 -33.38 -25.37
CA GLU E 364 0.51 -33.69 -26.17
C GLU E 364 -0.56 -32.60 -26.20
N SER E 365 -0.23 -31.38 -25.79
CA SER E 365 -1.16 -30.27 -25.76
C SER E 365 -0.58 -29.00 -26.41
N GLY E 366 0.74 -28.88 -26.44
CA GLY E 366 1.37 -27.74 -27.07
C GLY E 366 1.32 -26.58 -26.12
N PRO E 367 1.86 -25.43 -26.55
CA PRO E 367 1.98 -24.27 -25.66
C PRO E 367 0.61 -23.80 -25.14
N SER E 368 -0.47 -24.11 -25.91
CA SER E 368 -1.83 -23.73 -25.56
C SER E 368 -2.32 -24.36 -24.26
N ILE E 369 -1.60 -25.34 -23.72
CA ILE E 369 -1.92 -25.87 -22.41
C ILE E 369 -1.95 -24.77 -21.34
N VAL E 370 -1.23 -23.68 -21.53
CA VAL E 370 -1.21 -22.68 -20.50
C VAL E 370 -2.59 -22.03 -20.33
N HIS E 371 -3.40 -21.98 -21.41
CA HIS E 371 -4.74 -21.40 -21.34
C HIS E 371 -5.77 -22.27 -20.62
N ARG E 372 -5.53 -23.58 -20.56
CA ARG E 372 -6.27 -24.46 -19.67
C ARG E 372 -5.76 -24.32 -18.24
N LYS E 373 -4.46 -24.47 -18.03
CA LYS E 373 -3.90 -25.01 -16.80
C LYS E 373 -3.55 -23.88 -15.82
N CYS E 374 -3.17 -22.69 -16.31
CA CYS E 374 -2.68 -21.68 -15.39
C CYS E 374 -3.76 -20.79 -14.83
N PHE E 375 -4.85 -20.63 -15.60
CA PHE E 375 -5.93 -19.68 -15.33
C PHE E 375 -5.38 -18.35 -14.77
N ALA F 13 -1.25 -38.28 -39.08
CA ALA F 13 -2.41 -37.91 -38.23
C ALA F 13 -1.96 -37.57 -36.80
N ASP F 14 -2.82 -36.84 -36.08
CA ASP F 14 -2.66 -36.50 -34.66
C ASP F 14 -1.40 -35.65 -34.40
N ILE F 15 -1.10 -34.78 -35.36
CA ILE F 15 0.07 -33.90 -35.30
C ILE F 15 -0.22 -32.62 -34.51
N TYR F 16 -1.51 -32.29 -34.29
CA TYR F 16 -1.95 -31.00 -33.76
C TYR F 16 -2.01 -30.99 -32.23
N GLY F 17 -1.82 -29.80 -31.65
CA GLY F 17 -1.85 -29.67 -30.20
C GLY F 17 -3.25 -29.56 -29.60
N GLY F 18 -3.34 -28.90 -28.44
CA GLY F 18 -4.57 -28.86 -27.67
C GLY F 18 -5.53 -27.72 -28.03
N ASP F 19 -5.31 -27.04 -29.18
CA ASP F 19 -5.96 -25.77 -29.47
C ASP F 19 -6.76 -25.80 -30.77
N GLU F 20 -7.92 -25.10 -30.79
CA GLU F 20 -8.75 -24.98 -31.99
C GLU F 20 -8.52 -23.64 -32.68
N VAL F 21 -9.17 -22.58 -32.13
CA VAL F 21 -9.24 -21.26 -32.76
C VAL F 21 -9.44 -20.20 -31.69
N SER F 22 -8.44 -19.31 -31.58
CA SER F 22 -8.44 -18.18 -30.67
C SER F 22 -9.27 -17.03 -31.24
N ALA F 23 -10.58 -17.22 -31.44
CA ALA F 23 -11.43 -16.11 -31.89
C ALA F 23 -11.46 -14.98 -30.88
N LEU F 24 -11.70 -13.75 -31.36
CA LEU F 24 -12.07 -12.70 -30.41
C LEU F 24 -13.40 -12.04 -30.83
N VAL F 25 -14.08 -11.60 -29.77
CA VAL F 25 -15.47 -11.25 -29.80
C VAL F 25 -15.55 -9.78 -29.37
N LEU F 26 -16.21 -8.99 -30.23
CA LEU F 26 -16.30 -7.54 -30.05
C LEU F 26 -17.75 -7.12 -29.96
N ASP F 27 -18.06 -6.19 -29.04
CA ASP F 27 -19.42 -5.92 -28.60
C ASP F 27 -19.55 -4.42 -28.26
N PRO F 28 -19.92 -3.58 -29.25
CA PRO F 28 -20.07 -2.14 -29.05
C PRO F 28 -21.48 -1.74 -28.64
N GLY F 29 -21.52 -0.79 -27.70
CA GLY F 29 -22.76 -0.22 -27.18
C GLY F 29 -22.58 1.27 -26.88
N TYR F 30 -23.70 1.96 -26.65
CA TYR F 30 -23.65 3.39 -26.55
C TYR F 30 -22.82 3.82 -25.32
N CYS F 31 -22.97 3.14 -24.19
CA CYS F 31 -22.25 3.54 -23.02
C CYS F 31 -20.86 2.89 -22.97
N ASN F 32 -20.82 1.58 -23.27
CA ASN F 32 -19.62 0.78 -23.13
C ASN F 32 -19.31 -0.04 -24.39
N THR F 33 -18.03 -0.43 -24.59
CA THR F 33 -17.63 -1.34 -25.67
C THR F 33 -16.74 -2.42 -25.05
N ARG F 34 -16.93 -3.69 -25.47
CA ARG F 34 -16.34 -4.84 -24.82
C ARG F 34 -15.66 -5.75 -25.84
N ALA F 35 -14.47 -6.26 -25.49
CA ALA F 35 -13.68 -7.07 -26.38
C ALA F 35 -12.82 -8.05 -25.59
N GLY F 36 -12.52 -9.19 -26.25
CA GLY F 36 -11.62 -10.16 -25.66
C GLY F 36 -11.76 -11.50 -26.36
N PHE F 37 -10.95 -12.48 -25.91
CA PHE F 37 -10.89 -13.77 -26.60
C PHE F 37 -12.01 -14.68 -26.15
N ALA F 38 -12.57 -15.46 -27.08
CA ALA F 38 -13.61 -16.45 -26.82
C ALA F 38 -13.08 -17.49 -25.85
N GLY F 39 -13.99 -18.10 -25.07
CA GLY F 39 -13.54 -19.02 -24.06
C GLY F 39 -12.92 -18.32 -22.83
N GLU F 40 -13.50 -17.18 -22.44
CA GLU F 40 -13.27 -16.64 -21.11
C GLU F 40 -14.59 -16.11 -20.56
N GLU F 41 -14.71 -16.14 -19.23
CA GLU F 41 -15.95 -15.87 -18.54
C GLU F 41 -16.28 -14.37 -18.53
N MET F 42 -15.33 -13.50 -18.88
CA MET F 42 -15.57 -12.06 -18.93
C MET F 42 -14.77 -11.42 -20.07
N PRO F 43 -15.20 -10.31 -20.65
CA PRO F 43 -14.35 -9.64 -21.60
C PRO F 43 -13.08 -9.10 -20.92
N LYS F 44 -11.96 -9.15 -21.69
CA LYS F 44 -10.66 -8.69 -21.23
C LYS F 44 -10.71 -7.18 -21.03
N GLN F 45 -11.29 -6.51 -22.06
CA GLN F 45 -11.25 -5.06 -22.18
C GLN F 45 -12.64 -4.51 -22.34
N VAL F 46 -13.02 -3.68 -21.37
CA VAL F 46 -14.28 -2.96 -21.41
C VAL F 46 -13.94 -1.49 -21.23
N ILE F 47 -14.37 -0.67 -22.22
CA ILE F 47 -14.06 0.74 -22.21
C ILE F 47 -15.30 1.59 -22.43
N PRO F 48 -15.30 2.86 -21.89
CA PRO F 48 -16.31 3.86 -22.23
C PRO F 48 -16.31 4.09 -23.72
N SER F 49 -17.50 4.02 -24.34
CA SER F 49 -17.60 4.27 -25.76
C SER F 49 -17.27 5.74 -26.04
N PHE F 50 -17.61 6.60 -25.08
CA PHE F 50 -17.22 7.98 -25.08
C PHE F 50 -15.69 8.12 -25.08
N TYR F 51 -15.12 8.79 -26.11
CA TYR F 51 -13.68 8.86 -26.34
C TYR F 51 -13.21 10.28 -26.30
N GLY F 52 -11.99 10.48 -25.80
CA GLY F 52 -11.43 11.80 -25.63
C GLY F 52 -10.92 12.38 -26.95
N HIS F 53 -11.06 13.70 -27.09
CA HIS F 53 -10.46 14.45 -28.17
C HIS F 53 -9.79 15.69 -27.59
N VAL F 54 -8.57 16.01 -28.03
CA VAL F 54 -7.84 17.13 -27.45
C VAL F 54 -7.39 18.13 -28.53
N ASP F 55 -6.65 17.66 -29.55
CA ASP F 55 -6.10 18.53 -30.57
C ASP F 55 -5.81 17.73 -31.85
N GLY F 56 -6.86 17.23 -32.51
CA GLY F 56 -6.71 16.34 -33.66
C GLY F 56 -6.24 14.93 -33.26
N ARG F 57 -6.11 14.73 -31.94
CA ARG F 57 -5.62 13.53 -31.29
C ARG F 57 -6.76 12.91 -30.47
N ASP F 58 -7.04 11.63 -30.75
CA ASP F 58 -8.06 10.85 -30.08
C ASP F 58 -7.45 9.97 -28.99
N LEU F 59 -8.14 9.90 -27.86
CA LEU F 59 -7.68 9.19 -26.68
C LEU F 59 -8.73 8.21 -26.20
N PHE F 60 -8.33 7.04 -25.67
CA PHE F 60 -9.27 5.99 -25.30
C PHE F 60 -9.04 5.49 -23.87
N GLY F 61 -10.11 4.95 -23.27
CA GLY F 61 -10.04 4.31 -21.96
C GLY F 61 -10.27 5.29 -20.80
N ASP F 62 -10.88 4.78 -19.72
CA ASP F 62 -11.35 5.61 -18.63
C ASP F 62 -10.17 6.20 -17.87
N GLU F 63 -8.94 5.69 -18.13
CA GLU F 63 -7.74 6.22 -17.48
C GLU F 63 -7.24 7.49 -18.18
N VAL F 64 -7.79 7.82 -19.38
CA VAL F 64 -7.31 8.93 -20.22
C VAL F 64 -8.42 9.95 -20.50
N ILE F 65 -9.34 10.12 -19.56
CA ILE F 65 -10.29 11.21 -19.51
C ILE F 65 -9.93 12.04 -18.29
N VAL F 66 -9.54 13.29 -18.50
CA VAL F 66 -9.13 14.16 -17.41
C VAL F 66 -9.26 15.62 -17.86
N PRO F 67 -9.37 16.65 -16.97
CA PRO F 67 -9.38 18.04 -17.42
C PRO F 67 -8.12 18.48 -18.15
N ARG F 68 -8.30 18.98 -19.39
CA ARG F 68 -7.26 19.60 -20.18
C ARG F 68 -7.87 20.70 -21.02
N ALA F 69 -7.05 21.66 -21.46
CA ALA F 69 -7.55 22.85 -22.13
C ALA F 69 -8.48 22.55 -23.32
N GLY F 70 -8.08 21.59 -24.17
CA GLY F 70 -8.79 21.32 -25.41
C GLY F 70 -9.87 20.24 -25.29
N PHE F 71 -10.01 19.65 -24.08
CA PHE F 71 -10.67 18.34 -23.93
C PHE F 71 -12.15 18.42 -24.27
N GLU F 72 -12.56 17.52 -25.15
CA GLU F 72 -13.93 17.39 -25.60
C GLU F 72 -14.25 15.90 -25.67
N VAL F 73 -15.45 15.50 -25.26
CA VAL F 73 -15.78 14.09 -25.15
C VAL F 73 -16.80 13.72 -26.21
N ARG F 74 -16.37 12.84 -27.13
CA ARG F 74 -17.21 12.40 -28.23
C ARG F 74 -17.66 11.00 -27.95
N ASN F 75 -18.56 10.48 -28.79
CA ASN F 75 -18.90 9.07 -28.74
C ASN F 75 -19.02 8.59 -30.18
N TYR F 76 -18.47 7.41 -30.51
CA TYR F 76 -18.62 6.90 -31.85
C TYR F 76 -19.97 6.21 -32.13
N MET F 77 -20.76 6.04 -31.07
CA MET F 77 -22.07 5.42 -31.14
C MET F 77 -23.16 6.48 -30.90
N ASN F 78 -24.26 6.39 -31.70
CA ASN F 78 -25.46 7.22 -31.50
C ASN F 78 -26.48 6.52 -30.60
N ARG F 79 -27.53 7.23 -30.17
CA ARG F 79 -28.50 6.67 -29.23
C ARG F 79 -29.41 5.61 -29.88
N ASP F 80 -29.18 5.24 -31.14
CA ASP F 80 -29.79 4.06 -31.70
C ASP F 80 -28.91 2.84 -31.45
N SER F 81 -27.83 2.95 -30.65
CA SER F 81 -26.86 1.89 -30.42
C SER F 81 -26.27 1.38 -31.75
N MET F 82 -25.98 2.29 -32.68
CA MET F 82 -25.33 1.99 -33.93
C MET F 82 -24.14 2.95 -34.10
N VAL F 83 -23.21 2.55 -34.98
CA VAL F 83 -22.04 3.37 -35.23
C VAL F 83 -22.42 4.58 -36.09
N GLU F 84 -21.88 5.77 -35.74
CA GLU F 84 -22.15 7.01 -36.46
C GLU F 84 -20.86 7.71 -36.89
N ASP F 85 -19.69 7.16 -36.51
CA ASP F 85 -18.39 7.81 -36.67
C ASP F 85 -17.36 6.74 -37.03
N TRP F 86 -17.50 6.10 -38.19
CA TRP F 86 -16.78 4.86 -38.45
C TRP F 86 -15.26 5.02 -38.43
N ASP F 87 -14.77 6.22 -38.70
CA ASP F 87 -13.35 6.51 -38.55
C ASP F 87 -12.97 6.28 -37.09
N ALA F 88 -13.70 6.90 -36.17
CA ALA F 88 -13.43 6.73 -34.76
C ALA F 88 -13.71 5.30 -34.34
N ALA F 89 -14.75 4.66 -34.89
CA ALA F 89 -15.00 3.24 -34.64
C ALA F 89 -13.76 2.40 -34.97
N THR F 90 -13.16 2.66 -36.11
CA THR F 90 -11.93 2.00 -36.50
C THR F 90 -10.82 2.25 -35.48
N ARG F 91 -10.64 3.49 -35.02
CA ARG F 91 -9.57 3.79 -34.08
C ARG F 91 -9.81 3.13 -32.73
N VAL F 92 -11.09 3.12 -32.29
CA VAL F 92 -11.45 2.50 -31.02
C VAL F 92 -11.29 0.97 -31.04
N TRP F 93 -11.88 0.33 -32.04
CA TRP F 93 -11.71 -1.09 -32.19
C TRP F 93 -10.25 -1.49 -32.41
N GLU F 94 -9.45 -0.69 -33.12
CA GLU F 94 -8.01 -0.96 -33.20
C GLU F 94 -7.30 -0.81 -31.85
N TYR F 95 -7.71 0.12 -30.99
CA TYR F 95 -7.10 0.24 -29.68
C TYR F 95 -7.36 -1.02 -28.86
N LEU F 96 -8.59 -1.55 -28.93
CA LEU F 96 -8.92 -2.80 -28.23
C LEU F 96 -8.28 -4.03 -28.87
N LEU F 97 -8.59 -4.29 -30.12
CA LEU F 97 -8.13 -5.52 -30.72
C LEU F 97 -6.62 -5.56 -31.09
N VAL F 98 -5.93 -4.43 -31.25
CA VAL F 98 -4.53 -4.44 -31.67
C VAL F 98 -3.62 -3.97 -30.52
N GLN F 99 -3.71 -2.73 -30.04
CA GLN F 99 -2.75 -2.26 -29.07
C GLN F 99 -2.84 -3.03 -27.75
N ARG F 100 -4.07 -3.47 -27.32
CA ARG F 100 -4.22 -4.00 -25.97
C ARG F 100 -4.18 -5.51 -25.95
N LEU F 101 -4.51 -6.17 -27.09
CA LEU F 101 -4.62 -7.62 -27.09
C LEU F 101 -3.62 -8.34 -28.00
N GLN F 102 -2.61 -7.66 -28.57
CA GLN F 102 -1.53 -8.30 -29.30
C GLN F 102 -0.16 -7.93 -28.69
N PRO F 103 0.87 -8.77 -28.92
CA PRO F 103 2.25 -8.44 -28.57
C PRO F 103 2.66 -7.04 -29.03
N PRO F 104 3.24 -6.22 -28.12
CA PRO F 104 3.88 -4.96 -28.49
C PRO F 104 5.06 -5.17 -29.44
N ARG F 105 5.21 -4.25 -30.39
CA ARG F 105 6.45 -4.12 -31.14
C ARG F 105 7.50 -3.47 -30.24
N PRO F 106 8.77 -3.95 -30.24
CA PRO F 106 9.81 -3.36 -29.39
C PRO F 106 10.22 -1.96 -29.82
N THR F 107 10.67 -1.15 -28.85
CA THR F 107 11.28 0.16 -29.09
C THR F 107 12.49 0.06 -30.02
N PRO F 108 12.75 1.07 -30.89
CA PRO F 108 14.05 1.19 -31.53
C PRO F 108 15.15 1.30 -30.47
N ALA F 109 16.32 0.76 -30.83
CA ALA F 109 17.43 0.51 -29.91
C ALA F 109 18.01 1.80 -29.32
N SER F 110 18.04 2.89 -30.10
CA SER F 110 18.66 4.15 -29.68
C SER F 110 17.81 4.89 -28.65
N LYS F 111 16.49 4.68 -28.69
CA LYS F 111 15.53 5.48 -27.92
C LYS F 111 15.32 4.96 -26.50
N ASN F 112 15.86 3.78 -26.17
CA ASN F 112 15.63 3.14 -24.88
C ASN F 112 16.51 3.72 -23.74
N GLY F 113 17.42 4.66 -24.02
CA GLY F 113 18.14 5.36 -22.96
C GLY F 113 19.35 4.58 -22.42
N LEU F 114 19.59 3.37 -22.98
CA LEU F 114 20.73 2.56 -22.57
C LEU F 114 21.97 2.92 -23.39
N ASN F 115 21.78 3.15 -24.69
CA ASN F 115 22.85 3.18 -25.65
C ASN F 115 23.60 4.52 -25.69
N VAL F 116 22.87 5.65 -25.73
CA VAL F 116 23.48 6.95 -26.02
C VAL F 116 24.41 6.82 -27.24
N LYS F 139 -0.39 -7.33 -41.60
CA LYS F 139 -1.52 -6.68 -40.89
C LYS F 139 -1.84 -7.45 -39.61
N PRO F 140 -2.38 -6.80 -38.54
CA PRO F 140 -2.29 -7.36 -37.18
C PRO F 140 -3.23 -8.48 -36.71
N LEU F 141 -4.39 -8.71 -37.34
CA LEU F 141 -5.32 -9.72 -36.83
C LEU F 141 -5.31 -11.07 -37.56
N THR F 142 -4.25 -11.41 -38.30
CA THR F 142 -4.22 -12.65 -39.09
C THR F 142 -4.39 -13.94 -38.28
N GLU F 143 -4.20 -13.88 -36.97
CA GLU F 143 -4.26 -15.05 -36.11
C GLU F 143 -5.70 -15.33 -35.65
N ASN F 144 -6.55 -14.28 -35.52
CA ASN F 144 -7.77 -14.34 -34.72
C ASN F 144 -8.99 -13.91 -35.51
N PRO F 145 -10.01 -14.76 -35.73
CA PRO F 145 -11.20 -14.33 -36.47
C PRO F 145 -11.97 -13.41 -35.54
N LEU F 146 -12.80 -12.52 -36.12
CA LEU F 146 -13.52 -11.50 -35.37
C LEU F 146 -15.02 -11.76 -35.47
N LEU F 147 -15.68 -11.94 -34.33
CA LEU F 147 -17.13 -12.01 -34.29
C LEU F 147 -17.57 -10.72 -33.59
N MET F 148 -18.59 -10.09 -34.19
CA MET F 148 -18.99 -8.77 -33.72
C MET F 148 -20.48 -8.78 -33.38
N THR F 149 -20.84 -8.00 -32.36
CA THR F 149 -22.19 -7.90 -31.84
C THR F 149 -22.89 -6.67 -32.43
N GLU F 150 -24.11 -6.83 -32.94
CA GLU F 150 -24.89 -5.74 -33.52
C GLU F 150 -26.18 -5.60 -32.69
N ALA F 151 -26.75 -4.38 -32.60
CA ALA F 151 -28.06 -4.18 -31.99
C ALA F 151 -29.15 -4.81 -32.87
N PRO F 152 -30.31 -5.26 -32.33
CA PRO F 152 -31.26 -6.06 -33.10
C PRO F 152 -31.74 -5.40 -34.40
N TRP F 153 -31.92 -4.07 -34.34
CA TRP F 153 -32.51 -3.29 -35.43
C TRP F 153 -31.47 -2.76 -36.41
N ASN F 154 -30.20 -3.12 -36.25
CA ASN F 154 -29.07 -2.53 -36.97
C ASN F 154 -29.28 -2.73 -38.47
N THR F 155 -29.21 -1.63 -39.23
CA THR F 155 -29.70 -1.62 -40.61
C THR F 155 -28.67 -2.21 -41.56
N PRO F 156 -29.08 -2.78 -42.72
CA PRO F 156 -28.14 -3.45 -43.61
C PRO F 156 -26.96 -2.58 -44.00
N LYS F 157 -27.16 -1.28 -44.25
CA LYS F 157 -26.05 -0.40 -44.62
C LYS F 157 -24.94 -0.41 -43.56
N ALA F 158 -25.30 -0.38 -42.28
CA ALA F 158 -24.33 -0.40 -41.18
C ALA F 158 -23.67 -1.78 -41.00
N ARG F 159 -24.37 -2.86 -41.38
CA ARG F 159 -23.80 -4.20 -41.37
C ARG F 159 -22.81 -4.37 -42.51
N GLU F 160 -23.15 -3.88 -43.71
CA GLU F 160 -22.26 -3.86 -44.84
C GLU F 160 -20.98 -3.10 -44.47
N LYS F 161 -21.10 -1.93 -43.87
CA LYS F 161 -19.91 -1.16 -43.57
C LYS F 161 -19.10 -1.80 -42.46
N ALA F 162 -19.69 -2.59 -41.57
CA ALA F 162 -18.94 -3.24 -40.53
C ALA F 162 -17.94 -4.21 -41.16
N ILE F 163 -18.38 -5.15 -42.01
CA ILE F 163 -17.46 -6.12 -42.60
C ILE F 163 -16.46 -5.43 -43.54
N GLU F 164 -16.90 -4.42 -44.26
CA GLU F 164 -16.00 -3.64 -45.12
C GLU F 164 -14.85 -2.99 -44.34
N VAL F 165 -15.15 -2.37 -43.19
CA VAL F 165 -14.14 -1.78 -42.33
C VAL F 165 -13.20 -2.89 -41.84
N VAL F 166 -13.77 -4.01 -41.40
CA VAL F 166 -13.00 -5.10 -40.82
C VAL F 166 -11.99 -5.68 -41.80
N MET F 167 -12.45 -5.95 -43.02
CA MET F 167 -11.61 -6.63 -44.00
C MET F 167 -10.47 -5.76 -44.53
N GLU F 168 -10.64 -4.42 -44.56
CA GLU F 168 -9.57 -3.52 -44.96
C GLU F 168 -8.57 -3.26 -43.83
N ASN F 169 -9.00 -3.08 -42.59
CA ASN F 169 -8.17 -2.40 -41.60
C ASN F 169 -7.25 -3.34 -40.83
N TRP F 170 -7.60 -4.64 -40.68
CA TRP F 170 -6.79 -5.46 -39.80
C TRP F 170 -6.37 -6.81 -40.39
N GLY F 171 -6.76 -7.11 -41.63
CA GLY F 171 -6.26 -8.33 -42.24
C GLY F 171 -6.83 -9.61 -41.62
N THR F 172 -7.93 -9.47 -40.89
CA THR F 172 -8.61 -10.54 -40.16
C THR F 172 -8.94 -11.72 -41.06
N PRO F 173 -8.78 -12.98 -40.58
CA PRO F 173 -9.02 -14.15 -41.40
C PRO F 173 -10.48 -14.52 -41.66
N ALA F 174 -11.38 -14.20 -40.74
CA ALA F 174 -12.79 -14.45 -40.98
C ALA F 174 -13.64 -13.63 -40.01
N PHE F 175 -14.92 -13.45 -40.40
CA PHE F 175 -15.77 -12.48 -39.74
C PHE F 175 -17.16 -13.03 -39.50
N TRP F 176 -17.84 -12.57 -38.44
CA TRP F 176 -19.23 -12.92 -38.19
C TRP F 176 -19.91 -11.81 -37.42
N LEU F 177 -21.24 -11.63 -37.63
CA LEU F 177 -21.96 -10.55 -36.97
C LEU F 177 -23.29 -11.07 -36.42
N SER F 178 -23.58 -10.87 -35.13
CA SER F 178 -24.77 -11.46 -34.48
C SER F 178 -25.37 -10.54 -33.42
N ARG F 179 -26.66 -10.70 -33.21
CA ARG F 179 -27.41 -9.67 -32.52
C ARG F 179 -27.34 -9.91 -31.02
N THR F 180 -27.20 -8.83 -30.25
CA THR F 180 -27.20 -8.90 -28.77
C THR F 180 -28.23 -9.87 -28.16
N PRO F 181 -29.54 -9.84 -28.46
CA PRO F 181 -30.47 -10.81 -27.94
C PRO F 181 -30.06 -12.26 -28.11
N VAL F 182 -29.48 -12.62 -29.27
CA VAL F 182 -29.07 -13.99 -29.49
C VAL F 182 -27.93 -14.34 -28.56
N LEU F 183 -26.99 -13.44 -28.40
CA LEU F 183 -25.88 -13.78 -27.53
C LEU F 183 -26.36 -13.78 -26.09
N ALA F 184 -27.22 -12.83 -25.71
CA ALA F 184 -27.67 -12.78 -24.31
C ALA F 184 -28.37 -14.06 -23.92
N ALA F 185 -29.21 -14.59 -24.82
CA ALA F 185 -29.84 -15.87 -24.57
C ALA F 185 -28.77 -16.97 -24.35
N PHE F 186 -27.71 -17.03 -25.15
CA PHE F 186 -26.65 -18.05 -24.98
C PHE F 186 -25.91 -17.86 -23.66
N ALA F 187 -25.78 -16.63 -23.17
CA ALA F 187 -25.17 -16.38 -21.87
C ALA F 187 -26.06 -16.83 -20.73
N ALA F 188 -27.34 -17.15 -20.96
CA ALA F 188 -28.19 -17.83 -19.98
C ALA F 188 -28.33 -19.33 -20.32
N GLY F 189 -27.75 -19.77 -21.43
CA GLY F 189 -27.84 -21.15 -21.79
C GLY F 189 -29.13 -21.52 -22.52
N LYS F 190 -29.83 -20.54 -23.11
CA LYS F 190 -31.16 -20.83 -23.63
C LYS F 190 -31.21 -20.68 -25.14
N ALA F 191 -31.73 -21.73 -25.80
CA ALA F 191 -31.91 -21.76 -27.24
C ALA F 191 -33.14 -20.96 -27.65
N THR F 192 -34.15 -20.91 -26.78
CA THR F 192 -35.40 -20.20 -27.02
C THR F 192 -35.76 -19.46 -25.75
N ALA F 193 -35.97 -18.15 -25.86
CA ALA F 193 -36.10 -17.27 -24.71
C ALA F 193 -36.76 -15.96 -25.08
N LEU F 194 -37.40 -15.31 -24.10
CA LEU F 194 -37.75 -13.91 -24.23
C LEU F 194 -36.65 -13.09 -23.57
N VAL F 195 -35.97 -12.22 -24.34
CA VAL F 195 -34.89 -11.42 -23.79
C VAL F 195 -35.38 -10.02 -23.52
N ILE F 196 -35.37 -9.59 -22.25
CA ILE F 196 -35.60 -8.20 -21.87
C ILE F 196 -34.24 -7.59 -21.55
N ASP F 197 -33.92 -6.50 -22.24
CA ASP F 197 -32.56 -6.06 -22.45
C ASP F 197 -32.53 -4.59 -22.15
N VAL F 198 -32.19 -4.26 -20.91
CA VAL F 198 -32.40 -2.91 -20.43
C VAL F 198 -31.03 -2.26 -20.43
N GLY F 199 -30.73 -1.76 -21.63
CA GLY F 199 -29.49 -1.10 -21.95
C GLY F 199 -29.40 0.31 -21.40
N GLY F 200 -28.47 1.04 -22.00
CA GLY F 200 -28.25 2.43 -21.70
C GLY F 200 -29.12 3.31 -22.57
N ALA F 201 -28.82 3.29 -23.86
CA ALA F 201 -29.48 4.14 -24.81
C ALA F 201 -30.82 3.52 -25.21
N ASN F 202 -30.96 2.23 -25.09
CA ASN F 202 -32.18 1.56 -25.49
C ASN F 202 -32.54 0.47 -24.48
N THR F 203 -33.83 0.29 -24.28
CA THR F 203 -34.38 -0.90 -23.68
C THR F 203 -35.02 -1.65 -24.83
N SER F 204 -34.82 -2.95 -24.84
CA SER F 204 -35.26 -3.77 -25.94
C SER F 204 -35.95 -5.00 -25.36
N VAL F 205 -36.87 -5.55 -26.12
CA VAL F 205 -37.42 -6.86 -25.89
C VAL F 205 -37.38 -7.59 -27.24
N THR F 206 -37.07 -8.88 -27.20
CA THR F 206 -37.02 -9.67 -28.40
C THR F 206 -37.27 -11.14 -28.06
N ALA F 207 -37.93 -11.87 -28.95
CA ALA F 207 -38.05 -13.32 -28.83
C ALA F 207 -36.97 -14.05 -29.67
N ILE F 208 -36.20 -14.90 -28.97
CA ILE F 208 -35.18 -15.76 -29.54
C ILE F 208 -35.77 -17.17 -29.65
N HIS F 209 -35.63 -17.82 -30.80
CA HIS F 209 -36.11 -19.19 -30.95
C HIS F 209 -35.15 -19.98 -31.84
N ASP F 210 -34.67 -21.11 -31.29
CA ASP F 210 -33.57 -21.90 -31.83
C ASP F 210 -32.40 -20.99 -32.21
N GLY F 211 -32.09 -19.98 -31.37
CA GLY F 211 -30.97 -19.06 -31.58
C GLY F 211 -31.14 -18.03 -32.71
N MET F 212 -32.21 -18.10 -33.52
CA MET F 212 -32.55 -17.00 -34.42
C MET F 212 -33.39 -15.97 -33.65
N VAL F 213 -33.36 -14.70 -34.08
CA VAL F 213 -34.35 -13.72 -33.62
C VAL F 213 -35.62 -13.83 -34.46
N LEU F 214 -36.78 -13.86 -33.79
CA LEU F 214 -38.06 -13.78 -34.49
C LEU F 214 -38.31 -12.31 -34.85
N LYS F 215 -38.09 -11.92 -36.12
CA LYS F 215 -37.92 -10.53 -36.50
C LYS F 215 -39.10 -9.64 -36.08
N ARG F 216 -40.33 -10.13 -36.25
CA ARG F 216 -41.53 -9.35 -35.93
C ARG F 216 -41.60 -8.93 -34.46
N SER F 217 -40.87 -9.63 -33.57
CA SER F 217 -40.97 -9.47 -32.13
C SER F 217 -40.08 -8.36 -31.61
N ILE F 218 -39.18 -7.83 -32.43
CA ILE F 218 -38.26 -6.80 -31.95
C ILE F 218 -39.00 -5.52 -31.54
N GLN F 219 -38.84 -5.09 -30.28
CA GLN F 219 -39.48 -3.89 -29.74
C GLN F 219 -38.47 -3.10 -28.92
N ARG F 220 -38.50 -1.77 -29.01
CA ARG F 220 -37.42 -0.94 -28.52
C ARG F 220 -37.95 0.34 -27.91
N SER F 221 -37.18 0.95 -27.00
CA SER F 221 -37.68 2.06 -26.18
C SER F 221 -36.56 2.92 -25.67
N PRO F 222 -36.70 4.27 -25.67
CA PRO F 222 -35.76 5.13 -24.98
C PRO F 222 -35.76 5.02 -23.47
N ALA F 223 -36.79 4.38 -22.88
CA ALA F 223 -36.93 4.26 -21.42
C ALA F 223 -35.93 3.23 -20.87
N ALA F 224 -34.71 3.75 -20.60
CA ALA F 224 -33.52 2.94 -20.38
C ALA F 224 -32.57 3.78 -19.55
N GLY F 225 -31.37 3.27 -19.31
CA GLY F 225 -30.45 3.88 -18.34
C GLY F 225 -30.09 5.32 -18.65
N VAL F 226 -30.16 5.74 -19.92
CA VAL F 226 -29.88 7.13 -20.30
C VAL F 226 -31.08 7.98 -19.92
N TRP F 227 -32.28 7.62 -20.40
CA TRP F 227 -33.50 8.33 -20.01
C TRP F 227 -33.68 8.41 -18.49
N LEU F 228 -33.38 7.33 -17.78
CA LEU F 228 -33.42 7.26 -16.32
C LEU F 228 -32.42 8.22 -15.68
N SER F 229 -31.31 8.49 -16.31
CA SER F 229 -30.45 9.54 -15.79
C SER F 229 -31.17 10.89 -15.95
N GLY F 230 -31.82 11.15 -17.08
CA GLY F 230 -32.54 12.40 -17.25
C GLY F 230 -33.66 12.59 -16.23
N GLN F 231 -34.38 11.52 -15.92
CA GLN F 231 -35.35 11.53 -14.86
C GLN F 231 -34.70 11.95 -13.55
N ILE F 232 -33.57 11.36 -13.22
CA ILE F 232 -32.93 11.67 -11.97
C ILE F 232 -32.48 13.11 -11.97
N ARG F 233 -31.91 13.61 -13.08
CA ARG F 233 -31.50 15.01 -13.16
C ARG F 233 -32.69 15.96 -12.89
N SER F 234 -33.83 15.68 -13.56
CA SER F 234 -35.03 16.48 -13.46
C SER F 234 -35.51 16.53 -12.02
N MET F 235 -35.56 15.35 -11.40
CA MET F 235 -35.99 15.25 -10.02
C MET F 235 -35.07 16.05 -9.07
N TRP F 236 -33.75 16.02 -9.26
CA TRP F 236 -32.83 16.84 -8.47
C TRP F 236 -33.13 18.34 -8.65
N LYS F 237 -33.32 18.79 -9.90
CA LYS F 237 -33.59 20.19 -10.20
C LYS F 237 -35.01 20.63 -9.83
N SER F 238 -35.71 19.84 -9.00
CA SER F 238 -37.08 20.19 -8.61
C SER F 238 -37.42 19.82 -7.17
N GLN F 239 -36.42 19.49 -6.32
CA GLN F 239 -36.66 19.42 -4.87
C GLN F 239 -36.75 20.83 -4.28
N ASP F 240 -37.26 20.94 -3.03
CA ASP F 240 -37.60 22.22 -2.40
C ASP F 240 -36.39 23.18 -2.41
N PRO F 241 -35.25 22.88 -1.72
CA PRO F 241 -33.97 23.41 -2.16
C PRO F 241 -33.56 22.60 -3.40
N PRO F 242 -33.19 23.24 -4.53
CA PRO F 242 -32.67 22.50 -5.67
C PRO F 242 -31.41 21.72 -5.28
N VAL F 243 -31.26 20.53 -5.88
CA VAL F 243 -30.07 19.70 -5.70
C VAL F 243 -29.15 19.87 -6.88
N ASN F 244 -27.89 20.25 -6.62
CA ASN F 244 -26.89 20.39 -7.66
C ASN F 244 -25.89 19.24 -7.59
N VAL F 245 -25.81 18.49 -8.70
CA VAL F 245 -24.73 17.55 -8.91
C VAL F 245 -23.49 18.37 -9.30
N VAL F 246 -22.36 17.98 -8.70
CA VAL F 246 -21.07 18.50 -9.11
C VAL F 246 -20.17 17.28 -9.24
N PRO F 247 -19.50 17.11 -10.40
CA PRO F 247 -18.81 15.87 -10.69
C PRO F 247 -17.52 15.75 -9.90
N THR F 248 -17.01 14.51 -9.84
CA THR F 248 -15.95 14.12 -8.93
C THR F 248 -14.67 14.89 -9.18
N PHE F 249 -14.41 15.23 -10.45
CA PHE F 249 -13.17 15.91 -10.77
C PHE F 249 -13.07 17.35 -10.26
N MET F 250 -14.21 18.01 -9.93
CA MET F 250 -14.19 19.43 -9.58
C MET F 250 -13.96 19.67 -8.08
N VAL F 251 -13.95 18.61 -7.25
CA VAL F 251 -13.72 18.75 -5.82
C VAL F 251 -12.29 18.38 -5.43
N GLU F 252 -11.56 19.26 -4.73
CA GLU F 252 -10.22 18.93 -4.27
C GLU F 252 -10.25 18.16 -2.95
N ASN F 253 -11.04 18.66 -2.00
CA ASN F 253 -11.12 18.12 -0.67
C ASN F 253 -12.56 18.28 -0.20
N LYS F 254 -13.00 17.33 0.63
CA LYS F 254 -14.34 17.40 1.19
C LYS F 254 -14.34 16.86 2.62
N LYS F 255 -15.30 17.37 3.41
CA LYS F 255 -15.47 16.99 4.81
C LYS F 255 -16.91 16.51 5.00
N PRO F 256 -17.17 15.58 5.94
CA PRO F 256 -18.53 15.05 6.11
C PRO F 256 -19.47 16.10 6.70
N VAL F 257 -20.75 16.04 6.29
CA VAL F 257 -21.75 17.01 6.74
C VAL F 257 -23.10 16.31 6.96
N GLU F 258 -23.92 16.93 7.82
CA GLU F 258 -25.23 16.39 8.18
C GLU F 258 -26.21 16.54 7.02
N ALA F 259 -27.28 15.74 7.05
CA ALA F 259 -28.22 15.66 5.93
C ALA F 259 -28.79 17.04 5.56
N GLY F 260 -28.65 17.41 4.26
CA GLY F 260 -29.22 18.63 3.73
C GLY F 260 -28.45 19.91 4.10
N ALA F 261 -27.29 19.78 4.77
CA ALA F 261 -26.48 20.94 5.10
C ALA F 261 -25.74 21.46 3.87
N PRO F 262 -25.27 22.74 3.84
CA PRO F 262 -24.33 23.19 2.83
C PRO F 262 -22.97 22.50 2.99
N PRO F 263 -22.35 22.04 1.88
CA PRO F 263 -21.15 21.19 1.97
C PRO F 263 -19.83 21.91 2.23
N ASP F 264 -19.09 21.41 3.23
CA ASP F 264 -17.72 21.82 3.51
C ASP F 264 -16.82 21.13 2.49
N CYS F 265 -16.26 21.99 1.64
CA CYS F 265 -15.62 21.57 0.41
C CYS F 265 -14.73 22.69 -0.10
N ARG F 266 -13.73 22.37 -0.95
CA ARG F 266 -13.17 23.39 -1.83
C ARG F 266 -13.05 22.88 -3.26
N LEU F 267 -13.57 23.69 -4.19
CA LEU F 267 -13.64 23.31 -5.60
C LEU F 267 -12.36 23.73 -6.33
N ARG F 268 -12.11 23.07 -7.46
CA ARG F 268 -11.00 23.39 -8.34
C ARG F 268 -11.26 24.64 -9.17
N ASN F 269 -10.14 25.13 -9.70
CA ASN F 269 -10.11 26.10 -10.76
C ASN F 269 -9.07 25.62 -11.77
N PHE F 270 -9.21 26.07 -13.02
CA PHE F 270 -8.35 25.62 -14.10
C PHE F 270 -7.95 26.80 -15.01
N GLY F 271 -6.86 26.60 -15.75
CA GLY F 271 -6.40 27.60 -16.70
C GLY F 271 -7.20 27.64 -18.00
N PHE F 272 -8.42 27.07 -17.99
CA PHE F 272 -9.21 26.86 -19.19
C PHE F 272 -10.68 26.62 -18.83
N PRO F 273 -11.62 26.84 -19.77
CA PRO F 273 -12.99 26.37 -19.59
C PRO F 273 -13.07 24.86 -19.82
N ILE F 274 -13.80 24.18 -18.93
CA ILE F 274 -14.21 22.80 -19.09
C ILE F 274 -15.36 22.80 -20.10
N HIS F 275 -15.29 21.94 -21.12
CA HIS F 275 -16.36 21.88 -22.10
C HIS F 275 -17.62 21.22 -21.52
N ASP F 276 -18.80 21.59 -22.02
CA ASP F 276 -20.08 21.02 -21.54
C ASP F 276 -20.15 19.51 -21.75
N SER F 277 -19.61 18.98 -22.85
CA SER F 277 -19.58 17.55 -23.12
C SER F 277 -18.78 16.80 -22.04
N PHE F 278 -17.65 17.38 -21.63
CA PHE F 278 -16.83 16.80 -20.57
C PHE F 278 -17.58 16.75 -19.24
N ARG F 279 -18.18 17.86 -18.83
CA ARG F 279 -18.88 17.89 -17.56
C ARG F 279 -20.04 16.88 -17.61
N ALA F 280 -20.73 16.77 -18.73
CA ALA F 280 -21.85 15.85 -18.84
C ALA F 280 -21.37 14.42 -18.67
N PHE F 281 -20.23 14.07 -19.27
CA PHE F 281 -19.71 12.72 -19.12
C PHE F 281 -19.25 12.39 -17.69
N GLU F 282 -18.52 13.29 -17.06
CA GLU F 282 -18.08 13.10 -15.68
C GLU F 282 -19.22 13.15 -14.65
N GLU F 283 -20.32 13.84 -14.91
CA GLU F 283 -21.51 13.76 -14.07
C GLU F 283 -22.22 12.41 -14.22
N GLU F 284 -22.13 11.74 -15.39
CA GLU F 284 -22.86 10.49 -15.59
C GLU F 284 -22.34 9.43 -14.62
N ARG F 285 -21.10 9.58 -14.10
CA ARG F 285 -20.58 8.63 -13.13
C ARG F 285 -21.47 8.70 -11.90
N VAL F 286 -21.74 9.92 -11.42
CA VAL F 286 -22.57 10.12 -10.24
C VAL F 286 -24.00 9.66 -10.46
N LEU F 287 -24.59 9.96 -11.58
CA LEU F 287 -25.86 9.35 -11.90
C LEU F 287 -25.82 7.82 -11.95
N THR F 288 -24.71 7.21 -12.38
CA THR F 288 -24.60 5.77 -12.33
C THR F 288 -24.51 5.28 -10.88
N GLU F 289 -23.78 5.99 -10.04
CA GLU F 289 -23.71 5.66 -8.62
C GLU F 289 -25.08 5.76 -7.92
N PHE F 290 -25.86 6.77 -8.26
CA PHE F 290 -27.21 6.92 -7.73
C PHE F 290 -28.10 5.82 -8.27
N LYS F 291 -27.99 5.52 -9.57
CA LYS F 291 -28.77 4.45 -10.13
C LYS F 291 -28.52 3.17 -9.33
N GLU F 292 -27.26 2.82 -9.06
CA GLU F 292 -26.94 1.49 -8.56
C GLU F 292 -27.17 1.38 -7.06
N SER F 293 -26.92 2.47 -6.30
CA SER F 293 -26.93 2.39 -4.84
C SER F 293 -28.15 3.02 -4.13
N VAL F 294 -29.08 3.66 -4.88
CA VAL F 294 -30.25 4.30 -4.31
C VAL F 294 -31.52 3.88 -5.04
N VAL F 295 -31.72 4.36 -6.26
CA VAL F 295 -32.96 4.07 -6.95
C VAL F 295 -33.41 2.60 -6.77
N GLU F 296 -34.73 2.41 -6.69
CA GLU F 296 -35.32 1.11 -6.41
C GLU F 296 -36.63 1.01 -7.16
N VAL F 297 -36.85 -0.07 -7.90
CA VAL F 297 -38.09 -0.20 -8.64
C VAL F 297 -39.24 -0.45 -7.65
N TRP F 298 -40.39 0.19 -7.88
CA TRP F 298 -41.54 -0.12 -7.05
C TRP F 298 -41.92 -1.59 -7.25
N ARG F 299 -41.89 -2.35 -6.15
CA ARG F 299 -42.01 -3.81 -6.18
C ARG F 299 -43.29 -4.32 -5.52
N GLY F 300 -44.04 -3.41 -4.83
CA GLY F 300 -45.28 -3.74 -4.15
C GLY F 300 -46.41 -4.02 -5.12
N PRO F 301 -47.59 -4.49 -4.64
CA PRO F 301 -48.74 -4.74 -5.52
C PRO F 301 -49.32 -3.48 -6.15
N GLY F 302 -49.55 -3.57 -7.47
CA GLY F 302 -50.02 -2.45 -8.27
C GLY F 302 -48.96 -1.37 -8.51
N LYS F 303 -49.21 -0.50 -9.49
CA LYS F 303 -48.36 0.63 -9.82
C LYS F 303 -48.12 1.56 -8.62
N TYR F 304 -47.07 2.37 -8.67
CA TYR F 304 -46.73 3.25 -7.57
C TYR F 304 -47.81 4.33 -7.32
N LEU F 305 -48.59 4.68 -8.35
CA LEU F 305 -49.56 5.76 -8.26
C LEU F 305 -50.96 5.28 -7.85
N ASN F 306 -51.16 3.97 -7.61
CA ASN F 306 -52.41 3.51 -7.01
C ASN F 306 -52.53 4.12 -5.61
N PRO F 307 -53.76 4.49 -5.14
CA PRO F 307 -53.90 5.54 -4.12
C PRO F 307 -53.08 5.41 -2.84
N GLY F 308 -52.95 4.18 -2.29
CA GLY F 308 -52.28 3.98 -1.01
C GLY F 308 -50.76 3.99 -1.11
N ASN F 309 -50.23 3.68 -2.31
CA ASN F 309 -48.85 3.24 -2.47
C ASN F 309 -47.88 4.41 -2.19
N GLU F 310 -48.11 5.58 -2.78
CA GLU F 310 -47.25 6.73 -2.54
C GLU F 310 -47.24 7.14 -1.07
N ASP F 311 -48.43 7.20 -0.46
CA ASP F 311 -48.57 7.61 0.94
C ASP F 311 -47.85 6.63 1.86
N PHE F 312 -47.87 5.33 1.51
CA PHE F 312 -47.09 4.31 2.22
C PHE F 312 -45.59 4.59 2.06
N ALA F 313 -45.15 4.75 0.81
CA ALA F 313 -43.74 4.92 0.52
C ALA F 313 -43.13 6.11 1.28
N LYS F 314 -43.83 7.23 1.38
CA LYS F 314 -43.35 8.41 2.09
C LYS F 314 -43.03 8.15 3.57
N THR F 315 -43.57 7.07 4.17
CA THR F 315 -43.34 6.76 5.58
C THR F 315 -42.13 5.84 5.81
N GLN F 316 -41.70 5.10 4.78
CA GLN F 316 -40.72 4.04 4.93
C GLN F 316 -39.32 4.58 5.20
N PRO F 317 -38.42 3.76 5.78
CA PRO F 317 -37.00 4.09 5.83
C PRO F 317 -36.45 4.01 4.41
N GLY F 318 -35.73 5.07 4.03
CA GLY F 318 -35.25 5.24 2.67
C GLY F 318 -33.89 4.62 2.41
N ARG F 319 -33.10 5.25 1.51
CA ARG F 319 -31.68 4.93 1.36
C ARG F 319 -30.86 6.23 1.38
N VAL F 320 -29.64 6.21 1.95
CA VAL F 320 -28.80 7.41 1.93
C VAL F 320 -27.94 7.49 0.68
N PHE F 321 -27.44 8.70 0.36
CA PHE F 321 -26.52 8.92 -0.75
C PHE F 321 -25.59 10.10 -0.52
N GLU F 322 -24.42 10.05 -1.16
CA GLU F 322 -23.52 11.19 -1.13
C GLU F 322 -23.09 11.55 -2.55
N PHE F 323 -23.30 12.81 -2.91
CA PHE F 323 -22.64 13.38 -4.06
C PHE F 323 -21.16 13.62 -3.73
N PRO F 324 -20.30 13.66 -4.78
CA PRO F 324 -18.89 13.95 -4.61
C PRO F 324 -18.60 15.23 -3.84
N ASP F 325 -19.54 16.16 -3.74
CA ASP F 325 -19.32 17.40 -3.01
C ASP F 325 -19.23 17.15 -1.50
N GLY F 326 -19.67 15.99 -1.03
CA GLY F 326 -19.94 15.83 0.40
C GLY F 326 -21.42 15.96 0.77
N SER F 327 -22.23 16.56 -0.13
CA SER F 327 -23.66 16.76 0.05
C SER F 327 -24.36 15.43 0.29
N ASN F 328 -24.91 15.32 1.49
CA ASN F 328 -25.44 14.09 2.08
C ASN F 328 -26.95 14.23 2.19
N GLN F 329 -27.71 13.19 1.83
CA GLN F 329 -29.16 13.22 2.00
C GLN F 329 -29.72 11.80 2.16
N MET F 330 -30.88 11.70 2.81
CA MET F 330 -31.67 10.47 2.88
C MET F 330 -32.86 10.61 1.91
N TRP F 331 -33.06 9.60 1.05
CA TRP F 331 -34.03 9.66 -0.03
C TRP F 331 -35.20 8.73 0.26
N ARG F 332 -36.44 9.26 0.23
CA ARG F 332 -37.59 8.48 0.67
C ARG F 332 -38.47 8.03 -0.50
N GLU F 333 -39.28 8.93 -1.07
CA GLU F 333 -40.35 8.52 -1.99
C GLU F 333 -39.94 8.75 -3.44
N GLN F 334 -39.01 9.67 -3.71
CA GLN F 334 -38.56 9.96 -5.06
C GLN F 334 -37.83 8.73 -5.62
N ARG F 335 -37.13 8.01 -4.73
CA ARG F 335 -36.37 6.80 -5.01
C ARG F 335 -37.14 5.85 -5.91
N TYR F 336 -38.46 5.76 -5.74
CA TYR F 336 -39.29 4.93 -6.60
C TYR F 336 -39.71 5.70 -7.86
N ARG F 337 -40.10 6.96 -7.73
CA ARG F 337 -40.75 7.65 -8.82
C ARG F 337 -39.81 7.81 -10.02
N VAL F 338 -38.51 8.01 -9.79
CA VAL F 338 -37.59 8.24 -10.90
C VAL F 338 -37.58 7.03 -11.82
N ALA F 339 -37.76 5.84 -11.25
CA ALA F 339 -37.79 4.62 -12.04
C ALA F 339 -39.18 4.38 -12.61
N GLU F 340 -40.23 4.67 -11.85
CA GLU F 340 -41.57 4.19 -12.14
C GLU F 340 -42.03 4.59 -13.54
N GLY F 341 -41.53 5.71 -14.05
CA GLY F 341 -41.97 6.17 -15.36
C GLY F 341 -41.81 5.15 -16.48
N MET F 342 -40.81 4.27 -16.42
CA MET F 342 -40.65 3.27 -17.47
C MET F 342 -41.68 2.15 -17.34
N TRP F 343 -42.36 2.02 -16.17
CA TRP F 343 -43.41 1.03 -15.94
C TRP F 343 -44.84 1.62 -16.08
N ASP F 344 -45.04 2.89 -15.67
CA ASP F 344 -46.22 3.68 -16.02
C ASP F 344 -45.81 5.11 -16.31
N GLU F 345 -45.95 5.52 -17.58
CA GLU F 345 -45.48 6.80 -18.05
C GLU F 345 -46.09 7.96 -17.25
N THR F 346 -47.30 7.75 -16.69
CA THR F 346 -48.00 8.75 -15.89
C THR F 346 -47.11 9.37 -14.80
N ALA F 347 -46.20 8.53 -14.27
CA ALA F 347 -45.35 8.87 -13.14
C ALA F 347 -44.14 9.71 -13.51
N ALA F 348 -43.78 9.73 -14.81
CA ALA F 348 -42.52 10.30 -15.26
C ALA F 348 -42.41 11.79 -14.97
N TYR F 349 -41.18 12.23 -14.64
CA TYR F 349 -40.88 13.64 -14.59
C TYR F 349 -40.72 14.23 -15.99
N PRO F 350 -41.01 15.54 -16.20
CA PRO F 350 -40.68 16.20 -17.47
C PRO F 350 -39.18 16.26 -17.71
N SER F 351 -38.78 16.19 -19.00
CA SER F 351 -37.38 16.25 -19.37
C SER F 351 -36.76 17.63 -19.08
N LEU F 352 -35.46 17.69 -18.79
CA LEU F 352 -34.75 18.96 -18.67
C LEU F 352 -34.43 19.54 -20.05
N ASN F 353 -34.08 18.70 -21.03
CA ASN F 353 -34.05 19.11 -22.44
C ASN F 353 -35.51 19.24 -22.91
N PRO F 354 -36.02 20.43 -23.30
CA PRO F 354 -37.43 20.58 -23.67
C PRO F 354 -37.83 19.89 -24.98
N ASP F 355 -36.85 19.48 -25.80
CA ASP F 355 -37.10 18.78 -27.05
C ASP F 355 -37.10 17.25 -26.87
N GLU F 356 -36.59 16.75 -25.73
CA GLU F 356 -36.59 15.31 -25.43
C GLU F 356 -38.00 14.88 -24.98
N ALA F 357 -38.85 14.59 -26.00
CA ALA F 357 -40.27 14.33 -25.83
C ALA F 357 -40.58 13.22 -24.83
N ALA F 358 -41.70 13.39 -24.12
CA ALA F 358 -42.14 12.50 -23.06
C ALA F 358 -42.41 11.10 -23.58
N ILE F 359 -42.21 10.09 -22.71
CA ILE F 359 -42.42 8.71 -23.10
C ILE F 359 -43.90 8.37 -23.25
N THR F 360 -44.23 7.68 -24.36
CA THR F 360 -45.59 7.23 -24.63
C THR F 360 -45.89 5.96 -23.85
N LYS F 361 -47.19 5.63 -23.74
CA LYS F 361 -47.64 4.40 -23.12
C LYS F 361 -46.97 3.21 -23.81
N ALA F 362 -46.89 3.23 -25.15
CA ALA F 362 -46.31 2.17 -25.96
C ALA F 362 -44.82 1.97 -25.69
N GLN F 363 -44.13 2.91 -25.04
CA GLN F 363 -42.70 2.77 -24.76
C GLN F 363 -42.42 2.42 -23.30
N THR F 364 -43.45 2.09 -22.51
CA THR F 364 -43.29 1.52 -21.17
C THR F 364 -42.97 0.03 -21.27
N ILE F 365 -42.28 -0.51 -20.24
CA ILE F 365 -41.75 -1.87 -20.32
C ILE F 365 -42.88 -2.87 -20.52
N PRO F 366 -44.00 -2.84 -19.79
CA PRO F 366 -45.10 -3.80 -20.04
C PRO F 366 -45.70 -3.70 -21.43
N ALA F 367 -45.79 -2.50 -22.01
CA ALA F 367 -46.26 -2.36 -23.37
C ALA F 367 -45.28 -2.97 -24.36
N LEU F 368 -43.97 -2.78 -24.16
CA LEU F 368 -42.95 -3.41 -24.99
C LEU F 368 -43.13 -4.92 -24.95
N ILE F 369 -43.22 -5.45 -23.73
CA ILE F 369 -43.29 -6.89 -23.51
C ILE F 369 -44.51 -7.43 -24.22
N LYS F 370 -45.68 -6.82 -23.98
CA LYS F 370 -46.93 -7.32 -24.52
C LYS F 370 -46.95 -7.24 -26.06
N ALA F 371 -46.44 -6.15 -26.63
CA ALA F 371 -46.32 -6.01 -28.08
C ALA F 371 -45.36 -7.04 -28.67
N ALA F 372 -44.20 -7.24 -28.02
CA ALA F 372 -43.18 -8.17 -28.47
C ALA F 372 -43.75 -9.59 -28.54
N LEU F 373 -44.37 -10.06 -27.44
CA LEU F 373 -44.96 -11.38 -27.39
C LEU F 373 -46.13 -11.48 -28.35
N ASP F 374 -46.89 -10.40 -28.57
CA ASP F 374 -47.99 -10.49 -29.53
C ASP F 374 -47.49 -10.56 -30.98
N GLY F 375 -46.22 -10.25 -31.24
CA GLY F 375 -45.61 -10.46 -32.55
C GLY F 375 -45.16 -11.90 -32.82
N VAL F 376 -45.47 -12.83 -31.90
CA VAL F 376 -45.01 -14.21 -31.96
C VAL F 376 -46.22 -15.16 -32.00
N ASP F 377 -46.01 -16.32 -32.65
CA ASP F 377 -46.99 -17.40 -32.77
C ASP F 377 -47.57 -17.78 -31.39
N VAL F 378 -48.90 -17.90 -31.32
CA VAL F 378 -49.63 -18.09 -30.07
C VAL F 378 -49.15 -19.36 -29.36
N ASP F 379 -48.82 -20.40 -30.15
CA ASP F 379 -48.40 -21.72 -29.67
C ASP F 379 -47.05 -21.67 -28.91
N LEU F 380 -46.21 -20.67 -29.22
CA LEU F 380 -44.85 -20.58 -28.70
C LEU F 380 -44.80 -19.74 -27.41
N ARG F 381 -45.85 -18.97 -27.11
CA ARG F 381 -45.79 -17.92 -26.10
C ARG F 381 -45.47 -18.49 -24.71
N PRO F 382 -46.08 -19.63 -24.26
CA PRO F 382 -45.77 -20.20 -22.95
C PRO F 382 -44.32 -20.60 -22.79
N ASN F 383 -43.73 -21.18 -23.85
CA ASN F 383 -42.35 -21.63 -23.89
C ASN F 383 -41.40 -20.44 -23.68
N LEU F 384 -41.65 -19.34 -24.39
CA LEU F 384 -40.90 -18.10 -24.21
C LEU F 384 -41.04 -17.59 -22.78
N LEU F 385 -42.28 -17.50 -22.28
CA LEU F 385 -42.51 -16.95 -20.96
C LEU F 385 -41.88 -17.81 -19.85
N GLY F 386 -41.76 -19.12 -20.08
CA GLY F 386 -41.06 -19.98 -19.14
C GLY F 386 -39.55 -19.75 -19.12
N ASN F 387 -39.01 -19.06 -20.14
CA ASN F 387 -37.58 -18.94 -20.38
C ASN F 387 -37.18 -17.45 -20.46
N VAL F 388 -37.64 -16.62 -19.53
CA VAL F 388 -37.33 -15.20 -19.56
C VAL F 388 -35.88 -14.97 -19.20
N VAL F 389 -35.16 -14.25 -20.06
CA VAL F 389 -33.77 -13.85 -19.85
C VAL F 389 -33.68 -12.35 -19.69
N VAL F 390 -33.09 -11.91 -18.60
CA VAL F 390 -32.92 -10.49 -18.39
C VAL F 390 -31.47 -10.11 -18.61
N THR F 391 -31.25 -8.89 -19.11
CA THR F 391 -29.96 -8.50 -19.66
C THR F 391 -29.77 -7.00 -19.51
N GLY F 392 -28.50 -6.57 -19.48
CA GLY F 392 -28.20 -5.16 -19.50
C GLY F 392 -28.09 -4.58 -18.10
N SER F 393 -27.25 -3.59 -17.91
CA SER F 393 -27.00 -3.06 -16.59
C SER F 393 -28.22 -2.37 -15.95
N THR F 394 -29.17 -1.84 -16.72
CA THR F 394 -30.32 -1.22 -16.08
C THR F 394 -31.21 -2.25 -15.37
N SER F 395 -31.13 -3.51 -15.76
CA SER F 395 -31.78 -4.55 -14.99
C SER F 395 -31.20 -4.76 -13.58
N LEU F 396 -30.11 -4.10 -13.22
CA LEU F 396 -29.53 -4.23 -11.89
C LEU F 396 -30.13 -3.24 -10.90
N LEU F 397 -31.23 -2.58 -11.27
CA LEU F 397 -32.00 -1.83 -10.30
C LEU F 397 -32.56 -2.78 -9.23
N ASN F 398 -32.48 -2.42 -7.92
CA ASN F 398 -33.10 -3.25 -6.88
C ASN F 398 -34.58 -3.46 -7.22
N GLY F 399 -35.03 -4.71 -7.18
CA GLY F 399 -36.44 -4.95 -7.39
C GLY F 399 -36.82 -5.09 -8.86
N PHE F 400 -35.90 -5.01 -9.84
CA PHE F 400 -36.31 -5.05 -11.25
C PHE F 400 -36.90 -6.43 -11.63
N ASN F 401 -36.27 -7.51 -11.16
CA ASN F 401 -36.80 -8.83 -11.41
C ASN F 401 -38.13 -9.01 -10.65
N ASP F 402 -38.26 -8.46 -9.44
CA ASP F 402 -39.51 -8.57 -8.70
C ASP F 402 -40.63 -8.01 -9.55
N ARG F 403 -40.47 -6.74 -9.96
CA ARG F 403 -41.53 -6.04 -10.65
C ARG F 403 -41.82 -6.75 -11.97
N LEU F 404 -40.81 -7.15 -12.71
CA LEU F 404 -41.01 -7.81 -13.98
C LEU F 404 -41.74 -9.13 -13.80
N ASN F 405 -41.47 -9.87 -12.72
CA ASN F 405 -42.18 -11.10 -12.40
C ASN F 405 -43.66 -10.80 -12.12
N HIS F 406 -43.94 -9.75 -11.34
CA HIS F 406 -45.29 -9.36 -11.03
C HIS F 406 -46.03 -8.99 -12.31
N GLU F 407 -45.43 -8.10 -13.11
CA GLU F 407 -46.06 -7.55 -14.31
C GLU F 407 -46.32 -8.67 -15.31
N LEU F 408 -45.37 -9.58 -15.50
CA LEU F 408 -45.60 -10.70 -16.40
C LEU F 408 -46.72 -11.59 -15.88
N THR F 409 -46.75 -11.85 -14.57
CA THR F 409 -47.81 -12.66 -13.98
C THR F 409 -49.18 -12.03 -14.24
N ASN F 410 -49.31 -10.73 -13.96
CA ASN F 410 -50.62 -10.08 -14.01
C ASN F 410 -51.06 -9.85 -15.46
N MET F 411 -50.13 -9.72 -16.43
CA MET F 411 -50.49 -9.53 -17.84
C MET F 411 -50.61 -10.85 -18.61
N TYR F 412 -50.06 -11.95 -18.06
CA TYR F 412 -50.27 -13.31 -18.57
C TYR F 412 -50.63 -14.26 -17.42
N PRO F 413 -51.87 -14.21 -16.90
CA PRO F 413 -52.31 -15.13 -15.84
C PRO F 413 -52.45 -16.55 -16.36
N GLY F 414 -52.31 -17.52 -15.45
CA GLY F 414 -52.46 -18.92 -15.77
C GLY F 414 -51.26 -19.54 -16.50
N LEU F 415 -50.14 -18.81 -16.53
CA LEU F 415 -48.88 -19.32 -17.09
C LEU F 415 -47.75 -19.19 -16.06
N LYS F 416 -46.85 -20.19 -16.10
CA LYS F 416 -45.64 -20.22 -15.28
C LYS F 416 -44.69 -19.12 -15.73
N ILE F 417 -43.95 -18.53 -14.78
CA ILE F 417 -42.93 -17.53 -15.07
C ILE F 417 -41.65 -17.90 -14.30
N LYS F 418 -40.52 -17.77 -15.01
CA LYS F 418 -39.21 -17.97 -14.43
C LYS F 418 -38.19 -17.05 -15.10
N LEU F 419 -37.66 -16.12 -14.32
CA LEU F 419 -36.64 -15.19 -14.77
C LEU F 419 -35.26 -15.81 -14.58
N HIS F 420 -34.37 -15.54 -15.55
CA HIS F 420 -32.97 -15.90 -15.51
C HIS F 420 -32.15 -14.67 -15.80
N ALA F 421 -31.04 -14.52 -15.09
CA ALA F 421 -30.03 -13.59 -15.52
C ALA F 421 -29.18 -14.21 -16.64
N ALA F 422 -28.84 -13.43 -17.68
CA ALA F 422 -27.70 -13.72 -18.55
C ALA F 422 -26.38 -13.63 -17.76
N GLY F 423 -25.52 -14.64 -17.89
CA GLY F 423 -24.21 -14.67 -17.26
C GLY F 423 -23.90 -16.02 -16.61
N LEU F 424 -22.62 -16.15 -16.23
CA LEU F 424 -22.11 -17.31 -15.51
C LEU F 424 -21.79 -16.98 -14.04
N THR F 425 -22.16 -15.79 -13.58
CA THR F 425 -21.61 -15.16 -12.39
C THR F 425 -22.61 -14.10 -11.87
N SER F 426 -22.40 -13.62 -10.64
CA SER F 426 -23.06 -12.45 -10.11
C SER F 426 -23.07 -11.25 -11.09
N GLU F 427 -21.94 -11.02 -11.79
CA GLU F 427 -21.75 -9.97 -12.78
C GLU F 427 -22.59 -10.25 -14.02
N ARG F 428 -23.84 -9.75 -13.98
CA ARG F 428 -24.80 -9.85 -15.06
C ARG F 428 -24.71 -8.67 -16.05
N ARG F 429 -23.69 -7.81 -15.89
CA ARG F 429 -23.32 -6.72 -16.79
C ARG F 429 -22.94 -7.14 -18.22
N PHE F 430 -22.25 -8.27 -18.37
CA PHE F 430 -21.60 -8.61 -19.62
C PHE F 430 -22.39 -9.63 -20.46
N GLY F 431 -23.69 -9.73 -20.27
CA GLY F 431 -24.45 -10.82 -20.86
C GLY F 431 -24.34 -11.00 -22.38
N ALA F 432 -24.34 -9.92 -23.15
CA ALA F 432 -24.22 -10.03 -24.60
C ALA F 432 -22.85 -10.59 -24.93
N TRP F 433 -21.79 -10.01 -24.33
CA TRP F 433 -20.42 -10.43 -24.61
C TRP F 433 -20.24 -11.91 -24.28
N ILE F 434 -20.61 -12.31 -23.07
CA ILE F 434 -20.39 -13.68 -22.64
C ILE F 434 -21.05 -14.65 -23.61
N GLY F 435 -22.18 -14.26 -24.16
CA GLY F 435 -22.81 -15.11 -25.16
C GLY F 435 -21.92 -15.33 -26.37
N GLY F 436 -21.26 -14.26 -26.83
CA GLY F 436 -20.33 -14.36 -27.93
C GLY F 436 -19.15 -15.23 -27.58
N SER F 437 -18.63 -15.02 -26.39
CA SER F 437 -17.49 -15.79 -25.93
C SER F 437 -17.83 -17.27 -26.02
N ILE F 438 -19.02 -17.64 -25.55
CA ILE F 438 -19.46 -19.02 -25.59
C ILE F 438 -19.67 -19.46 -27.03
N LEU F 439 -20.36 -18.67 -27.85
CA LEU F 439 -20.64 -19.04 -29.24
C LEU F 439 -19.38 -19.33 -30.05
N ALA F 440 -18.42 -18.43 -30.01
CA ALA F 440 -17.20 -18.64 -30.77
C ALA F 440 -16.33 -19.78 -30.23
N SER F 441 -16.64 -20.34 -29.04
CA SER F 441 -15.89 -21.46 -28.46
C SER F 441 -16.49 -22.81 -28.80
N LEU F 442 -17.71 -22.81 -29.34
CA LEU F 442 -18.34 -24.08 -29.73
C LEU F 442 -17.69 -24.60 -31.02
N GLY F 443 -17.29 -25.85 -30.99
CA GLY F 443 -16.59 -26.33 -32.14
C GLY F 443 -17.49 -26.37 -33.35
N THR F 444 -18.80 -26.58 -33.13
CA THR F 444 -19.75 -26.63 -34.24
C THR F 444 -19.84 -25.28 -34.94
N PHE F 445 -19.55 -24.18 -34.23
CA PHE F 445 -19.74 -22.86 -34.80
C PHE F 445 -18.78 -22.56 -35.94
N HIS F 446 -17.55 -23.08 -35.93
CA HIS F 446 -16.55 -22.54 -36.84
C HIS F 446 -16.90 -22.78 -38.30
N GLN F 447 -17.94 -23.57 -38.61
CA GLN F 447 -18.38 -23.67 -39.99
C GLN F 447 -19.11 -22.43 -40.52
N MET F 448 -19.40 -21.44 -39.65
CA MET F 448 -20.35 -20.39 -39.96
C MET F 448 -19.68 -19.14 -40.50
N TRP F 449 -18.46 -18.85 -40.01
CA TRP F 449 -17.79 -17.58 -40.32
C TRP F 449 -17.83 -17.23 -41.82
N ILE F 450 -17.91 -15.92 -42.06
CA ILE F 450 -17.67 -15.35 -43.36
C ILE F 450 -16.17 -15.39 -43.52
N SER F 451 -15.71 -16.20 -44.45
CA SER F 451 -14.29 -16.35 -44.74
C SER F 451 -13.77 -15.06 -45.38
N ARG F 452 -12.53 -14.63 -45.07
CA ARG F 452 -11.81 -13.58 -45.80
C ARG F 452 -12.01 -13.78 -47.29
N LYS F 453 -11.80 -15.03 -47.76
CA LYS F 453 -11.93 -15.45 -49.15
C LYS F 453 -13.38 -15.36 -49.67
N GLU F 454 -14.41 -15.49 -48.82
CA GLU F 454 -15.80 -15.26 -49.23
C GLU F 454 -16.07 -13.76 -49.43
N TYR F 455 -15.61 -12.93 -48.48
CA TYR F 455 -15.77 -11.50 -48.59
C TYR F 455 -15.12 -10.97 -49.88
N GLU F 456 -13.85 -11.31 -50.09
CA GLU F 456 -13.11 -10.81 -51.24
C GLU F 456 -13.58 -11.42 -52.55
N GLU F 457 -14.60 -12.31 -52.51
CA GLU F 457 -15.25 -12.79 -53.73
C GLU F 457 -16.70 -12.26 -53.90
N ASN F 458 -17.38 -11.82 -52.83
CA ASN F 458 -18.82 -11.49 -52.91
C ASN F 458 -19.15 -10.07 -52.40
N GLY F 459 -18.36 -9.49 -51.49
CA GLY F 459 -18.48 -8.08 -51.09
C GLY F 459 -19.55 -7.74 -50.04
N ALA F 460 -20.74 -8.35 -50.16
CA ALA F 460 -21.85 -8.16 -49.20
C ALA F 460 -22.56 -9.48 -48.83
N GLY F 461 -21.73 -10.49 -48.46
CA GLY F 461 -22.14 -11.77 -47.91
C GLY F 461 -22.97 -11.61 -46.64
N ILE F 462 -22.74 -10.48 -45.94
CA ILE F 462 -23.18 -10.21 -44.56
C ILE F 462 -24.71 -10.18 -44.44
N VAL F 463 -25.42 -9.83 -45.51
CA VAL F 463 -26.88 -9.77 -45.49
C VAL F 463 -27.45 -11.18 -45.56
N GLU F 464 -27.02 -11.94 -46.59
CA GLU F 464 -27.74 -13.14 -46.98
C GLU F 464 -27.26 -14.35 -46.21
N LYS F 465 -25.95 -14.42 -45.89
CA LYS F 465 -25.41 -15.52 -45.09
C LYS F 465 -25.72 -15.20 -43.62
N ARG F 466 -27.04 -15.11 -43.29
CA ARG F 466 -27.59 -14.86 -41.94
C ARG F 466 -29.03 -15.39 -41.83
N LYS G 148 7.02 -34.42 5.89
CA LYS G 148 6.24 -33.63 4.89
C LYS G 148 6.07 -34.44 3.59
N ALA G 149 7.06 -34.39 2.68
CA ALA G 149 7.08 -35.24 1.49
C ALA G 149 7.26 -36.72 1.88
N ASN G 150 6.55 -37.63 1.18
CA ASN G 150 6.25 -38.99 1.61
C ASN G 150 6.02 -39.91 0.40
N GLN G 151 5.14 -40.93 0.52
CA GLN G 151 4.69 -41.74 -0.63
C GLN G 151 3.16 -41.84 -0.70
N GLY G 152 2.64 -42.08 -1.91
CA GLY G 152 1.21 -42.32 -2.11
C GLY G 152 0.54 -41.12 -2.78
N ALA G 153 -0.72 -40.83 -2.45
CA ALA G 153 -1.36 -39.59 -2.90
C ALA G 153 -0.71 -38.39 -2.19
N ILE G 154 -1.20 -37.17 -2.48
CA ILE G 154 -0.74 -35.91 -1.88
C ILE G 154 0.66 -35.55 -2.39
N ASN G 155 1.42 -36.50 -2.96
CA ASN G 155 2.71 -36.22 -3.60
C ASN G 155 2.72 -36.79 -5.02
N ALA G 156 1.53 -36.95 -5.65
CA ALA G 156 1.42 -37.64 -6.94
C ALA G 156 2.30 -36.99 -8.00
N GLY G 157 2.19 -35.67 -8.15
CA GLY G 157 2.94 -34.90 -9.11
C GLY G 157 4.43 -34.86 -8.80
N LEU G 158 4.80 -34.63 -7.53
CA LEU G 158 6.20 -34.56 -7.15
C LEU G 158 6.92 -35.92 -7.27
N ARG G 159 6.19 -37.05 -7.32
CA ARG G 159 6.78 -38.34 -7.67
C ARG G 159 6.85 -38.54 -9.18
N ALA G 160 5.80 -38.10 -9.88
CA ALA G 160 5.59 -38.45 -11.28
C ALA G 160 6.36 -37.56 -12.26
N LEU G 161 6.83 -36.38 -11.86
CA LEU G 161 7.52 -35.49 -12.80
C LEU G 161 8.85 -36.08 -13.30
N ASP G 162 9.25 -35.68 -14.51
CA ASP G 162 10.14 -36.48 -15.34
C ASP G 162 11.56 -36.41 -14.82
N ARG G 163 12.04 -35.18 -14.59
CA ARG G 163 13.33 -34.90 -13.95
C ARG G 163 14.54 -35.46 -14.73
N SER G 164 14.36 -36.00 -15.94
CA SER G 164 15.34 -36.90 -16.56
C SER G 164 15.92 -36.38 -17.88
N GLY G 165 15.82 -35.07 -18.13
CA GLY G 165 16.51 -34.46 -19.27
C GLY G 165 15.87 -34.67 -20.65
N LYS G 166 15.12 -35.78 -20.86
CA LYS G 166 14.70 -36.19 -22.21
C LYS G 166 13.88 -35.11 -22.93
N PRO G 167 14.13 -34.85 -24.24
CA PRO G 167 13.35 -33.90 -25.04
C PRO G 167 11.84 -34.14 -25.09
N CYS G 168 11.15 -33.01 -24.89
CA CYS G 168 9.74 -32.80 -25.16
C CYS G 168 9.57 -32.59 -26.66
N ARG G 169 8.38 -32.93 -27.21
CA ARG G 169 8.23 -32.89 -28.66
C ARG G 169 8.20 -31.44 -29.15
N LYS G 170 8.88 -31.13 -30.28
CA LYS G 170 9.12 -29.74 -30.63
C LYS G 170 7.87 -29.14 -31.31
N TRP G 171 7.27 -28.07 -30.77
CA TRP G 171 6.12 -27.44 -31.39
C TRP G 171 6.52 -26.35 -32.38
N THR G 172 5.62 -26.04 -33.35
CA THR G 172 5.87 -25.08 -34.42
C THR G 172 4.56 -24.43 -34.84
N ARG G 173 4.58 -23.15 -35.28
CA ARG G 173 3.34 -22.49 -35.70
C ARG G 173 2.97 -22.91 -37.11
N GLY G 174 2.34 -24.09 -37.22
CA GLY G 174 1.76 -24.58 -38.47
C GLY G 174 0.43 -23.91 -38.83
N THR G 175 -0.33 -24.54 -39.73
CA THR G 175 -1.63 -24.02 -40.14
C THR G 175 -2.62 -25.17 -40.31
N PHE G 176 -3.91 -24.82 -40.38
CA PHE G 176 -4.96 -25.80 -40.53
C PHE G 176 -6.00 -25.34 -41.53
N GLN G 177 -6.42 -26.25 -42.43
CA GLN G 177 -7.45 -25.96 -43.41
C GLN G 177 -8.82 -26.08 -42.74
N MET G 178 -9.55 -24.95 -42.69
CA MET G 178 -10.87 -24.89 -42.10
C MET G 178 -11.93 -24.68 -43.16
N LYS G 179 -12.98 -25.51 -43.09
CA LYS G 179 -13.99 -25.53 -44.13
C LYS G 179 -15.32 -25.02 -43.55
N SER G 180 -15.84 -23.92 -44.10
CA SER G 180 -17.16 -23.40 -43.76
C SER G 180 -18.25 -24.30 -44.34
N PHE G 181 -19.49 -24.19 -43.85
CA PHE G 181 -20.61 -24.97 -44.36
C PHE G 181 -20.99 -24.60 -45.79
N THR G 182 -20.60 -23.40 -46.26
CA THR G 182 -20.66 -23.03 -47.66
C THR G 182 -19.51 -23.59 -48.50
N GLY G 183 -18.74 -24.54 -47.96
CA GLY G 183 -17.72 -25.24 -48.73
C GLY G 183 -16.41 -24.46 -48.87
N VAL G 184 -16.40 -23.15 -48.59
CA VAL G 184 -15.19 -22.35 -48.80
C VAL G 184 -14.20 -22.63 -47.67
N VAL G 185 -12.90 -22.71 -48.04
CA VAL G 185 -11.78 -23.14 -47.20
C VAL G 185 -10.89 -21.96 -46.86
N TRP G 186 -10.50 -21.83 -45.58
CA TRP G 186 -9.67 -20.74 -45.12
C TRP G 186 -8.66 -21.23 -44.10
N GLU G 187 -7.59 -20.46 -43.85
CA GLU G 187 -6.48 -20.94 -43.01
C GLU G 187 -6.38 -20.20 -41.67
N ILE G 188 -6.28 -20.99 -40.60
CA ILE G 188 -5.97 -20.47 -39.27
C ILE G 188 -4.59 -20.96 -38.86
N PRO G 189 -3.72 -20.07 -38.36
CA PRO G 189 -2.51 -20.50 -37.67
C PRO G 189 -2.79 -21.33 -36.44
N ARG G 190 -2.15 -22.52 -36.35
CA ARG G 190 -2.41 -23.54 -35.33
C ARG G 190 -1.14 -24.28 -34.94
N TRP G 191 -0.95 -24.67 -33.67
CA TRP G 191 0.29 -25.34 -33.31
C TRP G 191 0.38 -26.80 -33.79
N THR G 192 1.58 -27.21 -34.22
CA THR G 192 1.82 -28.60 -34.62
C THR G 192 3.14 -29.09 -34.09
N ALA G 193 3.25 -30.43 -33.96
CA ALA G 193 4.50 -31.08 -33.61
C ALA G 193 4.60 -32.38 -34.42
N PRO G 194 5.81 -32.95 -34.66
CA PRO G 194 5.93 -34.21 -35.38
C PRO G 194 5.34 -35.38 -34.59
N PRO G 195 4.85 -36.41 -35.33
CA PRO G 195 4.12 -37.52 -34.74
C PRO G 195 5.01 -38.32 -33.81
N ARG G 196 4.45 -38.72 -32.66
CA ARG G 196 5.17 -39.59 -31.75
C ARG G 196 5.14 -41.01 -32.32
N PRO G 197 6.22 -41.81 -32.14
CA PRO G 197 6.42 -43.01 -32.97
C PRO G 197 5.46 -44.15 -32.66
N LYS G 198 5.46 -45.15 -33.56
CA LYS G 198 4.71 -46.39 -33.42
C LYS G 198 5.13 -47.17 -32.16
N PRO G 199 4.20 -47.87 -31.45
CA PRO G 199 4.57 -48.73 -30.33
C PRO G 199 5.61 -49.82 -30.65
#